data_2K0A
#
_entry.id   2K0A
#
loop_
_entity.id
_entity.type
_entity.pdbx_description
1 polymer 'Pre-mRNA-splicing factor RDS3'
2 non-polymer 'ZINC ION'
#
_entity_poly.entity_id   1
_entity_poly.type   'polypeptide(L)'
_entity_poly.pdbx_seq_one_letter_code
;GGSSRHQFDLIMCLKQPGVQTGLLCEKCDGKCPICDSYVRPKRKVRVCENCSFGKQAKNCIICNLNVGVNDAFYCWECCR
LGKDKDGCPRILNLGSNRLDRHFEKKKKV
;
_entity_poly.pdbx_strand_id   A
#
loop_
_chem_comp.id
_chem_comp.type
_chem_comp.name
_chem_comp.formula
ZN non-polymer 'ZINC ION' 'Zn 2'
#
# COMPACT_ATOMS: atom_id res chain seq x y z
N GLY A 1 -11.68 11.88 -18.61
CA GLY A 1 -10.31 12.24 -18.17
C GLY A 1 -9.62 11.10 -17.46
N GLY A 2 -8.38 10.83 -17.83
CA GLY A 2 -7.65 9.72 -17.26
C GLY A 2 -8.05 8.39 -17.87
N SER A 3 -8.11 7.35 -17.04
CA SER A 3 -8.47 6.01 -17.49
C SER A 3 -7.57 5.58 -18.65
N SER A 4 -6.29 5.86 -18.51
CA SER A 4 -5.32 5.60 -19.56
C SER A 4 -3.89 5.72 -19.01
N ARG A 5 -3.10 6.61 -19.59
CA ARG A 5 -1.72 6.80 -19.16
C ARG A 5 -1.62 7.84 -18.05
N HIS A 6 -2.42 7.64 -17.02
CA HIS A 6 -2.40 8.47 -15.82
C HIS A 6 -2.88 7.60 -14.67
N GLN A 7 -2.48 6.34 -14.73
CA GLN A 7 -2.97 5.32 -13.84
C GLN A 7 -2.25 5.38 -12.50
N PHE A 8 -0.96 5.75 -12.55
CA PHE A 8 -0.07 5.73 -11.38
C PHE A 8 0.38 4.30 -11.08
N ASP A 9 -0.42 3.34 -11.53
CA ASP A 9 -0.12 1.92 -11.39
C ASP A 9 -0.02 1.53 -9.93
N LEU A 10 -0.92 2.09 -9.13
CA LEU A 10 -0.99 1.80 -7.71
C LEU A 10 -1.58 0.41 -7.43
N ILE A 11 -1.02 -0.61 -8.07
CA ILE A 11 -1.47 -1.99 -7.85
C ILE A 11 -1.24 -2.37 -6.39
N MET A 12 -2.32 -2.28 -5.64
CA MET A 12 -2.26 -2.58 -4.21
C MET A 12 -3.08 -3.82 -3.87
N CYS A 13 -2.71 -4.43 -2.76
CA CYS A 13 -3.25 -5.71 -2.33
C CYS A 13 -4.78 -5.70 -2.27
N LEU A 14 -5.34 -4.68 -1.61
CA LEU A 14 -6.77 -4.44 -1.60
C LEU A 14 -7.62 -5.64 -1.19
N LYS A 15 -7.19 -6.37 -0.17
CA LYS A 15 -8.03 -7.41 0.41
C LYS A 15 -8.78 -6.89 1.61
N GLN A 16 -9.16 -7.79 2.50
CA GLN A 16 -9.88 -7.42 3.71
C GLN A 16 -8.93 -7.05 4.84
N PRO A 17 -8.91 -5.76 5.24
CA PRO A 17 -8.02 -5.26 6.29
C PRO A 17 -8.25 -5.93 7.64
N GLY A 18 -7.16 -6.23 8.32
CA GLY A 18 -7.24 -6.84 9.64
C GLY A 18 -7.11 -5.81 10.75
N VAL A 19 -6.40 -6.18 11.81
CA VAL A 19 -6.16 -5.28 12.93
C VAL A 19 -4.80 -4.62 12.83
N GLN A 20 -3.85 -5.31 12.20
CA GLN A 20 -2.50 -4.79 12.07
C GLN A 20 -2.45 -3.59 11.13
N THR A 21 -1.91 -2.50 11.62
CA THR A 21 -1.85 -1.25 10.87
C THR A 21 -0.67 -1.26 9.90
N GLY A 22 -0.87 -0.68 8.73
CA GLY A 22 0.20 -0.63 7.74
C GLY A 22 1.28 0.36 8.10
N LEU A 23 2.50 -0.13 8.28
CA LEU A 23 3.63 0.70 8.67
C LEU A 23 4.40 1.22 7.45
N LEU A 24 4.88 2.45 7.57
CA LEU A 24 5.72 3.06 6.56
C LEU A 24 7.14 3.20 7.06
N CYS A 25 8.10 2.88 6.21
CA CYS A 25 9.49 3.17 6.50
C CYS A 25 9.68 4.68 6.35
N GLU A 26 10.63 5.25 7.07
CA GLU A 26 10.85 6.70 7.06
C GLU A 26 11.06 7.23 5.64
N LYS A 27 11.52 6.35 4.77
CA LYS A 27 11.79 6.71 3.37
C LYS A 27 10.49 6.90 2.59
N CYS A 28 9.39 6.30 3.05
CA CYS A 28 8.10 6.52 2.42
C CYS A 28 7.15 7.19 3.41
N ASP A 29 7.73 7.73 4.47
CA ASP A 29 6.95 8.34 5.53
C ASP A 29 6.28 9.62 5.04
N GLY A 30 4.98 9.71 5.29
CA GLY A 30 4.22 10.86 4.84
C GLY A 30 3.48 10.60 3.55
N LYS A 31 3.94 9.62 2.81
CA LYS A 31 3.31 9.26 1.54
C LYS A 31 1.97 8.57 1.78
N CYS A 32 0.97 8.97 1.03
CA CYS A 32 -0.30 8.29 1.04
C CYS A 32 -0.20 7.08 0.11
N PRO A 33 -0.43 5.86 0.63
CA PRO A 33 -0.26 4.63 -0.15
C PRO A 33 -1.05 4.64 -1.46
N ILE A 34 -2.20 5.28 -1.43
CA ILE A 34 -3.12 5.29 -2.56
C ILE A 34 -2.67 6.24 -3.67
N CYS A 35 -2.01 7.34 -3.32
CA CYS A 35 -1.70 8.37 -4.32
C CYS A 35 -0.28 8.94 -4.18
N ASP A 36 0.20 9.06 -2.94
CA ASP A 36 1.52 9.64 -2.66
C ASP A 36 1.57 11.11 -3.07
N SER A 37 1.17 11.99 -2.16
CA SER A 37 1.15 13.40 -2.48
C SER A 37 1.27 14.27 -1.23
N TYR A 38 1.87 13.68 -0.20
CA TYR A 38 2.18 14.36 1.07
C TYR A 38 1.09 15.35 1.47
N VAL A 39 -0.15 14.90 1.46
CA VAL A 39 -1.28 15.75 1.75
C VAL A 39 -2.02 15.25 3.00
N ARG A 40 -2.85 16.13 3.57
CA ARG A 40 -3.53 15.87 4.85
C ARG A 40 -4.09 14.45 4.93
N PRO A 41 -3.77 13.74 6.02
CA PRO A 41 -4.21 12.37 6.26
C PRO A 41 -5.67 12.31 6.71
N LYS A 42 -6.02 11.25 7.44
CA LYS A 42 -7.37 11.10 7.97
C LYS A 42 -7.49 9.86 8.85
N ARG A 43 -7.03 8.72 8.33
CA ARG A 43 -7.24 7.45 9.02
C ARG A 43 -6.11 6.47 8.72
N LYS A 44 -5.64 5.79 9.77
CA LYS A 44 -4.56 4.81 9.64
C LYS A 44 -4.97 3.66 8.73
N VAL A 45 -4.07 3.30 7.84
CA VAL A 45 -4.31 2.23 6.89
C VAL A 45 -4.23 0.86 7.57
N ARG A 46 -5.19 -0.01 7.28
CA ARG A 46 -5.18 -1.33 7.86
C ARG A 46 -4.83 -2.36 6.79
N VAL A 47 -3.77 -3.11 7.02
CA VAL A 47 -3.36 -4.13 6.07
C VAL A 47 -4.19 -5.39 6.26
N CYS A 48 -4.50 -6.05 5.17
CA CYS A 48 -5.33 -7.24 5.21
C CYS A 48 -4.65 -8.31 6.05
N GLU A 49 -5.45 -9.14 6.70
CA GLU A 49 -4.94 -10.20 7.56
C GLU A 49 -3.97 -11.10 6.80
N ASN A 50 -4.23 -11.30 5.51
CA ASN A 50 -3.34 -12.08 4.65
C ASN A 50 -1.91 -11.54 4.70
N CYS A 51 -1.78 -10.23 4.81
CA CYS A 51 -0.48 -9.59 4.93
C CYS A 51 0.00 -9.59 6.38
N SER A 52 -0.93 -9.50 7.33
CA SER A 52 -0.57 -9.44 8.73
C SER A 52 0.03 -10.75 9.18
N PHE A 53 -0.63 -11.84 8.84
CA PHE A 53 -0.10 -13.16 9.15
C PHE A 53 0.65 -13.74 7.96
N GLY A 54 1.22 -12.86 7.13
CA GLY A 54 1.94 -13.32 5.97
C GLY A 54 3.33 -12.73 5.87
N LYS A 55 4.00 -12.61 7.03
CA LYS A 55 5.38 -12.11 7.12
C LYS A 55 5.49 -10.62 6.80
N GLN A 56 4.89 -10.19 5.69
CA GLN A 56 4.94 -8.78 5.29
C GLN A 56 3.95 -7.97 6.10
N ALA A 57 4.25 -7.79 7.36
CA ALA A 57 3.35 -7.13 8.27
C ALA A 57 3.94 -5.84 8.81
N LYS A 58 5.13 -5.95 9.40
CA LYS A 58 5.81 -4.80 9.97
C LYS A 58 6.55 -4.01 8.90
N ASN A 59 7.00 -4.69 7.85
CA ASN A 59 7.75 -4.03 6.78
C ASN A 59 6.88 -3.02 6.07
N CYS A 60 7.49 -1.92 5.66
CA CYS A 60 6.83 -0.81 4.99
C CYS A 60 5.93 -1.29 3.87
N ILE A 61 4.72 -0.77 3.87
CA ILE A 61 3.70 -1.20 2.93
C ILE A 61 3.93 -0.63 1.53
N ILE A 62 4.54 0.55 1.46
CA ILE A 62 4.76 1.22 0.19
C ILE A 62 5.92 0.61 -0.60
N CYS A 63 7.05 0.36 0.05
CA CYS A 63 8.20 -0.20 -0.67
C CYS A 63 8.46 -1.64 -0.27
N ASN A 64 7.48 -2.27 0.41
CA ASN A 64 7.52 -3.68 0.85
C ASN A 64 8.93 -4.27 0.96
N LEU A 65 9.76 -3.66 1.78
CA LEU A 65 11.14 -4.09 1.90
C LEU A 65 11.70 -3.68 3.25
N ASN A 66 11.86 -2.38 3.45
CA ASN A 66 12.35 -1.86 4.72
C ASN A 66 11.24 -1.85 5.75
N VAL A 67 11.55 -2.21 6.98
CA VAL A 67 10.56 -2.28 8.05
C VAL A 67 9.94 -0.91 8.30
N GLY A 68 8.63 -0.89 8.52
CA GLY A 68 7.91 0.35 8.71
C GLY A 68 7.99 0.86 10.13
N VAL A 69 8.03 2.17 10.29
CA VAL A 69 8.12 2.80 11.60
C VAL A 69 6.83 3.53 11.97
N ASN A 70 6.25 4.25 11.00
CA ASN A 70 5.05 5.02 11.27
C ASN A 70 3.88 4.47 10.48
N ASP A 71 2.73 4.33 11.13
CA ASP A 71 1.52 3.87 10.46
C ASP A 71 1.13 4.85 9.36
N ALA A 72 0.79 4.33 8.20
CA ALA A 72 0.36 5.14 7.08
C ALA A 72 -1.06 5.63 7.30
N PHE A 73 -1.35 6.81 6.81
CA PHE A 73 -2.69 7.34 6.85
C PHE A 73 -3.21 7.56 5.44
N TYR A 74 -4.46 7.16 5.21
CA TYR A 74 -5.12 7.50 3.95
C TYR A 74 -5.35 9.00 3.91
N CYS A 75 -4.94 9.64 2.83
CA CYS A 75 -5.10 11.09 2.72
C CYS A 75 -6.57 11.41 2.49
N TRP A 76 -6.99 12.57 2.98
CA TRP A 76 -8.38 13.00 2.90
C TRP A 76 -8.93 12.89 1.48
N GLU A 77 -8.11 13.23 0.50
CA GLU A 77 -8.52 13.21 -0.90
C GLU A 77 -8.92 11.80 -1.34
N CYS A 78 -8.10 10.81 -0.99
CA CYS A 78 -8.41 9.42 -1.33
C CYS A 78 -9.65 8.95 -0.59
N CYS A 79 -9.81 9.40 0.65
CA CYS A 79 -10.97 9.05 1.45
C CYS A 79 -12.24 9.65 0.86
N ARG A 80 -12.14 10.90 0.40
CA ARG A 80 -13.25 11.58 -0.22
C ARG A 80 -13.67 10.86 -1.50
N LEU A 81 -12.69 10.54 -2.33
CA LEU A 81 -12.94 9.82 -3.58
C LEU A 81 -13.47 8.42 -3.31
N GLY A 82 -12.98 7.82 -2.23
CA GLY A 82 -13.40 6.48 -1.88
C GLY A 82 -12.47 5.43 -2.44
N LYS A 83 -11.18 5.70 -2.41
CA LYS A 83 -10.18 4.74 -2.85
C LYS A 83 -9.71 3.90 -1.68
N ASP A 84 -9.73 4.50 -0.50
CA ASP A 84 -9.32 3.84 0.74
C ASP A 84 -10.28 2.72 1.13
N LYS A 85 -11.54 2.86 0.71
CA LYS A 85 -12.57 1.89 1.08
C LYS A 85 -12.34 0.54 0.40
N ASP A 86 -11.39 0.49 -0.51
CA ASP A 86 -11.11 -0.73 -1.25
C ASP A 86 -10.49 -1.79 -0.36
N GLY A 87 -9.44 -1.43 0.38
CA GLY A 87 -8.89 -2.34 1.35
C GLY A 87 -7.40 -2.16 1.61
N CYS A 88 -6.70 -3.29 1.68
CA CYS A 88 -5.28 -3.37 2.03
C CYS A 88 -4.43 -2.48 1.10
N PRO A 89 -3.79 -1.45 1.66
CA PRO A 89 -3.03 -0.48 0.88
C PRO A 89 -1.57 -0.87 0.64
N ARG A 90 -1.28 -2.16 0.64
CA ARG A 90 0.08 -2.60 0.34
C ARG A 90 0.39 -2.46 -1.13
N ILE A 91 1.43 -1.70 -1.43
CA ILE A 91 1.87 -1.51 -2.80
C ILE A 91 2.58 -2.76 -3.30
N LEU A 92 2.00 -3.37 -4.31
CA LEU A 92 2.54 -4.60 -4.88
C LEU A 92 3.34 -4.30 -6.14
N ASN A 93 2.88 -3.27 -6.85
CA ASN A 93 3.45 -2.87 -8.14
C ASN A 93 4.94 -2.59 -8.04
N LEU A 94 5.37 -2.13 -6.87
CA LEU A 94 6.73 -1.69 -6.68
C LEU A 94 7.70 -2.86 -6.57
N GLY A 95 8.32 -3.17 -7.70
CA GLY A 95 9.41 -4.13 -7.70
C GLY A 95 10.73 -3.40 -7.59
N SER A 96 10.81 -2.29 -8.30
CA SER A 96 11.94 -1.39 -8.25
C SER A 96 11.45 0.02 -8.61
N ASN A 97 12.35 1.00 -8.60
CA ASN A 97 11.99 2.38 -8.91
C ASN A 97 10.98 2.93 -7.91
N ARG A 98 11.46 3.15 -6.68
CA ARG A 98 10.62 3.61 -5.56
C ARG A 98 9.72 4.78 -5.93
N LEU A 99 10.20 5.64 -6.82
CA LEU A 99 9.41 6.75 -7.33
C LEU A 99 10.04 7.28 -8.60
N ASP A 100 9.18 7.61 -9.57
CA ASP A 100 9.61 8.10 -10.88
C ASP A 100 10.58 7.11 -11.51
N ARG A 101 11.67 7.60 -12.07
CA ARG A 101 12.67 6.76 -12.70
C ARG A 101 14.06 7.28 -12.34
N HIS A 102 14.28 7.57 -11.06
CA HIS A 102 15.54 8.15 -10.62
C HIS A 102 16.04 7.49 -9.34
N PHE A 103 17.30 7.11 -9.35
CA PHE A 103 17.97 6.72 -8.12
C PHE A 103 18.94 7.84 -7.71
N GLU A 104 19.55 8.44 -8.72
CA GLU A 104 20.36 9.66 -8.57
C GLU A 104 21.38 9.53 -7.43
N LYS A 105 22.37 8.65 -7.66
CA LYS A 105 23.49 8.47 -6.73
C LYS A 105 23.01 8.19 -5.31
N LYS A 106 22.08 7.25 -5.17
CA LYS A 106 21.59 6.86 -3.85
C LYS A 106 21.27 5.37 -3.83
N LYS A 107 22.16 4.59 -4.47
CA LYS A 107 22.04 3.13 -4.55
C LYS A 107 20.86 2.70 -5.42
N LYS A 108 19.67 3.09 -5.01
CA LYS A 108 18.44 2.79 -5.73
C LYS A 108 17.29 3.38 -4.94
N VAL A 109 17.51 3.40 -3.65
CA VAL A 109 16.59 3.99 -2.70
C VAL A 109 17.36 4.35 -1.44
ZN ZN B . -2.79 -7.44 2.01
ZN ZN C . 9.18 2.38 2.40
ZN ZN D . -4.14 9.82 -1.21
N GLY A 1 18.95 -3.18 -0.53
CA GLY A 1 18.12 -2.82 -1.70
C GLY A 1 16.90 -2.03 -1.28
N GLY A 2 16.62 -0.96 -2.02
CA GLY A 2 15.49 -0.12 -1.70
C GLY A 2 15.64 1.28 -2.24
N SER A 3 15.95 1.39 -3.53
CA SER A 3 16.18 2.67 -4.18
C SER A 3 14.88 3.45 -4.37
N SER A 4 14.32 3.93 -3.26
CA SER A 4 13.10 4.74 -3.25
C SER A 4 11.85 3.90 -3.57
N ARG A 5 11.93 3.09 -4.62
CA ARG A 5 10.82 2.26 -5.07
C ARG A 5 9.65 3.14 -5.51
N HIS A 6 9.96 4.10 -6.37
CA HIS A 6 8.93 4.95 -6.95
C HIS A 6 8.21 4.21 -8.06
N GLN A 7 6.88 4.35 -8.09
CA GLN A 7 6.05 3.62 -9.02
C GLN A 7 4.60 4.12 -8.91
N PHE A 8 3.95 4.31 -10.05
CA PHE A 8 2.54 4.70 -10.03
C PHE A 8 1.68 3.46 -10.29
N ASP A 9 2.33 2.42 -10.78
CA ASP A 9 1.68 1.13 -10.94
C ASP A 9 1.49 0.47 -9.58
N LEU A 10 0.74 1.11 -8.71
CA LEU A 10 0.52 0.61 -7.36
C LEU A 10 -0.56 -0.45 -7.37
N ILE A 11 -0.17 -1.67 -7.75
CA ILE A 11 -1.10 -2.79 -7.79
C ILE A 11 -1.29 -3.30 -6.38
N MET A 12 -2.00 -2.51 -5.60
CA MET A 12 -2.16 -2.77 -4.18
C MET A 12 -3.10 -3.95 -3.93
N CYS A 13 -2.82 -4.63 -2.84
CA CYS A 13 -3.52 -5.85 -2.43
C CYS A 13 -5.05 -5.65 -2.38
N LEU A 14 -5.47 -4.58 -1.71
CA LEU A 14 -6.87 -4.20 -1.59
C LEU A 14 -7.78 -5.34 -1.14
N LYS A 15 -7.25 -6.24 -0.33
CA LYS A 15 -8.07 -7.24 0.33
C LYS A 15 -8.74 -6.67 1.56
N GLN A 16 -9.72 -7.38 2.09
CA GLN A 16 -10.49 -6.93 3.24
C GLN A 16 -9.57 -6.69 4.44
N PRO A 17 -9.43 -5.42 4.84
CA PRO A 17 -8.51 -5.03 5.91
C PRO A 17 -9.02 -5.36 7.31
N GLY A 18 -8.11 -5.80 8.16
CA GLY A 18 -8.45 -6.04 9.54
C GLY A 18 -8.24 -4.81 10.40
N VAL A 19 -7.80 -5.02 11.63
CA VAL A 19 -7.52 -3.92 12.54
C VAL A 19 -6.07 -3.44 12.38
N GLN A 20 -5.22 -4.34 11.91
CA GLN A 20 -3.79 -4.07 11.76
C GLN A 20 -3.54 -2.85 10.87
N THR A 21 -2.81 -1.88 11.42
CA THR A 21 -2.50 -0.65 10.73
C THR A 21 -1.27 -0.81 9.84
N GLY A 22 -1.34 -0.26 8.63
CA GLY A 22 -0.23 -0.37 7.69
C GLY A 22 0.99 0.41 8.12
N LEU A 23 2.14 -0.25 8.10
CA LEU A 23 3.40 0.37 8.53
C LEU A 23 4.11 1.08 7.39
N LEU A 24 4.72 2.20 7.72
CA LEU A 24 5.54 2.96 6.79
C LEU A 24 6.99 2.92 7.24
N CYS A 25 7.89 2.75 6.30
CA CYS A 25 9.31 2.85 6.61
C CYS A 25 9.66 4.32 6.75
N GLU A 26 10.71 4.62 7.50
CA GLU A 26 11.14 5.99 7.74
C GLU A 26 11.29 6.77 6.44
N LYS A 27 11.71 6.08 5.39
CA LYS A 27 11.93 6.70 4.09
C LYS A 27 10.60 7.14 3.44
N CYS A 28 9.51 6.46 3.77
CA CYS A 28 8.18 6.87 3.30
C CYS A 28 7.41 7.51 4.45
N ASP A 29 8.11 8.33 5.22
CA ASP A 29 7.53 8.96 6.40
C ASP A 29 6.44 9.95 6.01
N GLY A 30 5.22 9.69 6.47
CA GLY A 30 4.11 10.60 6.25
C GLY A 30 3.62 10.63 4.82
N LYS A 31 3.49 9.46 4.21
CA LYS A 31 3.01 9.37 2.83
C LYS A 31 1.72 8.54 2.76
N CYS A 32 0.79 8.99 1.94
CA CYS A 32 -0.42 8.24 1.67
C CYS A 32 -0.12 7.12 0.67
N PRO A 33 -0.40 5.87 1.04
CA PRO A 33 -0.08 4.69 0.21
C PRO A 33 -0.84 4.66 -1.11
N ILE A 34 -2.09 5.10 -1.07
CA ILE A 34 -2.97 5.00 -2.24
C ILE A 34 -2.46 5.84 -3.41
N CYS A 35 -1.99 7.05 -3.12
CA CYS A 35 -1.64 7.97 -4.19
C CYS A 35 -0.15 8.35 -4.18
N ASP A 36 0.55 8.02 -3.08
CA ASP A 36 1.97 8.32 -2.93
C ASP A 36 2.21 9.84 -2.91
N SER A 37 2.00 10.43 -1.73
CA SER A 37 2.13 11.87 -1.56
C SER A 37 2.04 12.23 -0.09
N TYR A 38 2.66 13.35 0.30
CA TYR A 38 2.65 13.81 1.69
C TYR A 38 1.44 14.70 1.95
N VAL A 39 0.42 14.55 1.12
CA VAL A 39 -0.80 15.35 1.22
C VAL A 39 -1.58 15.03 2.50
N ARG A 40 -2.37 16.00 2.96
CA ARG A 40 -3.12 15.92 4.21
C ARG A 40 -3.80 14.56 4.40
N PRO A 41 -3.60 13.93 5.57
CA PRO A 41 -4.20 12.64 5.90
C PRO A 41 -5.70 12.76 6.22
N LYS A 42 -6.25 11.71 6.83
CA LYS A 42 -7.67 11.70 7.20
C LYS A 42 -8.00 10.48 8.06
N ARG A 43 -7.46 9.34 7.67
CA ARG A 43 -7.81 8.07 8.32
C ARG A 43 -6.64 7.10 8.27
N LYS A 44 -6.36 6.42 9.38
CA LYS A 44 -5.25 5.48 9.44
C LYS A 44 -5.44 4.32 8.48
N VAL A 45 -4.35 3.93 7.85
CA VAL A 45 -4.33 2.84 6.92
C VAL A 45 -4.50 1.50 7.62
N ARG A 46 -5.37 0.65 7.08
CA ARG A 46 -5.58 -0.67 7.63
C ARG A 46 -5.33 -1.72 6.56
N VAL A 47 -4.49 -2.70 6.88
CA VAL A 47 -4.12 -3.72 5.93
C VAL A 47 -4.89 -5.01 6.18
N CYS A 48 -5.03 -5.82 5.14
CA CYS A 48 -5.73 -7.08 5.25
C CYS A 48 -4.94 -8.02 6.15
N GLU A 49 -5.64 -8.85 6.90
CA GLU A 49 -5.03 -9.76 7.87
C GLU A 49 -4.04 -10.69 7.18
N ASN A 50 -4.31 -10.96 5.89
CA ASN A 50 -3.41 -11.76 5.07
C ASN A 50 -2.02 -11.12 4.98
N CYS A 51 -1.93 -9.80 5.03
CA CYS A 51 -0.63 -9.11 5.01
C CYS A 51 -0.21 -8.67 6.41
N SER A 52 -0.64 -9.38 7.43
CA SER A 52 -0.24 -9.06 8.79
C SER A 52 0.69 -10.14 9.33
N PHE A 53 0.52 -11.35 8.82
CA PHE A 53 1.39 -12.45 9.17
C PHE A 53 2.47 -12.64 8.10
N GLY A 54 3.64 -13.11 8.52
CA GLY A 54 4.71 -13.36 7.57
C GLY A 54 5.67 -12.19 7.46
N LYS A 55 6.65 -12.34 6.56
CA LYS A 55 7.68 -11.33 6.36
C LYS A 55 7.13 -10.07 5.70
N GLN A 56 6.37 -10.25 4.63
CA GLN A 56 5.81 -9.12 3.88
C GLN A 56 4.60 -8.53 4.62
N ALA A 57 4.81 -8.18 5.87
CA ALA A 57 3.74 -7.64 6.70
C ALA A 57 4.22 -6.43 7.49
N LYS A 58 5.33 -6.61 8.22
CA LYS A 58 5.89 -5.54 9.03
C LYS A 58 6.68 -4.57 8.16
N ASN A 59 7.04 -5.01 6.98
CA ASN A 59 7.73 -4.13 6.04
C ASN A 59 6.80 -3.03 5.57
N CYS A 60 7.38 -1.90 5.25
CA CYS A 60 6.66 -0.73 4.75
C CYS A 60 5.73 -1.10 3.61
N ILE A 61 4.52 -0.57 3.67
CA ILE A 61 3.48 -0.93 2.72
C ILE A 61 3.65 -0.23 1.38
N ILE A 62 4.12 1.01 1.39
CA ILE A 62 4.22 1.81 0.17
C ILE A 62 5.36 1.35 -0.74
N CYS A 63 6.54 1.16 -0.17
CA CYS A 63 7.68 0.75 -0.99
C CYS A 63 7.95 -0.74 -0.83
N ASN A 64 7.11 -1.40 -0.03
CA ASN A 64 7.14 -2.86 0.16
C ASN A 64 8.56 -3.43 0.17
N LEU A 65 9.44 -2.80 0.92
CA LEU A 65 10.84 -3.21 0.92
C LEU A 65 11.45 -3.10 2.30
N ASN A 66 11.56 -1.88 2.79
CA ASN A 66 12.14 -1.62 4.10
C ASN A 66 11.12 -1.85 5.19
N VAL A 67 11.54 -2.39 6.33
CA VAL A 67 10.64 -2.61 7.47
C VAL A 67 9.98 -1.30 7.89
N GLY A 68 8.68 -1.34 8.13
CA GLY A 68 7.94 -0.16 8.50
C GLY A 68 7.96 0.12 9.99
N VAL A 69 7.95 1.39 10.34
CA VAL A 69 7.92 1.80 11.75
C VAL A 69 6.74 2.73 12.01
N ASN A 70 6.46 3.59 11.05
CA ASN A 70 5.38 4.55 11.16
C ASN A 70 4.06 3.90 10.77
N ASP A 71 2.96 4.62 10.97
CA ASP A 71 1.66 4.16 10.49
C ASP A 71 1.22 5.02 9.34
N ALA A 72 0.73 4.38 8.30
CA ALA A 72 0.25 5.09 7.12
C ALA A 72 -1.12 5.69 7.36
N PHE A 73 -1.40 6.78 6.67
CA PHE A 73 -2.71 7.39 6.70
C PHE A 73 -3.22 7.55 5.28
N TYR A 74 -4.48 7.21 5.07
CA TYR A 74 -5.12 7.55 3.80
C TYR A 74 -5.35 9.04 3.78
N CYS A 75 -4.86 9.71 2.75
CA CYS A 75 -5.02 11.15 2.67
C CYS A 75 -6.48 11.49 2.46
N TRP A 76 -6.86 12.70 2.82
CA TRP A 76 -8.25 13.14 2.72
C TRP A 76 -8.82 12.86 1.33
N GLU A 77 -8.02 13.09 0.30
CA GLU A 77 -8.47 12.85 -1.08
C GLU A 77 -8.89 11.40 -1.29
N CYS A 78 -8.00 10.47 -0.92
CA CYS A 78 -8.27 9.06 -1.11
C CYS A 78 -9.46 8.60 -0.27
N CYS A 79 -9.61 9.15 0.92
CA CYS A 79 -10.78 8.84 1.76
C CYS A 79 -12.04 9.42 1.12
N ARG A 80 -11.93 10.65 0.63
CA ARG A 80 -13.02 11.35 -0.02
C ARG A 80 -13.54 10.57 -1.22
N LEU A 81 -12.61 10.14 -2.07
CA LEU A 81 -12.96 9.38 -3.27
C LEU A 81 -13.39 7.96 -2.92
N GLY A 82 -12.89 7.46 -1.80
CA GLY A 82 -13.25 6.13 -1.36
C GLY A 82 -12.27 5.09 -1.85
N LYS A 83 -10.98 5.37 -1.69
CA LYS A 83 -9.95 4.43 -2.10
C LYS A 83 -9.74 3.40 -1.00
N ASP A 84 -9.85 3.84 0.26
CA ASP A 84 -9.62 3.00 1.43
C ASP A 84 -10.67 1.90 1.55
N LYS A 85 -11.88 2.17 1.05
CA LYS A 85 -12.98 1.21 1.15
C LYS A 85 -12.58 -0.11 0.50
N ASP A 86 -11.73 -0.03 -0.53
CA ASP A 86 -11.26 -1.21 -1.22
C ASP A 86 -10.50 -2.11 -0.26
N GLY A 87 -9.52 -1.53 0.44
CA GLY A 87 -8.92 -2.23 1.54
C GLY A 87 -7.42 -2.05 1.67
N CYS A 88 -6.75 -3.18 1.74
CA CYS A 88 -5.32 -3.29 2.05
C CYS A 88 -4.43 -2.53 1.06
N PRO A 89 -3.81 -1.42 1.49
CA PRO A 89 -2.94 -0.62 0.66
C PRO A 89 -1.47 -1.08 0.67
N ARG A 90 -1.26 -2.39 0.66
CA ARG A 90 0.08 -2.92 0.48
C ARG A 90 0.39 -3.01 -1.00
N ILE A 91 1.52 -2.44 -1.40
CA ILE A 91 1.94 -2.51 -2.80
C ILE A 91 2.61 -3.85 -3.06
N LEU A 92 2.12 -4.56 -4.08
CA LEU A 92 2.54 -5.94 -4.30
C LEU A 92 3.77 -6.02 -5.20
N ASN A 93 3.83 -5.14 -6.19
CA ASN A 93 4.86 -5.23 -7.22
C ASN A 93 6.26 -5.05 -6.65
N LEU A 94 7.12 -6.02 -6.93
CA LEU A 94 8.52 -6.02 -6.50
C LEU A 94 8.66 -5.83 -5.00
N GLY A 95 7.87 -6.57 -4.23
CA GLY A 95 8.02 -6.60 -2.79
C GLY A 95 9.15 -7.53 -2.38
N SER A 96 10.32 -7.28 -2.97
CA SER A 96 11.48 -8.18 -2.88
C SER A 96 11.27 -9.42 -3.74
N ASN A 97 10.07 -9.97 -3.68
CA ASN A 97 9.69 -11.10 -4.50
C ASN A 97 9.63 -10.68 -5.97
N ARG A 98 10.29 -11.45 -6.81
CA ARG A 98 10.26 -11.21 -8.24
C ARG A 98 10.19 -12.55 -8.96
N LEU A 99 9.47 -13.47 -8.34
CA LEU A 99 9.25 -14.80 -8.88
C LEU A 99 7.82 -15.22 -8.54
N ASP A 100 6.87 -14.53 -9.16
CA ASP A 100 5.43 -14.71 -8.86
C ASP A 100 5.07 -16.20 -8.84
N ARG A 101 5.54 -16.91 -9.85
CA ARG A 101 5.37 -18.34 -9.89
C ARG A 101 6.71 -19.03 -9.72
N HIS A 102 6.79 -19.93 -8.77
CA HIS A 102 8.03 -20.62 -8.50
C HIS A 102 8.27 -21.72 -9.51
N PHE A 103 9.41 -21.65 -10.17
CA PHE A 103 9.75 -22.66 -11.16
C PHE A 103 10.06 -23.99 -10.47
N GLU A 104 10.90 -23.93 -9.43
CA GLU A 104 11.30 -25.11 -8.64
C GLU A 104 12.11 -26.09 -9.49
N LYS A 105 11.51 -26.58 -10.56
CA LYS A 105 12.20 -27.39 -11.53
C LYS A 105 12.94 -26.49 -12.53
N LYS A 106 14.16 -26.86 -12.87
CA LYS A 106 15.00 -26.08 -13.78
C LYS A 106 15.26 -24.69 -13.22
N LYS A 107 15.32 -23.68 -14.08
CA LYS A 107 15.54 -22.30 -13.66
C LYS A 107 14.80 -21.33 -14.57
N LYS A 108 14.14 -20.35 -13.96
CA LYS A 108 13.45 -19.31 -14.72
C LYS A 108 14.37 -18.08 -14.84
N VAL A 109 15.66 -18.34 -15.05
CA VAL A 109 16.64 -17.28 -15.17
C VAL A 109 16.64 -16.70 -16.58
ZN ZN B . -3.17 -7.50 1.98
ZN ZN C . 8.87 2.75 2.48
ZN ZN D . -3.97 9.62 -1.06
N GLY A 1 -11.40 -3.81 -19.09
CA GLY A 1 -12.78 -3.63 -18.57
C GLY A 1 -12.78 -3.12 -17.15
N GLY A 2 -13.53 -2.05 -16.91
CA GLY A 2 -13.60 -1.47 -15.59
C GLY A 2 -12.27 -0.88 -15.16
N SER A 3 -11.95 -1.04 -13.87
CA SER A 3 -10.71 -0.54 -13.29
C SER A 3 -10.67 0.99 -13.24
N SER A 4 -10.75 1.62 -14.40
CA SER A 4 -10.69 3.08 -14.52
C SER A 4 -9.47 3.62 -13.78
N ARG A 5 -8.32 3.03 -14.06
CA ARG A 5 -7.11 3.35 -13.32
C ARG A 5 -6.57 4.71 -13.73
N HIS A 6 -6.35 5.54 -12.73
CA HIS A 6 -5.76 6.86 -12.91
C HIS A 6 -4.57 6.97 -11.98
N GLN A 7 -3.62 6.07 -12.19
CA GLN A 7 -2.52 5.86 -11.27
C GLN A 7 -1.26 5.52 -12.02
N PHE A 8 -0.13 5.66 -11.33
CA PHE A 8 1.17 5.26 -11.83
C PHE A 8 1.33 3.74 -11.78
N ASP A 9 0.22 3.06 -12.00
CA ASP A 9 0.15 1.61 -11.93
C ASP A 9 0.51 1.13 -10.53
N LEU A 10 -0.16 1.66 -9.53
CA LEU A 10 0.04 1.26 -8.15
C LEU A 10 -0.82 0.04 -7.86
N ILE A 11 -0.40 -1.11 -8.35
CA ILE A 11 -1.19 -2.32 -8.23
C ILE A 11 -1.23 -2.78 -6.77
N MET A 12 -2.08 -2.12 -6.01
CA MET A 12 -2.18 -2.37 -4.59
C MET A 12 -3.03 -3.60 -4.29
N CYS A 13 -2.72 -4.19 -3.14
CA CYS A 13 -3.30 -5.47 -2.71
C CYS A 13 -4.83 -5.43 -2.69
N LEU A 14 -5.37 -4.44 -1.99
CA LEU A 14 -6.82 -4.23 -1.89
C LEU A 14 -7.61 -5.49 -1.54
N LYS A 15 -7.02 -6.31 -0.67
CA LYS A 15 -7.77 -7.40 -0.04
C LYS A 15 -8.61 -6.86 1.09
N GLN A 16 -9.39 -7.73 1.71
CA GLN A 16 -10.19 -7.34 2.85
C GLN A 16 -9.31 -7.06 4.06
N PRO A 17 -9.30 -5.81 4.54
CA PRO A 17 -8.42 -5.37 5.62
C PRO A 17 -8.68 -6.09 6.94
N GLY A 18 -7.61 -6.32 7.69
CA GLY A 18 -7.72 -6.90 9.01
C GLY A 18 -7.73 -5.82 10.08
N VAL A 19 -7.01 -6.06 11.16
CA VAL A 19 -6.94 -5.10 12.26
C VAL A 19 -5.60 -4.36 12.29
N GLN A 20 -4.57 -4.97 11.71
CA GLN A 20 -3.23 -4.39 11.72
C GLN A 20 -3.15 -3.18 10.79
N THR A 21 -2.46 -2.15 11.24
CA THR A 21 -2.26 -0.94 10.47
C THR A 21 -0.95 -1.02 9.66
N GLY A 22 -1.01 -0.59 8.41
CA GLY A 22 0.15 -0.65 7.54
C GLY A 22 1.28 0.26 7.99
N LEU A 23 2.48 -0.27 8.03
CA LEU A 23 3.64 0.48 8.49
C LEU A 23 4.41 1.09 7.32
N LEU A 24 4.94 2.28 7.54
CA LEU A 24 5.78 2.96 6.57
C LEU A 24 7.19 3.07 7.08
N CYS A 25 8.15 2.88 6.19
CA CYS A 25 9.53 3.16 6.51
C CYS A 25 9.73 4.67 6.39
N GLU A 26 10.70 5.21 7.11
CA GLU A 26 10.93 6.65 7.13
C GLU A 26 11.11 7.22 5.72
N LYS A 27 11.58 6.38 4.80
CA LYS A 27 11.78 6.79 3.41
C LYS A 27 10.47 7.04 2.67
N CYS A 28 9.40 6.34 3.06
CA CYS A 28 8.09 6.54 2.44
C CYS A 28 7.11 7.08 3.47
N ASP A 29 7.64 7.58 4.58
CA ASP A 29 6.83 8.03 5.70
C ASP A 29 5.99 9.25 5.33
N GLY A 30 4.70 9.15 5.56
CA GLY A 30 3.81 10.24 5.28
C GLY A 30 3.08 10.08 3.97
N LYS A 31 3.65 9.28 3.08
CA LYS A 31 3.06 9.02 1.78
C LYS A 31 1.78 8.21 1.92
N CYS A 32 0.69 8.77 1.42
CA CYS A 32 -0.56 8.02 1.30
C CYS A 32 -0.40 6.95 0.23
N PRO A 33 -0.42 5.66 0.63
CA PRO A 33 -0.15 4.53 -0.28
C PRO A 33 -1.05 4.50 -1.50
N ILE A 34 -2.25 5.06 -1.36
CA ILE A 34 -3.24 5.04 -2.42
C ILE A 34 -2.80 5.89 -3.62
N CYS A 35 -2.13 7.01 -3.37
CA CYS A 35 -1.82 7.95 -4.44
C CYS A 35 -0.36 8.40 -4.44
N ASP A 36 0.34 8.16 -3.33
CA ASP A 36 1.71 8.65 -3.12
C ASP A 36 1.69 10.16 -3.01
N SER A 37 1.43 10.64 -1.81
CA SER A 37 1.31 12.07 -1.57
C SER A 37 1.38 12.35 -0.07
N TYR A 38 2.14 13.38 0.31
CA TYR A 38 2.29 13.76 1.70
C TYR A 38 1.15 14.68 2.15
N VAL A 39 0.12 14.77 1.32
CA VAL A 39 -1.01 15.66 1.60
C VAL A 39 -1.79 15.18 2.83
N ARG A 40 -2.56 16.09 3.41
CA ARG A 40 -3.31 15.86 4.64
C ARG A 40 -3.93 14.46 4.70
N PRO A 41 -3.73 13.76 5.83
CA PRO A 41 -4.25 12.40 6.03
C PRO A 41 -5.73 12.39 6.42
N LYS A 42 -6.18 11.28 7.00
CA LYS A 42 -7.57 11.16 7.44
C LYS A 42 -7.77 9.88 8.25
N ARG A 43 -7.35 8.75 7.70
CA ARG A 43 -7.56 7.45 8.35
C ARG A 43 -6.29 6.61 8.32
N LYS A 44 -6.07 5.83 9.37
CA LYS A 44 -4.97 4.89 9.40
C LYS A 44 -5.21 3.76 8.38
N VAL A 45 -4.16 3.35 7.70
CA VAL A 45 -4.28 2.32 6.68
C VAL A 45 -4.47 0.93 7.29
N ARG A 46 -5.50 0.24 6.86
CA ARG A 46 -5.72 -1.12 7.32
C ARG A 46 -5.24 -2.12 6.27
N VAL A 47 -4.21 -2.88 6.61
CA VAL A 47 -3.72 -3.91 5.73
C VAL A 47 -4.53 -5.19 5.92
N CYS A 48 -4.69 -5.93 4.83
CA CYS A 48 -5.51 -7.13 4.84
C CYS A 48 -4.88 -8.21 5.70
N GLU A 49 -5.70 -9.18 6.10
CA GLU A 49 -5.25 -10.31 6.92
C GLU A 49 -3.96 -10.93 6.36
N ASN A 50 -3.90 -11.13 5.04
CA ASN A 50 -2.74 -11.76 4.43
C ASN A 50 -1.47 -10.95 4.64
N CYS A 51 -1.57 -9.64 4.56
CA CYS A 51 -0.44 -8.77 4.82
C CYS A 51 -0.35 -8.39 6.29
N SER A 52 -0.56 -9.37 7.16
CA SER A 52 -0.56 -9.13 8.59
C SER A 52 -0.23 -10.40 9.38
N PHE A 53 -0.74 -11.54 8.93
CA PHE A 53 -0.57 -12.80 9.67
C PHE A 53 0.91 -13.16 9.84
N GLY A 54 1.76 -12.63 8.97
CA GLY A 54 3.18 -12.89 9.06
C GLY A 54 3.99 -12.16 8.02
N LYS A 55 5.20 -11.76 8.43
CA LYS A 55 6.23 -11.07 7.61
C LYS A 55 5.75 -9.82 6.86
N GLN A 56 4.75 -9.95 6.01
CA GLN A 56 4.30 -8.87 5.15
C GLN A 56 3.46 -7.85 5.92
N ALA A 57 3.91 -7.48 7.11
CA ALA A 57 3.20 -6.49 7.93
C ALA A 57 4.16 -5.48 8.51
N LYS A 58 5.28 -5.96 9.04
CA LYS A 58 6.28 -5.10 9.67
C LYS A 58 6.92 -4.18 8.65
N ASN A 59 7.33 -4.74 7.51
CA ASN A 59 8.00 -3.97 6.49
C ASN A 59 7.07 -2.93 5.88
N CYS A 60 7.67 -1.82 5.49
CA CYS A 60 6.97 -0.70 4.91
C CYS A 60 6.07 -1.14 3.74
N ILE A 61 4.81 -0.79 3.84
CA ILE A 61 3.81 -1.23 2.88
C ILE A 61 4.05 -0.67 1.48
N ILE A 62 4.71 0.48 1.40
CA ILE A 62 4.94 1.13 0.12
C ILE A 62 6.13 0.55 -0.64
N CYS A 63 7.21 0.23 0.05
CA CYS A 63 8.38 -0.29 -0.65
C CYS A 63 8.67 -1.75 -0.28
N ASN A 64 7.82 -2.34 0.57
CA ASN A 64 7.94 -3.74 1.04
C ASN A 64 9.39 -4.23 1.09
N LEU A 65 10.23 -3.48 1.77
CA LEU A 65 11.64 -3.79 1.83
C LEU A 65 12.24 -3.17 3.09
N ASN A 66 12.13 -1.86 3.18
CA ASN A 66 12.56 -1.13 4.36
C ASN A 66 11.61 -1.40 5.51
N VAL A 67 12.13 -1.52 6.72
CA VAL A 67 11.31 -1.83 7.89
C VAL A 67 10.36 -0.67 8.19
N GLY A 68 9.10 -1.00 8.42
CA GLY A 68 8.10 0.00 8.72
C GLY A 68 8.21 0.50 10.15
N VAL A 69 8.04 1.80 10.33
CA VAL A 69 8.17 2.40 11.65
C VAL A 69 6.94 3.23 12.00
N ASN A 70 6.39 3.95 11.03
CA ASN A 70 5.24 4.80 11.29
C ASN A 70 4.04 4.36 10.47
N ASP A 71 2.87 4.35 11.09
CA ASP A 71 1.64 3.94 10.43
C ASP A 71 1.30 4.89 9.29
N ALA A 72 0.86 4.34 8.17
CA ALA A 72 0.43 5.15 7.04
C ALA A 72 -0.99 5.64 7.24
N PHE A 73 -1.29 6.78 6.65
CA PHE A 73 -2.63 7.32 6.70
C PHE A 73 -3.13 7.58 5.29
N TYR A 74 -4.36 7.17 5.01
CA TYR A 74 -5.00 7.51 3.76
C TYR A 74 -5.22 9.02 3.72
N CYS A 75 -4.72 9.67 2.69
CA CYS A 75 -4.86 11.11 2.58
C CYS A 75 -6.33 11.47 2.40
N TRP A 76 -6.71 12.64 2.86
CA TRP A 76 -8.10 13.09 2.82
C TRP A 76 -8.68 12.97 1.41
N GLU A 77 -7.86 13.27 0.41
CA GLU A 77 -8.29 13.21 -0.98
C GLU A 77 -8.78 11.80 -1.34
N CYS A 78 -8.01 10.78 -0.97
CA CYS A 78 -8.40 9.40 -1.22
C CYS A 78 -9.55 8.99 -0.31
N CYS A 79 -9.52 9.45 0.94
CA CYS A 79 -10.56 9.13 1.90
C CYS A 79 -11.90 9.72 1.45
N ARG A 80 -11.85 10.89 0.83
CA ARG A 80 -13.03 11.53 0.26
C ARG A 80 -13.61 10.65 -0.85
N LEU A 81 -12.73 10.11 -1.67
CA LEU A 81 -13.13 9.23 -2.76
C LEU A 81 -13.47 7.83 -2.24
N GLY A 82 -13.36 7.66 -0.93
CA GLY A 82 -13.65 6.38 -0.31
C GLY A 82 -12.70 5.29 -0.77
N LYS A 83 -11.46 5.67 -1.07
CA LYS A 83 -10.46 4.71 -1.51
C LYS A 83 -9.92 3.92 -0.33
N ASP A 84 -10.09 4.47 0.87
CA ASP A 84 -9.71 3.77 2.09
C ASP A 84 -10.67 2.61 2.34
N LYS A 85 -11.86 2.71 1.76
CA LYS A 85 -12.85 1.65 1.84
C LYS A 85 -12.48 0.49 0.94
N ASP A 86 -11.69 0.76 -0.10
CA ASP A 86 -11.29 -0.24 -1.09
C ASP A 86 -10.64 -1.42 -0.40
N GLY A 87 -9.57 -1.17 0.34
CA GLY A 87 -8.97 -2.21 1.13
C GLY A 87 -7.51 -2.00 1.45
N CYS A 88 -6.78 -3.11 1.39
CA CYS A 88 -5.38 -3.18 1.78
C CYS A 88 -4.48 -2.33 0.88
N PRO A 89 -3.84 -1.29 1.44
CA PRO A 89 -2.96 -0.38 0.71
C PRO A 89 -1.54 -0.92 0.53
N ARG A 90 -1.41 -2.21 0.27
CA ARG A 90 -0.11 -2.83 0.04
C ARG A 90 0.34 -2.61 -1.39
N ILE A 91 1.49 -1.98 -1.56
CA ILE A 91 2.07 -1.79 -2.89
C ILE A 91 2.72 -3.06 -3.39
N LEU A 92 2.15 -3.65 -4.42
CA LEU A 92 2.62 -4.94 -4.93
C LEU A 92 3.39 -4.77 -6.23
N ASN A 93 3.05 -3.70 -6.95
CA ASN A 93 3.62 -3.45 -8.28
C ASN A 93 5.13 -3.28 -8.24
N LEU A 94 5.66 -2.83 -7.10
CA LEU A 94 7.10 -2.63 -6.97
C LEU A 94 7.85 -3.95 -7.07
N GLY A 95 8.79 -4.01 -7.99
CA GLY A 95 9.59 -5.21 -8.17
C GLY A 95 10.82 -5.22 -7.30
N SER A 96 10.63 -4.99 -6.01
CA SER A 96 11.73 -4.97 -5.05
C SER A 96 12.81 -3.99 -5.49
N ASN A 97 12.41 -2.72 -5.58
CA ASN A 97 13.27 -1.64 -6.09
C ASN A 97 13.39 -1.74 -7.60
N ARG A 98 14.13 -2.74 -8.06
CA ARG A 98 14.24 -3.03 -9.47
C ARG A 98 15.04 -4.31 -9.69
N LEU A 99 16.35 -4.24 -9.49
CA LEU A 99 17.23 -5.39 -9.69
C LEU A 99 18.50 -5.24 -8.88
N ASP A 100 18.73 -6.19 -7.99
CA ASP A 100 19.96 -6.24 -7.22
C ASP A 100 21.08 -6.81 -8.08
N ARG A 101 22.27 -6.22 -7.99
CA ARG A 101 23.41 -6.61 -8.82
C ARG A 101 23.14 -6.28 -10.28
N HIS A 102 23.05 -4.98 -10.56
CA HIS A 102 22.80 -4.48 -11.90
C HIS A 102 23.77 -5.10 -12.90
N PHE A 103 23.23 -5.66 -13.98
CA PHE A 103 24.05 -6.26 -15.03
C PHE A 103 24.79 -5.19 -15.82
N GLU A 104 25.77 -4.58 -15.17
CA GLU A 104 26.55 -3.51 -15.77
C GLU A 104 27.83 -3.28 -14.97
N LYS A 105 28.92 -3.13 -15.69
CA LYS A 105 30.21 -2.75 -15.13
C LYS A 105 31.24 -2.71 -16.25
N LYS A 106 31.24 -3.73 -17.08
CA LYS A 106 32.12 -3.79 -18.24
C LYS A 106 31.35 -3.45 -19.51
N LYS A 107 30.46 -2.48 -19.40
CA LYS A 107 29.62 -2.05 -20.52
C LYS A 107 28.71 -3.20 -20.97
N LYS A 108 27.74 -3.53 -20.12
CA LYS A 108 26.79 -4.63 -20.35
C LYS A 108 27.52 -5.96 -20.35
N VAL A 109 28.54 -6.04 -19.52
CA VAL A 109 29.31 -7.25 -19.31
C VAL A 109 29.72 -7.30 -17.86
ZN ZN B . -2.90 -7.23 1.66
ZN ZN C . 9.32 2.46 2.38
ZN ZN D . -4.10 9.64 -1.26
N GLY A 1 -23.40 -1.92 -20.89
CA GLY A 1 -23.25 -0.85 -19.88
C GLY A 1 -22.33 -1.25 -18.76
N GLY A 2 -21.15 -1.77 -19.11
CA GLY A 2 -20.20 -2.20 -18.11
C GLY A 2 -18.80 -2.29 -18.68
N SER A 3 -17.86 -1.63 -18.02
CA SER A 3 -16.49 -1.55 -18.51
C SER A 3 -15.57 -0.96 -17.45
N SER A 4 -15.75 -1.38 -16.20
CA SER A 4 -14.92 -0.89 -15.10
C SER A 4 -13.64 -1.72 -14.97
N ARG A 5 -13.15 -2.23 -16.09
CA ARG A 5 -11.89 -2.95 -16.10
C ARG A 5 -10.75 -1.98 -16.36
N HIS A 6 -9.80 -1.92 -15.44
CA HIS A 6 -8.65 -1.04 -15.57
C HIS A 6 -7.53 -1.42 -14.62
N GLN A 7 -6.34 -1.54 -15.16
CA GLN A 7 -5.16 -1.80 -14.35
C GLN A 7 -4.75 -0.51 -13.64
N PHE A 8 -4.73 0.58 -14.40
CA PHE A 8 -4.38 1.88 -13.85
C PHE A 8 -3.01 1.78 -13.17
N ASP A 9 -3.00 1.84 -11.85
CA ASP A 9 -1.80 1.60 -11.06
C ASP A 9 -2.16 0.78 -9.85
N LEU A 10 -3.00 -0.23 -10.07
CA LEU A 10 -3.54 -1.04 -8.98
C LEU A 10 -2.54 -2.07 -8.50
N ILE A 11 -1.31 -1.64 -8.27
CA ILE A 11 -0.28 -2.50 -7.73
C ILE A 11 -0.38 -2.45 -6.20
N MET A 12 -1.60 -2.51 -5.74
CA MET A 12 -1.89 -2.61 -4.33
C MET A 12 -2.81 -3.78 -4.05
N CYS A 13 -2.55 -4.41 -2.93
CA CYS A 13 -3.21 -5.64 -2.53
C CYS A 13 -4.73 -5.47 -2.48
N LEU A 14 -5.16 -4.41 -1.79
CA LEU A 14 -6.55 -4.00 -1.71
C LEU A 14 -7.52 -5.12 -1.36
N LYS A 15 -7.12 -5.98 -0.43
CA LYS A 15 -8.07 -6.94 0.13
C LYS A 15 -8.88 -6.27 1.24
N GLN A 16 -9.46 -7.09 2.10
CA GLN A 16 -10.19 -6.57 3.25
C GLN A 16 -9.20 -6.32 4.40
N PRO A 17 -9.14 -5.08 4.90
CA PRO A 17 -8.18 -4.68 5.94
C PRO A 17 -8.34 -5.49 7.22
N GLY A 18 -7.21 -5.97 7.74
CA GLY A 18 -7.22 -6.71 8.97
C GLY A 18 -7.18 -5.80 10.19
N VAL A 19 -6.48 -6.25 11.23
CA VAL A 19 -6.42 -5.50 12.47
C VAL A 19 -5.12 -4.69 12.58
N GLN A 20 -4.06 -5.21 11.95
CA GLN A 20 -2.74 -4.59 12.07
C GLN A 20 -2.61 -3.36 11.16
N THR A 21 -2.02 -2.31 11.72
CA THR A 21 -1.84 -1.05 11.03
C THR A 21 -0.70 -1.14 10.01
N GLY A 22 -0.87 -0.47 8.87
CA GLY A 22 0.17 -0.43 7.86
C GLY A 22 1.25 0.60 8.19
N LEU A 23 2.47 0.13 8.32
CA LEU A 23 3.59 0.98 8.69
C LEU A 23 4.31 1.55 7.46
N LEU A 24 4.83 2.76 7.62
CA LEU A 24 5.64 3.41 6.60
C LEU A 24 7.08 3.51 7.06
N CYS A 25 8.00 3.08 6.22
CA CYS A 25 9.42 3.24 6.48
C CYS A 25 9.76 4.71 6.35
N GLU A 26 10.87 5.14 6.92
CA GLU A 26 11.26 6.53 6.93
C GLU A 26 11.39 7.10 5.52
N LYS A 27 11.65 6.24 4.55
CA LYS A 27 11.78 6.66 3.16
C LYS A 27 10.41 6.99 2.54
N CYS A 28 9.36 6.31 2.98
CA CYS A 28 8.01 6.61 2.49
C CYS A 28 7.20 7.27 3.61
N ASP A 29 7.91 7.89 4.55
CA ASP A 29 7.27 8.44 5.75
C ASP A 29 6.36 9.62 5.41
N GLY A 30 5.13 9.51 5.83
CA GLY A 30 4.17 10.60 5.67
C GLY A 30 3.58 10.69 4.27
N LYS A 31 3.72 9.63 3.49
CA LYS A 31 3.15 9.60 2.15
C LYS A 31 1.87 8.77 2.14
N CYS A 32 0.84 9.29 1.49
CA CYS A 32 -0.38 8.52 1.29
C CYS A 32 -0.11 7.41 0.28
N PRO A 33 -0.24 6.15 0.70
CA PRO A 33 0.09 5.00 -0.15
C PRO A 33 -0.72 4.96 -1.44
N ILE A 34 -1.95 5.45 -1.37
CA ILE A 34 -2.87 5.40 -2.49
C ILE A 34 -2.39 6.27 -3.66
N CYS A 35 -1.99 7.51 -3.37
CA CYS A 35 -1.73 8.47 -4.44
C CYS A 35 -0.30 9.01 -4.40
N ASP A 36 0.45 8.64 -3.34
CA ASP A 36 1.81 9.16 -3.13
C ASP A 36 1.78 10.68 -3.00
N SER A 37 1.34 11.14 -1.84
CA SER A 37 1.18 12.57 -1.61
C SER A 37 1.04 12.84 -0.11
N TYR A 38 1.53 14.00 0.32
CA TYR A 38 1.47 14.39 1.73
C TYR A 38 0.16 15.14 2.02
N VAL A 39 -0.94 14.66 1.48
CA VAL A 39 -2.24 15.27 1.71
C VAL A 39 -2.76 14.93 3.10
N ARG A 40 -3.52 15.86 3.66
CA ARG A 40 -4.12 15.73 4.98
C ARG A 40 -4.55 14.30 5.29
N PRO A 41 -4.00 13.70 6.35
CA PRO A 41 -4.34 12.34 6.74
C PRO A 41 -5.74 12.23 7.33
N LYS A 42 -6.42 11.13 7.06
CA LYS A 42 -7.75 10.89 7.58
C LYS A 42 -7.87 9.50 8.19
N ARG A 43 -8.01 8.50 7.35
CA ARG A 43 -8.17 7.13 7.80
C ARG A 43 -6.82 6.48 8.03
N LYS A 44 -6.65 5.84 9.17
CA LYS A 44 -5.43 5.10 9.44
C LYS A 44 -5.39 3.85 8.58
N VAL A 45 -4.25 3.64 7.95
CA VAL A 45 -4.07 2.52 7.06
C VAL A 45 -3.99 1.21 7.81
N ARG A 46 -4.78 0.25 7.39
CA ARG A 46 -4.73 -1.09 7.95
C ARG A 46 -4.43 -2.09 6.84
N VAL A 47 -3.45 -2.95 7.07
CA VAL A 47 -3.12 -3.97 6.10
C VAL A 47 -4.07 -5.14 6.21
N CYS A 48 -4.40 -5.75 5.09
CA CYS A 48 -5.29 -6.91 5.10
C CYS A 48 -4.63 -8.02 5.89
N GLU A 49 -5.41 -8.73 6.69
CA GLU A 49 -4.86 -9.74 7.57
C GLU A 49 -4.13 -10.84 6.78
N ASN A 50 -4.47 -10.95 5.49
CA ASN A 50 -3.79 -11.89 4.60
C ASN A 50 -2.30 -11.54 4.51
N CYS A 51 -1.98 -10.27 4.63
CA CYS A 51 -0.58 -9.82 4.60
C CYS A 51 0.03 -9.86 6.00
N SER A 52 -0.77 -9.56 7.00
CA SER A 52 -0.25 -9.32 8.35
C SER A 52 -0.23 -10.58 9.22
N PHE A 53 -1.05 -11.58 8.89
CA PHE A 53 -1.22 -12.76 9.74
C PHE A 53 0.12 -13.46 10.00
N GLY A 54 1.01 -13.43 9.02
CA GLY A 54 2.28 -14.08 9.18
C GLY A 54 3.20 -13.84 8.00
N LYS A 55 4.49 -13.64 8.30
CA LYS A 55 5.52 -13.42 7.28
C LYS A 55 5.38 -12.06 6.61
N GLN A 56 6.47 -11.31 6.58
CA GLN A 56 6.51 -9.99 5.95
C GLN A 56 5.49 -9.06 6.61
N ALA A 57 5.30 -9.26 7.91
CA ALA A 57 4.24 -8.57 8.62
C ALA A 57 4.77 -7.35 9.38
N LYS A 58 5.76 -6.68 8.81
CA LYS A 58 6.32 -5.49 9.43
C LYS A 58 6.79 -4.48 8.39
N ASN A 59 7.08 -4.94 7.17
CA ASN A 59 7.61 -4.07 6.13
C ASN A 59 6.63 -2.95 5.76
N CYS A 60 7.21 -1.83 5.36
CA CYS A 60 6.49 -0.65 4.97
C CYS A 60 5.67 -0.89 3.72
N ILE A 61 4.41 -0.49 3.79
CA ILE A 61 3.43 -0.78 2.75
C ILE A 61 3.77 -0.16 1.39
N ILE A 62 4.26 1.08 1.40
CA ILE A 62 4.47 1.82 0.15
C ILE A 62 5.59 1.23 -0.71
N CYS A 63 6.67 0.77 -0.08
CA CYS A 63 7.75 0.15 -0.85
C CYS A 63 7.68 -1.37 -0.76
N ASN A 64 7.11 -1.87 0.34
CA ASN A 64 6.95 -3.30 0.57
C ASN A 64 8.32 -3.97 0.51
N LEU A 65 9.22 -3.49 1.36
CA LEU A 65 10.61 -3.90 1.29
C LEU A 65 11.34 -3.54 2.59
N ASN A 66 11.34 -2.25 2.91
CA ASN A 66 11.96 -1.77 4.14
C ASN A 66 10.97 -1.85 5.28
N VAL A 67 11.44 -2.18 6.49
CA VAL A 67 10.56 -2.32 7.63
C VAL A 67 9.89 -1.00 7.99
N GLY A 68 8.59 -1.06 8.31
CA GLY A 68 7.82 0.13 8.57
C GLY A 68 8.17 0.79 9.89
N VAL A 69 7.98 2.11 9.94
CA VAL A 69 8.31 2.88 11.13
C VAL A 69 7.06 3.57 11.69
N ASN A 70 6.46 4.45 10.88
CA ASN A 70 5.28 5.20 11.32
C ASN A 70 4.05 4.78 10.53
N ASP A 71 2.94 4.63 11.22
CA ASP A 71 1.67 4.20 10.62
C ASP A 71 1.22 5.18 9.54
N ALA A 72 0.75 4.62 8.42
CA ALA A 72 0.26 5.40 7.31
C ALA A 72 -1.18 5.84 7.51
N PHE A 73 -1.57 6.88 6.78
CA PHE A 73 -2.95 7.35 6.76
C PHE A 73 -3.38 7.67 5.34
N TYR A 74 -4.57 7.21 4.97
CA TYR A 74 -5.16 7.57 3.69
C TYR A 74 -5.46 9.06 3.68
N CYS A 75 -4.97 9.75 2.66
CA CYS A 75 -5.11 11.20 2.60
C CYS A 75 -6.56 11.60 2.33
N TRP A 76 -6.88 12.85 2.67
CA TRP A 76 -8.22 13.40 2.56
C TRP A 76 -8.85 13.11 1.19
N GLU A 77 -8.12 13.44 0.13
CA GLU A 77 -8.63 13.28 -1.22
C GLU A 77 -9.00 11.83 -1.52
N CYS A 78 -8.13 10.91 -1.11
CA CYS A 78 -8.39 9.49 -1.31
C CYS A 78 -9.57 9.02 -0.45
N CYS A 79 -9.70 9.58 0.74
CA CYS A 79 -10.84 9.27 1.61
C CYS A 79 -12.14 9.82 1.01
N ARG A 80 -12.03 10.99 0.40
CA ARG A 80 -13.14 11.60 -0.31
C ARG A 80 -13.59 10.70 -1.46
N LEU A 81 -12.63 10.22 -2.23
CA LEU A 81 -12.89 9.30 -3.33
C LEU A 81 -13.39 7.96 -2.79
N GLY A 82 -12.97 7.63 -1.59
CA GLY A 82 -13.31 6.36 -0.99
C GLY A 82 -12.37 5.26 -1.40
N LYS A 83 -11.09 5.61 -1.53
CA LYS A 83 -10.06 4.64 -1.88
C LYS A 83 -9.53 3.96 -0.63
N ASP A 84 -9.89 4.52 0.52
CA ASP A 84 -9.62 3.87 1.80
C ASP A 84 -10.49 2.62 1.91
N LYS A 85 -11.60 2.64 1.18
CA LYS A 85 -12.52 1.52 1.12
C LYS A 85 -11.94 0.38 0.29
N ASP A 86 -11.01 0.72 -0.62
CA ASP A 86 -10.36 -0.28 -1.47
C ASP A 86 -9.68 -1.33 -0.59
N GLY A 87 -8.76 -0.87 0.24
CA GLY A 87 -8.23 -1.74 1.27
C GLY A 87 -6.73 -1.67 1.44
N CYS A 88 -6.14 -2.85 1.56
CA CYS A 88 -4.71 -3.04 1.83
C CYS A 88 -3.83 -2.33 0.79
N PRO A 89 -3.18 -1.23 1.19
CA PRO A 89 -2.36 -0.42 0.28
C PRO A 89 -0.91 -0.89 0.18
N ARG A 90 -0.71 -2.20 0.18
CA ARG A 90 0.63 -2.74 -0.01
C ARG A 90 0.93 -2.94 -1.48
N ILE A 91 2.09 -2.46 -1.90
CA ILE A 91 2.53 -2.58 -3.28
C ILE A 91 2.86 -4.04 -3.61
N LEU A 92 2.16 -4.57 -4.62
CA LEU A 92 2.36 -5.95 -5.06
C LEU A 92 1.55 -6.27 -6.32
N ASN A 93 0.37 -5.65 -6.44
CA ASN A 93 -0.60 -5.92 -7.50
C ASN A 93 -1.07 -7.37 -7.47
N LEU A 94 -2.31 -7.56 -7.00
CA LEU A 94 -2.98 -8.86 -6.88
C LEU A 94 -2.28 -9.84 -5.92
N GLY A 95 -0.96 -9.87 -5.95
CA GLY A 95 -0.20 -10.68 -5.01
C GLY A 95 1.21 -10.96 -5.47
N SER A 96 1.67 -10.19 -6.46
CA SER A 96 3.02 -10.37 -7.01
C SER A 96 3.22 -11.82 -7.49
N ASN A 97 2.30 -12.28 -8.31
CA ASN A 97 2.37 -13.64 -8.84
C ASN A 97 1.67 -13.71 -10.19
N ARG A 98 1.78 -12.61 -10.93
CA ARG A 98 1.27 -12.51 -12.29
C ARG A 98 2.08 -11.47 -13.04
N LEU A 99 2.70 -11.90 -14.13
CA LEU A 99 3.62 -11.03 -14.88
C LEU A 99 4.76 -10.57 -13.97
N ASP A 100 5.34 -11.52 -13.25
CA ASP A 100 6.38 -11.23 -12.28
C ASP A 100 7.35 -12.42 -12.22
N ARG A 101 7.64 -12.92 -11.02
CA ARG A 101 8.39 -14.17 -10.89
C ARG A 101 7.47 -15.34 -11.18
N HIS A 102 7.17 -15.53 -12.44
CA HIS A 102 6.17 -16.49 -12.87
C HIS A 102 6.45 -16.88 -14.31
N PHE A 103 6.35 -18.16 -14.63
CA PHE A 103 6.67 -18.63 -15.97
C PHE A 103 5.76 -17.97 -17.01
N GLU A 104 4.47 -17.84 -16.66
CA GLU A 104 3.50 -17.15 -17.51
C GLU A 104 3.52 -17.72 -18.93
N LYS A 105 3.97 -16.91 -19.89
CA LYS A 105 4.00 -17.33 -21.28
C LYS A 105 5.42 -17.25 -21.85
N LYS A 106 6.07 -16.12 -21.63
CA LYS A 106 7.39 -15.87 -22.20
C LYS A 106 8.49 -16.38 -21.28
N LYS A 107 8.56 -15.81 -20.09
CA LYS A 107 9.61 -16.12 -19.12
C LYS A 107 9.33 -17.43 -18.37
N LYS A 108 9.14 -18.51 -19.10
CA LYS A 108 8.88 -19.81 -18.49
C LYS A 108 10.17 -20.47 -18.00
N VAL A 109 11.00 -19.69 -17.33
CA VAL A 109 12.24 -20.17 -16.75
C VAL A 109 12.41 -19.58 -15.35
ZN ZN B . -2.80 -7.40 1.81
ZN ZN C . 8.85 2.42 2.46
ZN ZN D . -4.07 9.98 -1.27
N GLY A 1 -10.73 -11.24 -1.98
CA GLY A 1 -11.11 -10.05 -2.78
C GLY A 1 -10.12 -9.78 -3.88
N GLY A 2 -9.90 -8.51 -4.19
CA GLY A 2 -8.93 -8.15 -5.21
C GLY A 2 -9.14 -6.74 -5.71
N SER A 3 -10.41 -6.40 -5.94
CA SER A 3 -10.80 -5.08 -6.44
C SER A 3 -10.18 -4.82 -7.82
N SER A 4 -9.78 -3.57 -8.06
CA SER A 4 -9.21 -3.17 -9.33
C SER A 4 -8.66 -1.74 -9.20
N ARG A 5 -8.98 -0.88 -10.16
CA ARG A 5 -8.60 0.54 -10.12
C ARG A 5 -7.09 0.68 -10.05
N HIS A 6 -6.40 0.11 -11.01
CA HIS A 6 -4.95 0.18 -11.03
C HIS A 6 -4.43 0.71 -12.36
N GLN A 7 -3.64 1.77 -12.27
CA GLN A 7 -3.01 2.35 -13.45
C GLN A 7 -1.53 2.01 -13.44
N PHE A 8 -0.85 2.24 -14.57
CA PHE A 8 0.56 1.88 -14.70
C PHE A 8 0.71 0.36 -14.54
N ASP A 9 1.56 -0.08 -13.63
CA ASP A 9 1.64 -1.49 -13.30
C ASP A 9 1.31 -1.68 -11.83
N LEU A 10 0.42 -0.83 -11.33
CA LEU A 10 0.01 -0.88 -9.94
C LEU A 10 -0.78 -2.14 -9.65
N ILE A 11 -0.59 -2.62 -8.44
CA ILE A 11 -0.97 -3.96 -8.07
C ILE A 11 -1.29 -4.03 -6.61
N MET A 12 -2.00 -3.06 -6.11
CA MET A 12 -2.27 -3.04 -4.68
C MET A 12 -3.10 -4.24 -4.27
N CYS A 13 -2.69 -4.81 -3.15
CA CYS A 13 -3.24 -6.05 -2.63
C CYS A 13 -4.77 -6.01 -2.61
N LEU A 14 -5.30 -4.92 -2.07
CA LEU A 14 -6.74 -4.64 -2.05
C LEU A 14 -7.61 -5.85 -1.74
N LYS A 15 -7.18 -6.68 -0.80
CA LYS A 15 -8.05 -7.73 -0.29
C LYS A 15 -9.01 -7.16 0.72
N GLN A 16 -9.56 -8.02 1.55
CA GLN A 16 -10.41 -7.58 2.63
C GLN A 16 -9.54 -7.16 3.81
N PRO A 17 -9.50 -5.85 4.12
CA PRO A 17 -8.63 -5.32 5.16
C PRO A 17 -9.20 -5.51 6.56
N GLY A 18 -8.33 -5.72 7.54
CA GLY A 18 -8.77 -5.89 8.91
C GLY A 18 -8.62 -4.62 9.71
N VAL A 19 -8.24 -4.78 10.97
CA VAL A 19 -8.02 -3.64 11.85
C VAL A 19 -6.54 -3.24 11.85
N GLN A 20 -5.71 -4.17 11.40
CA GLN A 20 -4.26 -3.98 11.39
C GLN A 20 -3.88 -2.84 10.45
N THR A 21 -2.88 -2.06 10.84
CA THR A 21 -2.43 -0.95 10.04
C THR A 21 -1.05 -1.24 9.43
N GLY A 22 -0.95 -1.09 8.12
CA GLY A 22 0.31 -1.34 7.43
C GLY A 22 1.41 -0.37 7.86
N LEU A 23 2.62 -0.89 8.05
CA LEU A 23 3.73 -0.10 8.56
C LEU A 23 4.38 0.79 7.50
N LEU A 24 4.99 1.86 7.97
CA LEU A 24 5.64 2.85 7.14
C LEU A 24 7.09 3.06 7.55
N CYS A 25 8.00 2.95 6.58
CA CYS A 25 9.38 3.30 6.82
C CYS A 25 9.54 4.81 6.70
N GLU A 26 10.47 5.38 7.44
CA GLU A 26 10.67 6.82 7.48
C GLU A 26 10.81 7.44 6.10
N LYS A 27 11.44 6.72 5.18
CA LYS A 27 11.66 7.22 3.83
C LYS A 27 10.35 7.50 3.09
N CYS A 28 9.35 6.65 3.31
CA CYS A 28 8.05 6.84 2.68
C CYS A 28 7.11 7.61 3.58
N ASP A 29 7.46 7.67 4.88
CA ASP A 29 6.57 8.25 5.87
C ASP A 29 6.16 9.66 5.48
N GLY A 30 4.89 9.77 5.14
CA GLY A 30 4.36 11.00 4.60
C GLY A 30 3.50 10.73 3.39
N LYS A 31 3.84 9.68 2.66
CA LYS A 31 3.10 9.26 1.48
C LYS A 31 1.85 8.51 1.87
N CYS A 32 0.73 8.88 1.26
CA CYS A 32 -0.47 8.09 1.34
C CYS A 32 -0.35 6.94 0.34
N PRO A 33 -0.39 5.69 0.81
CA PRO A 33 -0.12 4.50 -0.02
C PRO A 33 -0.99 4.41 -1.27
N ILE A 34 -2.25 4.82 -1.13
CA ILE A 34 -3.21 4.72 -2.23
C ILE A 34 -2.78 5.55 -3.44
N CYS A 35 -2.49 6.83 -3.22
CA CYS A 35 -2.24 7.75 -4.32
C CYS A 35 -0.77 8.11 -4.45
N ASP A 36 -0.01 7.95 -3.36
CA ASP A 36 1.40 8.36 -3.30
C ASP A 36 1.51 9.87 -3.41
N SER A 37 1.34 10.54 -2.28
CA SER A 37 1.36 11.98 -2.21
C SER A 37 1.39 12.43 -0.75
N TYR A 38 2.20 13.45 -0.46
CA TYR A 38 2.33 13.98 0.90
C TYR A 38 1.17 14.91 1.25
N VAL A 39 -0.03 14.48 0.93
CA VAL A 39 -1.23 15.23 1.24
C VAL A 39 -1.81 14.77 2.58
N ARG A 40 -2.44 15.70 3.29
CA ARG A 40 -2.91 15.49 4.67
C ARG A 40 -3.52 14.11 4.89
N PRO A 41 -2.98 13.35 5.85
CA PRO A 41 -3.54 12.07 6.27
C PRO A 41 -4.84 12.27 7.06
N LYS A 42 -5.73 11.29 7.01
CA LYS A 42 -7.02 11.43 7.68
C LYS A 42 -7.33 10.24 8.59
N ARG A 43 -6.94 9.04 8.17
CA ARG A 43 -7.20 7.84 8.94
C ARG A 43 -6.20 6.74 8.60
N LYS A 44 -5.82 5.95 9.59
CA LYS A 44 -4.84 4.89 9.39
C LYS A 44 -5.30 3.89 8.34
N VAL A 45 -4.35 3.40 7.55
CA VAL A 45 -4.64 2.40 6.54
C VAL A 45 -5.02 1.07 7.18
N ARG A 46 -5.78 0.26 6.45
CA ARG A 46 -6.13 -1.05 6.94
C ARG A 46 -5.52 -2.11 6.05
N VAL A 47 -4.61 -2.87 6.60
CA VAL A 47 -3.96 -3.92 5.87
C VAL A 47 -4.69 -5.24 6.09
N CYS A 48 -4.82 -6.01 5.02
CA CYS A 48 -5.56 -7.26 5.09
C CYS A 48 -4.81 -8.23 6.01
N GLU A 49 -5.54 -9.08 6.70
CA GLU A 49 -4.94 -10.02 7.63
C GLU A 49 -3.91 -10.90 6.92
N ASN A 50 -4.13 -11.14 5.63
CA ASN A 50 -3.21 -11.89 4.80
C ASN A 50 -1.81 -11.27 4.81
N CYS A 51 -1.76 -9.95 4.76
CA CYS A 51 -0.48 -9.25 4.86
C CYS A 51 -0.04 -9.14 6.32
N SER A 52 -1.01 -9.18 7.23
CA SER A 52 -0.75 -8.97 8.64
C SER A 52 -0.12 -10.18 9.32
N PHE A 53 -0.60 -11.39 8.99
CA PHE A 53 -0.11 -12.59 9.65
C PHE A 53 1.23 -13.06 9.08
N GLY A 54 2.10 -12.11 8.83
CA GLY A 54 3.42 -12.44 8.32
C GLY A 54 4.37 -11.27 8.46
N LYS A 55 5.66 -11.54 8.44
CA LYS A 55 6.68 -10.51 8.59
C LYS A 55 6.62 -9.46 7.48
N GLN A 56 5.84 -9.76 6.45
CA GLN A 56 5.62 -8.84 5.34
C GLN A 56 5.04 -7.51 5.84
N ALA A 57 4.12 -7.61 6.80
CA ALA A 57 3.47 -6.42 7.36
C ALA A 57 4.46 -5.53 8.08
N LYS A 58 5.48 -6.15 8.68
CA LYS A 58 6.51 -5.41 9.40
C LYS A 58 7.28 -4.51 8.45
N ASN A 59 7.40 -4.96 7.21
CA ASN A 59 8.03 -4.16 6.18
C ASN A 59 7.10 -3.07 5.72
N CYS A 60 7.67 -1.89 5.49
CA CYS A 60 6.93 -0.74 5.01
C CYS A 60 6.10 -1.08 3.78
N ILE A 61 4.82 -0.78 3.86
CA ILE A 61 3.87 -1.16 2.82
C ILE A 61 4.09 -0.42 1.52
N ILE A 62 4.65 0.79 1.61
CA ILE A 62 4.81 1.63 0.43
C ILE A 62 5.98 1.19 -0.45
N CYS A 63 7.12 0.82 0.14
CA CYS A 63 8.27 0.40 -0.66
C CYS A 63 8.48 -1.11 -0.60
N ASN A 64 7.71 -1.79 0.26
CA ASN A 64 7.78 -3.25 0.43
C ASN A 64 9.22 -3.77 0.44
N LEU A 65 10.08 -3.09 1.19
CA LEU A 65 11.48 -3.45 1.23
C LEU A 65 12.08 -3.05 2.56
N ASN A 66 12.08 -1.76 2.84
CA ASN A 66 12.57 -1.24 4.11
C ASN A 66 11.55 -1.50 5.20
N VAL A 67 12.01 -1.83 6.40
CA VAL A 67 11.12 -2.15 7.50
C VAL A 67 10.36 -0.90 7.96
N GLY A 68 9.09 -1.08 8.26
CA GLY A 68 8.26 0.05 8.63
C GLY A 68 8.34 0.36 10.11
N VAL A 69 8.27 1.65 10.44
CA VAL A 69 8.31 2.08 11.83
C VAL A 69 7.01 2.75 12.24
N ASN A 70 6.42 3.52 11.35
CA ASN A 70 5.17 4.21 11.66
C ASN A 70 4.00 3.52 10.98
N ASP A 71 2.83 4.10 11.10
CA ASP A 71 1.64 3.57 10.46
C ASP A 71 1.24 4.47 9.30
N ALA A 72 0.78 3.86 8.21
CA ALA A 72 0.33 4.63 7.06
C ALA A 72 -1.06 5.18 7.29
N PHE A 73 -1.34 6.30 6.65
CA PHE A 73 -2.65 6.91 6.74
C PHE A 73 -3.21 7.18 5.35
N TYR A 74 -4.48 6.87 5.15
CA TYR A 74 -5.19 7.29 3.96
C TYR A 74 -5.35 8.79 3.99
N CYS A 75 -4.96 9.46 2.92
CA CYS A 75 -5.01 10.91 2.87
C CYS A 75 -6.45 11.39 2.77
N TRP A 76 -6.67 12.66 3.09
CA TRP A 76 -7.98 13.29 3.03
C TRP A 76 -8.63 13.07 1.68
N GLU A 77 -7.84 13.21 0.61
CA GLU A 77 -8.33 13.04 -0.75
C GLU A 77 -8.91 11.65 -0.95
N CYS A 78 -8.10 10.63 -0.67
CA CYS A 78 -8.54 9.24 -0.83
C CYS A 78 -9.71 8.91 0.09
N CYS A 79 -9.66 9.43 1.31
CA CYS A 79 -10.72 9.15 2.28
C CYS A 79 -12.04 9.77 1.82
N ARG A 80 -11.99 10.99 1.28
CA ARG A 80 -13.16 11.67 0.77
C ARG A 80 -13.75 10.90 -0.42
N LEU A 81 -12.87 10.47 -1.31
CA LEU A 81 -13.29 9.69 -2.47
C LEU A 81 -13.84 8.34 -2.04
N GLY A 82 -13.21 7.76 -1.03
CA GLY A 82 -13.67 6.49 -0.48
C GLY A 82 -12.70 5.36 -0.78
N LYS A 83 -11.43 5.69 -0.93
CA LYS A 83 -10.40 4.70 -1.19
C LYS A 83 -9.85 4.14 0.10
N ASP A 84 -10.32 4.71 1.21
CA ASP A 84 -10.06 4.13 2.52
C ASP A 84 -10.80 2.79 2.62
N LYS A 85 -11.92 2.71 1.93
CA LYS A 85 -12.71 1.50 1.86
C LYS A 85 -12.39 0.69 0.60
N ASP A 86 -11.34 1.10 -0.13
CA ASP A 86 -10.96 0.39 -1.35
C ASP A 86 -10.37 -0.98 -1.00
N GLY A 87 -9.30 -0.98 -0.23
CA GLY A 87 -8.76 -2.23 0.28
C GLY A 87 -7.35 -2.09 0.84
N CYS A 88 -6.66 -3.22 0.88
CA CYS A 88 -5.31 -3.32 1.43
C CYS A 88 -4.30 -2.53 0.58
N PRO A 89 -3.70 -1.48 1.15
CA PRO A 89 -2.78 -0.58 0.45
C PRO A 89 -1.33 -1.05 0.45
N ARG A 90 -1.12 -2.34 0.24
CA ARG A 90 0.25 -2.86 0.12
C ARG A 90 0.73 -2.78 -1.32
N ILE A 91 1.92 -2.25 -1.51
CA ILE A 91 2.54 -2.21 -2.83
C ILE A 91 3.26 -3.53 -3.09
N LEU A 92 2.80 -4.26 -4.09
CA LEU A 92 3.34 -5.59 -4.36
C LEU A 92 4.58 -5.51 -5.26
N ASN A 93 4.51 -4.73 -6.34
CA ASN A 93 5.61 -4.68 -7.31
C ASN A 93 6.92 -4.21 -6.67
N LEU A 94 6.97 -2.94 -6.29
CA LEU A 94 8.13 -2.36 -5.62
C LEU A 94 7.87 -0.87 -5.40
N GLY A 95 8.20 -0.41 -4.21
CA GLY A 95 7.96 0.98 -3.86
C GLY A 95 8.64 1.95 -4.79
N SER A 96 8.05 3.13 -4.93
CA SER A 96 8.58 4.18 -5.80
C SER A 96 9.86 4.81 -5.22
N ASN A 97 10.78 3.97 -4.78
CA ASN A 97 12.08 4.42 -4.30
C ASN A 97 12.85 5.02 -5.46
N ARG A 98 12.75 4.36 -6.60
CA ARG A 98 13.30 4.87 -7.84
C ARG A 98 12.17 5.29 -8.79
N LEU A 99 12.42 5.22 -10.09
CA LEU A 99 11.45 5.69 -11.10
C LEU A 99 11.26 7.19 -10.95
N ASP A 100 12.32 7.86 -10.55
CA ASP A 100 12.30 9.30 -10.36
C ASP A 100 12.59 10.01 -11.67
N ARG A 101 13.39 9.35 -12.51
CA ARG A 101 13.78 9.92 -13.79
C ARG A 101 12.58 10.04 -14.72
N HIS A 102 12.34 11.25 -15.19
CA HIS A 102 11.22 11.52 -16.09
C HIS A 102 11.58 11.09 -17.50
N PHE A 103 11.55 9.79 -17.75
CA PHE A 103 11.88 9.23 -19.06
C PHE A 103 10.74 9.44 -20.06
N GLU A 104 10.19 10.65 -20.08
CA GLU A 104 9.10 11.00 -20.97
C GLU A 104 9.55 10.99 -22.42
N LYS A 105 10.78 11.45 -22.64
CA LYS A 105 11.34 11.59 -23.98
C LYS A 105 11.32 10.26 -24.75
N LYS A 106 10.92 10.36 -26.02
CA LYS A 106 10.85 9.22 -26.95
C LYS A 106 9.77 8.20 -26.58
N LYS A 107 9.84 7.65 -25.38
CA LYS A 107 8.93 6.60 -24.95
C LYS A 107 9.09 6.33 -23.46
N LYS A 108 8.05 6.62 -22.68
CA LYS A 108 8.13 6.48 -21.23
C LYS A 108 7.98 5.03 -20.79
N VAL A 109 7.21 4.29 -21.54
CA VAL A 109 7.00 2.87 -21.27
C VAL A 109 6.70 2.15 -22.58
ZN ZN B . -2.92 -7.42 1.88
ZN ZN C . 9.11 2.66 2.69
ZN ZN D . -4.26 9.41 -0.99
N GLY A 1 4.08 3.36 -6.67
CA GLY A 1 3.91 3.98 -8.00
C GLY A 1 5.23 4.28 -8.68
N GLY A 2 5.33 5.46 -9.27
CA GLY A 2 6.53 5.85 -9.97
C GLY A 2 6.48 7.31 -10.37
N SER A 3 7.65 7.88 -10.67
CA SER A 3 7.75 9.28 -11.03
C SER A 3 7.25 9.55 -12.46
N SER A 4 6.10 8.99 -12.78
CA SER A 4 5.45 9.20 -14.07
C SER A 4 3.97 8.87 -13.95
N ARG A 5 3.70 7.65 -13.48
CA ARG A 5 2.35 7.17 -13.18
C ARG A 5 1.29 7.63 -14.19
N HIS A 6 1.46 7.22 -15.44
CA HIS A 6 0.41 7.39 -16.44
C HIS A 6 -0.59 6.24 -16.31
N GLN A 7 -1.02 6.02 -15.08
CA GLN A 7 -1.90 4.92 -14.72
C GLN A 7 -2.40 5.14 -13.28
N PHE A 8 -2.12 4.17 -12.41
CA PHE A 8 -2.50 4.23 -11.01
C PHE A 8 -1.83 3.05 -10.31
N ASP A 9 -1.72 3.10 -8.98
CA ASP A 9 -1.10 2.02 -8.23
C ASP A 9 -2.00 0.79 -8.16
N LEU A 10 -2.37 0.28 -9.33
CA LEU A 10 -3.18 -0.92 -9.45
C LEU A 10 -2.33 -2.17 -9.21
N ILE A 11 -1.44 -2.07 -8.23
CA ILE A 11 -0.58 -3.17 -7.83
C ILE A 11 -0.67 -3.24 -6.31
N MET A 12 -1.80 -2.77 -5.85
CA MET A 12 -2.08 -2.73 -4.44
C MET A 12 -3.15 -3.74 -4.09
N CYS A 13 -2.94 -4.37 -2.95
CA CYS A 13 -3.76 -5.48 -2.47
C CYS A 13 -5.26 -5.28 -2.69
N LEU A 14 -5.81 -4.25 -2.05
CA LEU A 14 -7.22 -3.92 -2.16
C LEU A 14 -8.15 -5.10 -1.89
N LYS A 15 -7.75 -5.95 -0.95
CA LYS A 15 -8.66 -6.95 -0.39
C LYS A 15 -9.09 -6.47 0.99
N GLN A 16 -10.07 -7.15 1.57
CA GLN A 16 -10.57 -6.78 2.89
C GLN A 16 -9.45 -6.78 3.92
N PRO A 17 -9.22 -5.64 4.59
CA PRO A 17 -8.15 -5.49 5.56
C PRO A 17 -8.41 -6.26 6.85
N GLY A 18 -7.33 -6.68 7.51
CA GLY A 18 -7.43 -7.39 8.76
C GLY A 18 -7.47 -6.46 9.95
N VAL A 19 -6.57 -6.69 10.90
CA VAL A 19 -6.54 -5.93 12.13
C VAL A 19 -5.39 -4.92 12.17
N GLN A 20 -4.20 -5.38 11.82
CA GLN A 20 -2.99 -4.57 11.96
C GLN A 20 -3.02 -3.30 11.10
N THR A 21 -2.32 -2.29 11.59
CA THR A 21 -2.13 -1.06 10.85
C THR A 21 -1.00 -1.18 9.84
N GLY A 22 -1.16 -0.56 8.69
CA GLY A 22 -0.11 -0.57 7.69
C GLY A 22 1.05 0.35 8.06
N LEU A 23 2.25 -0.19 8.07
CA LEU A 23 3.43 0.56 8.48
C LEU A 23 4.16 1.17 7.30
N LEU A 24 4.56 2.42 7.46
CA LEU A 24 5.43 3.10 6.50
C LEU A 24 6.86 3.06 7.00
N CYS A 25 7.80 3.01 6.08
CA CYS A 25 9.19 3.19 6.44
C CYS A 25 9.51 4.67 6.38
N GLU A 26 10.51 5.09 7.13
CA GLU A 26 10.90 6.51 7.19
C GLU A 26 11.12 7.10 5.79
N LYS A 27 11.54 6.27 4.85
CA LYS A 27 11.77 6.72 3.48
C LYS A 27 10.45 7.08 2.79
N CYS A 28 9.40 6.32 3.07
CA CYS A 28 8.08 6.64 2.54
C CYS A 28 7.25 7.36 3.60
N ASP A 29 7.92 8.15 4.42
CA ASP A 29 7.29 8.83 5.55
C ASP A 29 6.22 9.81 5.10
N GLY A 30 5.00 9.56 5.54
CA GLY A 30 3.91 10.48 5.30
C GLY A 30 3.43 10.50 3.86
N LYS A 31 3.52 9.37 3.19
CA LYS A 31 2.98 9.24 1.86
C LYS A 31 1.68 8.45 1.90
N CYS A 32 0.61 9.05 1.41
CA CYS A 32 -0.69 8.39 1.35
C CYS A 32 -0.62 7.15 0.46
N PRO A 33 -0.82 5.96 1.06
CA PRO A 33 -0.73 4.67 0.36
C PRO A 33 -1.92 4.43 -0.58
N ILE A 34 -2.20 5.42 -1.40
CA ILE A 34 -3.27 5.31 -2.40
C ILE A 34 -2.92 6.17 -3.60
N CYS A 35 -2.52 7.41 -3.34
CA CYS A 35 -2.24 8.35 -4.42
C CYS A 35 -0.76 8.72 -4.49
N ASP A 36 -0.01 8.40 -3.43
CA ASP A 36 1.40 8.77 -3.33
C ASP A 36 1.54 10.29 -3.24
N SER A 37 1.34 10.81 -2.05
CA SER A 37 1.36 12.24 -1.80
C SER A 37 1.44 12.52 -0.31
N TYR A 38 2.12 13.60 0.06
CA TYR A 38 2.26 13.99 1.45
C TYR A 38 1.11 14.91 1.87
N VAL A 39 0.07 14.95 1.05
CA VAL A 39 -1.09 15.80 1.31
C VAL A 39 -1.83 15.34 2.57
N ARG A 40 -2.46 16.31 3.23
CA ARG A 40 -3.13 16.11 4.53
C ARG A 40 -3.83 14.75 4.65
N PRO A 41 -3.52 14.00 5.72
CA PRO A 41 -4.11 12.69 5.98
C PRO A 41 -5.58 12.76 6.40
N LYS A 42 -6.10 11.68 6.98
CA LYS A 42 -7.49 11.64 7.41
C LYS A 42 -7.77 10.42 8.27
N ARG A 43 -7.42 9.24 7.77
CA ARG A 43 -7.67 7.99 8.50
C ARG A 43 -6.51 7.03 8.37
N LYS A 44 -6.22 6.33 9.46
CA LYS A 44 -5.11 5.39 9.52
C LYS A 44 -5.37 4.17 8.64
N VAL A 45 -4.34 3.70 7.96
CA VAL A 45 -4.46 2.58 7.03
C VAL A 45 -4.52 1.24 7.76
N ARG A 46 -5.24 0.30 7.19
CA ARG A 46 -5.33 -1.04 7.74
C ARG A 46 -4.90 -2.07 6.69
N VAL A 47 -3.99 -2.95 7.07
CA VAL A 47 -3.52 -4.00 6.16
C VAL A 47 -4.32 -5.28 6.33
N CYS A 48 -4.50 -5.99 5.23
CA CYS A 48 -5.25 -7.24 5.25
C CYS A 48 -4.47 -8.32 5.98
N GLU A 49 -5.18 -9.39 6.32
CA GLU A 49 -4.56 -10.56 6.92
C GLU A 49 -3.49 -11.13 6.00
N ASN A 50 -3.80 -11.17 4.72
CA ASN A 50 -2.88 -11.69 3.70
C ASN A 50 -1.72 -10.74 3.41
N CYS A 51 -1.19 -10.11 4.45
CA CYS A 51 -0.01 -9.26 4.35
C CYS A 51 0.74 -9.28 5.67
N SER A 52 0.03 -9.01 6.74
CA SER A 52 0.59 -9.05 8.07
C SER A 52 0.22 -10.35 8.75
N PHE A 53 0.33 -11.43 8.00
CA PHE A 53 -0.01 -12.76 8.48
C PHE A 53 1.02 -13.26 9.49
N GLY A 54 2.27 -12.89 9.28
CA GLY A 54 3.33 -13.28 10.20
C GLY A 54 4.70 -12.91 9.68
N LYS A 55 5.12 -13.61 8.62
CA LYS A 55 6.42 -13.34 8.00
C LYS A 55 6.35 -12.09 7.13
N GLN A 56 7.44 -11.31 7.13
CA GLN A 56 7.55 -10.04 6.40
C GLN A 56 6.25 -9.24 6.48
N ALA A 57 5.75 -9.09 7.71
CA ALA A 57 4.51 -8.38 7.96
C ALA A 57 4.78 -6.91 8.26
N LYS A 58 5.81 -6.66 9.05
CA LYS A 58 6.11 -5.31 9.52
C LYS A 58 7.05 -4.56 8.58
N ASN A 59 7.03 -4.90 7.31
CA ASN A 59 7.76 -4.09 6.35
C ASN A 59 6.84 -3.05 5.76
N CYS A 60 7.44 -1.93 5.40
CA CYS A 60 6.72 -0.77 4.88
C CYS A 60 5.74 -1.16 3.78
N ILE A 61 4.52 -0.71 3.91
CA ILE A 61 3.44 -1.09 3.01
C ILE A 61 3.66 -0.56 1.60
N ILE A 62 4.31 0.59 1.48
CA ILE A 62 4.52 1.21 0.19
C ILE A 62 5.65 0.54 -0.59
N CYS A 63 6.79 0.30 0.05
CA CYS A 63 7.93 -0.24 -0.69
C CYS A 63 8.26 -1.68 -0.32
N ASN A 64 7.55 -2.23 0.69
CA ASN A 64 7.69 -3.63 1.13
C ASN A 64 9.14 -4.10 1.15
N LEU A 65 10.00 -3.29 1.74
CA LEU A 65 11.41 -3.59 1.75
C LEU A 65 12.04 -3.09 3.04
N ASN A 66 11.90 -1.81 3.30
CA ASN A 66 12.34 -1.23 4.56
C ASN A 66 11.33 -1.57 5.66
N VAL A 67 11.82 -1.75 6.88
CA VAL A 67 10.95 -2.04 8.01
C VAL A 67 10.05 -0.85 8.29
N GLY A 68 8.76 -1.13 8.44
CA GLY A 68 7.80 -0.08 8.71
C GLY A 68 7.88 0.40 10.14
N VAL A 69 7.76 1.71 10.31
CA VAL A 69 7.86 2.31 11.63
C VAL A 69 6.71 3.28 11.89
N ASN A 70 6.34 4.06 10.88
CA ASN A 70 5.27 5.04 11.04
C ASN A 70 3.96 4.47 10.53
N ASP A 71 2.87 4.73 11.24
CA ASP A 71 1.54 4.34 10.77
C ASP A 71 1.13 5.23 9.61
N ALA A 72 0.68 4.61 8.52
CA ALA A 72 0.25 5.35 7.36
C ALA A 72 -1.16 5.87 7.53
N PHE A 73 -1.44 7.01 6.91
CA PHE A 73 -2.78 7.58 6.91
C PHE A 73 -3.21 7.90 5.49
N TYR A 74 -4.43 7.51 5.15
CA TYR A 74 -5.01 7.87 3.87
C TYR A 74 -5.25 9.38 3.85
N CYS A 75 -4.85 10.04 2.79
CA CYS A 75 -5.05 11.48 2.68
C CYS A 75 -6.53 11.79 2.53
N TRP A 76 -6.92 12.98 2.97
CA TRP A 76 -8.31 13.41 2.94
C TRP A 76 -8.93 13.26 1.55
N GLU A 77 -8.14 13.56 0.51
CA GLU A 77 -8.64 13.50 -0.86
C GLU A 77 -9.09 12.07 -1.22
N CYS A 78 -8.27 11.09 -0.87
CA CYS A 78 -8.63 9.69 -1.11
C CYS A 78 -9.80 9.26 -0.24
N CYS A 79 -9.83 9.75 1.00
CA CYS A 79 -10.91 9.45 1.93
C CYS A 79 -12.25 9.97 1.39
N ARG A 80 -12.22 11.17 0.84
CA ARG A 80 -13.40 11.80 0.26
C ARG A 80 -14.00 10.93 -0.84
N LEU A 81 -13.15 10.50 -1.76
CA LEU A 81 -13.58 9.68 -2.88
C LEU A 81 -13.93 8.27 -2.44
N GLY A 82 -13.31 7.81 -1.36
CA GLY A 82 -13.51 6.45 -0.92
C GLY A 82 -12.57 5.50 -1.63
N LYS A 83 -11.40 6.01 -1.98
CA LYS A 83 -10.35 5.20 -2.57
C LYS A 83 -9.65 4.43 -1.46
N ASP A 84 -9.69 5.02 -0.28
CA ASP A 84 -9.10 4.43 0.91
C ASP A 84 -9.86 3.18 1.32
N LYS A 85 -11.18 3.23 1.24
CA LYS A 85 -12.01 2.11 1.65
C LYS A 85 -12.18 1.11 0.51
N ASP A 86 -11.20 1.06 -0.39
CA ASP A 86 -11.20 0.05 -1.44
C ASP A 86 -10.67 -1.25 -0.85
N GLY A 87 -9.49 -1.18 -0.25
CA GLY A 87 -8.97 -2.32 0.49
C GLY A 87 -7.62 -2.08 1.10
N CYS A 88 -6.85 -3.17 1.20
CA CYS A 88 -5.53 -3.16 1.82
C CYS A 88 -4.51 -2.36 0.99
N PRO A 89 -3.91 -1.32 1.61
CA PRO A 89 -2.96 -0.40 0.94
C PRO A 89 -1.54 -0.97 0.85
N ARG A 90 -1.44 -2.24 0.50
CA ARG A 90 -0.14 -2.89 0.34
C ARG A 90 0.23 -3.01 -1.14
N ILE A 91 1.51 -2.86 -1.44
CA ILE A 91 1.99 -3.10 -2.79
C ILE A 91 2.52 -4.53 -2.91
N LEU A 92 1.97 -5.29 -3.86
CA LEU A 92 2.29 -6.70 -3.98
C LEU A 92 1.80 -7.33 -5.29
N ASN A 93 0.66 -6.81 -5.80
CA ASN A 93 -0.07 -7.37 -6.96
C ASN A 93 0.79 -8.22 -7.88
N LEU A 94 1.77 -7.59 -8.51
CA LEU A 94 2.66 -8.29 -9.43
C LEU A 94 3.91 -7.45 -9.71
N GLY A 95 5.04 -8.12 -9.81
CA GLY A 95 6.27 -7.44 -10.16
C GLY A 95 6.64 -7.65 -11.61
N SER A 96 6.78 -6.55 -12.33
CA SER A 96 7.09 -6.54 -13.76
C SER A 96 5.89 -6.99 -14.60
N ASN A 97 5.29 -8.12 -14.21
CA ASN A 97 4.03 -8.52 -14.81
C ASN A 97 2.98 -7.48 -14.48
N ARG A 98 2.19 -7.12 -15.46
CA ARG A 98 1.19 -6.08 -15.27
C ARG A 98 -0.20 -6.56 -15.63
N LEU A 99 -1.05 -5.63 -15.99
CA LEU A 99 -2.43 -5.92 -16.32
C LEU A 99 -2.55 -6.27 -17.80
N ASP A 100 -1.48 -6.83 -18.34
CA ASP A 100 -1.49 -7.32 -19.71
C ASP A 100 -2.22 -8.65 -19.77
N ARG A 101 -3.06 -8.81 -20.78
CA ARG A 101 -3.91 -9.99 -20.90
C ARG A 101 -4.86 -10.07 -19.70
N HIS A 102 -5.32 -8.91 -19.27
CA HIS A 102 -6.26 -8.82 -18.14
C HIS A 102 -7.51 -8.08 -18.55
N PHE A 103 -7.31 -6.98 -19.27
CA PHE A 103 -8.41 -6.15 -19.76
C PHE A 103 -9.22 -5.55 -18.61
N GLU A 104 -10.31 -6.23 -18.25
CA GLU A 104 -11.22 -5.77 -17.20
C GLU A 104 -11.81 -4.41 -17.55
N LYS A 105 -12.05 -4.25 -18.84
CA LYS A 105 -12.69 -3.06 -19.39
C LYS A 105 -13.58 -3.50 -20.54
N LYS A 106 -12.99 -4.31 -21.40
CA LYS A 106 -13.71 -5.02 -22.44
C LYS A 106 -13.43 -6.51 -22.29
N LYS A 107 -14.35 -7.35 -22.72
CA LYS A 107 -14.22 -8.79 -22.52
C LYS A 107 -13.03 -9.35 -23.28
N LYS A 108 -12.13 -10.01 -22.58
CA LYS A 108 -10.98 -10.63 -23.19
C LYS A 108 -11.33 -11.98 -23.79
N VAL A 109 -10.80 -12.26 -24.96
CA VAL A 109 -11.06 -13.53 -25.63
C VAL A 109 -10.29 -14.65 -24.93
ZN ZN B . -2.89 -7.11 1.88
ZN ZN C . 8.95 2.47 2.34
ZN ZN D . -4.32 10.01 -1.14
N GLY A 1 -15.02 -2.13 -10.61
CA GLY A 1 -15.81 -3.18 -9.93
C GLY A 1 -15.24 -4.57 -10.17
N GLY A 2 -14.86 -4.84 -11.42
CA GLY A 2 -14.29 -6.14 -11.76
C GLY A 2 -12.93 -6.35 -11.14
N SER A 3 -12.73 -7.51 -10.54
CA SER A 3 -11.48 -7.86 -9.89
C SER A 3 -10.42 -8.32 -10.90
N SER A 4 -10.31 -7.61 -12.01
CA SER A 4 -9.30 -7.89 -13.02
C SER A 4 -7.94 -7.39 -12.55
N ARG A 5 -7.97 -6.36 -11.71
CA ARG A 5 -6.77 -5.72 -11.19
C ARG A 5 -6.03 -5.01 -12.31
N HIS A 6 -6.78 -4.32 -13.14
CA HIS A 6 -6.23 -3.57 -14.26
C HIS A 6 -7.06 -2.30 -14.50
N GLN A 7 -7.95 -2.01 -13.56
CA GLN A 7 -8.77 -0.81 -13.62
C GLN A 7 -7.90 0.44 -13.55
N PHE A 8 -7.32 0.68 -12.38
CA PHE A 8 -6.36 1.76 -12.20
C PHE A 8 -4.95 1.20 -12.15
N ASP A 9 -4.83 -0.08 -12.48
CA ASP A 9 -3.57 -0.80 -12.32
C ASP A 9 -3.06 -0.62 -10.91
N LEU A 10 -3.96 -0.84 -9.96
CA LEU A 10 -3.69 -0.59 -8.56
C LEU A 10 -2.60 -1.47 -8.00
N ILE A 11 -1.55 -0.84 -7.48
CA ILE A 11 -0.41 -1.55 -6.94
C ILE A 11 -0.63 -1.83 -5.47
N MET A 12 -1.78 -2.36 -5.20
CA MET A 12 -2.15 -2.69 -3.85
C MET A 12 -2.96 -3.97 -3.81
N CYS A 13 -2.62 -4.81 -2.84
CA CYS A 13 -3.21 -6.12 -2.72
C CYS A 13 -4.74 -6.03 -2.59
N LEU A 14 -5.17 -5.01 -1.87
CA LEU A 14 -6.58 -4.61 -1.76
C LEU A 14 -7.51 -5.71 -1.27
N LYS A 15 -7.03 -6.57 -0.39
CA LYS A 15 -7.92 -7.48 0.31
C LYS A 15 -8.66 -6.76 1.42
N GLN A 16 -9.33 -7.53 2.26
CA GLN A 16 -10.08 -6.96 3.37
C GLN A 16 -9.15 -6.67 4.55
N PRO A 17 -8.97 -5.39 4.89
CA PRO A 17 -8.07 -4.95 5.97
C PRO A 17 -8.53 -5.45 7.35
N GLY A 18 -7.57 -5.76 8.21
CA GLY A 18 -7.90 -6.21 9.55
C GLY A 18 -7.63 -5.15 10.60
N VAL A 19 -7.16 -5.60 11.76
CA VAL A 19 -6.84 -4.71 12.87
C VAL A 19 -5.46 -4.09 12.68
N GLN A 20 -4.55 -4.89 12.13
CA GLN A 20 -3.17 -4.51 11.95
C GLN A 20 -3.02 -3.29 11.05
N THR A 21 -2.31 -2.29 11.55
CA THR A 21 -2.07 -1.07 10.81
C THR A 21 -0.85 -1.24 9.91
N GLY A 22 -0.91 -0.69 8.70
CA GLY A 22 0.19 -0.79 7.76
C GLY A 22 1.38 0.03 8.18
N LEU A 23 2.52 -0.64 8.36
CA LEU A 23 3.73 0.02 8.83
C LEU A 23 4.43 0.80 7.72
N LEU A 24 5.17 1.82 8.15
CA LEU A 24 5.78 2.79 7.25
C LEU A 24 7.21 3.08 7.64
N CYS A 25 8.12 2.95 6.69
CA CYS A 25 9.48 3.40 6.87
C CYS A 25 9.53 4.90 6.65
N GLU A 26 10.37 5.61 7.40
CA GLU A 26 10.39 7.07 7.38
C GLU A 26 10.59 7.63 5.98
N LYS A 27 11.22 6.85 5.10
CA LYS A 27 11.49 7.29 3.74
C LYS A 27 10.19 7.48 2.95
N CYS A 28 9.20 6.62 3.20
CA CYS A 28 7.91 6.75 2.55
C CYS A 28 6.96 7.52 3.45
N ASP A 29 7.32 7.60 4.72
CA ASP A 29 6.46 8.16 5.75
C ASP A 29 5.96 9.54 5.36
N GLY A 30 4.65 9.67 5.30
CA GLY A 30 4.02 10.91 4.90
C GLY A 30 3.24 10.73 3.62
N LYS A 31 3.75 9.86 2.76
CA LYS A 31 3.10 9.56 1.50
C LYS A 31 1.83 8.76 1.72
N CYS A 32 0.74 9.23 1.14
CA CYS A 32 -0.50 8.47 1.12
C CYS A 32 -0.37 7.34 0.11
N PRO A 33 -0.49 6.08 0.56
CA PRO A 33 -0.27 4.89 -0.29
C PRO A 33 -1.13 4.89 -1.55
N ILE A 34 -2.35 5.39 -1.45
CA ILE A 34 -3.29 5.38 -2.56
C ILE A 34 -2.83 6.25 -3.72
N CYS A 35 -2.34 7.46 -3.43
CA CYS A 35 -2.08 8.41 -4.50
C CYS A 35 -0.62 8.87 -4.54
N ASP A 36 0.15 8.55 -3.51
CA ASP A 36 1.57 8.94 -3.41
C ASP A 36 1.71 10.46 -3.37
N SER A 37 1.33 11.05 -2.24
CA SER A 37 1.39 12.49 -2.07
C SER A 37 1.33 12.83 -0.58
N TYR A 38 2.09 13.85 -0.17
CA TYR A 38 2.16 14.27 1.22
C TYR A 38 1.01 15.21 1.58
N VAL A 39 -0.19 14.84 1.16
CA VAL A 39 -1.37 15.64 1.46
C VAL A 39 -2.03 15.13 2.75
N ARG A 40 -2.78 16.03 3.40
CA ARG A 40 -3.39 15.79 4.72
C ARG A 40 -3.88 14.36 4.92
N PRO A 41 -3.41 13.71 6.00
CA PRO A 41 -3.86 12.38 6.38
C PRO A 41 -5.26 12.40 6.97
N LYS A 42 -6.01 11.33 6.74
CA LYS A 42 -7.40 11.28 7.16
C LYS A 42 -7.70 10.03 7.98
N ARG A 43 -7.29 8.87 7.48
CA ARG A 43 -7.62 7.61 8.15
C ARG A 43 -6.42 6.67 8.16
N LYS A 44 -6.19 6.00 9.28
CA LYS A 44 -5.07 5.07 9.41
C LYS A 44 -5.25 3.89 8.48
N VAL A 45 -4.17 3.53 7.81
CA VAL A 45 -4.16 2.42 6.89
C VAL A 45 -4.04 1.09 7.62
N ARG A 46 -4.98 0.20 7.37
CA ARG A 46 -4.94 -1.14 7.93
C ARG A 46 -4.57 -2.15 6.84
N VAL A 47 -3.64 -3.03 7.16
CA VAL A 47 -3.28 -4.11 6.24
C VAL A 47 -4.29 -5.24 6.34
N CYS A 48 -4.52 -5.91 5.23
CA CYS A 48 -5.43 -7.04 5.23
C CYS A 48 -4.82 -8.18 6.02
N GLU A 49 -5.67 -9.01 6.59
CA GLU A 49 -5.24 -10.13 7.42
C GLU A 49 -4.11 -10.94 6.74
N ASN A 50 -4.24 -11.16 5.43
CA ASN A 50 -3.26 -11.94 4.68
C ASN A 50 -1.87 -11.32 4.73
N CYS A 51 -1.81 -10.00 4.61
CA CYS A 51 -0.54 -9.28 4.66
C CYS A 51 -0.14 -8.97 6.10
N SER A 52 -0.12 -9.99 6.92
CA SER A 52 0.25 -9.84 8.32
C SER A 52 0.66 -11.17 8.94
N PHE A 53 -0.12 -12.23 8.71
CA PHE A 53 0.19 -13.51 9.32
C PHE A 53 1.40 -14.18 8.65
N GLY A 54 2.28 -14.72 9.46
CA GLY A 54 3.46 -15.42 8.95
C GLY A 54 4.54 -14.48 8.41
N LYS A 55 4.14 -13.46 7.67
CA LYS A 55 5.09 -12.58 7.01
C LYS A 55 4.42 -11.29 6.52
N GLN A 56 5.22 -10.35 6.04
CA GLN A 56 4.73 -9.10 5.46
C GLN A 56 3.96 -8.29 6.48
N ALA A 57 4.53 -8.17 7.67
CA ALA A 57 3.88 -7.46 8.75
C ALA A 57 4.70 -6.27 9.21
N LYS A 58 6.01 -6.45 9.30
CA LYS A 58 6.89 -5.40 9.78
C LYS A 58 7.29 -4.43 8.67
N ASN A 59 7.46 -4.95 7.46
CA ASN A 59 7.97 -4.14 6.35
C ASN A 59 7.00 -3.03 5.98
N CYS A 60 7.56 -1.88 5.62
CA CYS A 60 6.81 -0.71 5.21
C CYS A 60 6.04 -0.98 3.93
N ILE A 61 4.75 -0.74 3.97
CA ILE A 61 3.84 -1.10 2.89
C ILE A 61 4.14 -0.37 1.57
N ILE A 62 4.63 0.86 1.67
CA ILE A 62 4.80 1.70 0.48
C ILE A 62 5.99 1.25 -0.37
N CYS A 63 7.12 0.90 0.24
CA CYS A 63 8.23 0.36 -0.52
C CYS A 63 8.16 -1.16 -0.57
N ASN A 64 7.51 -1.74 0.45
CA ASN A 64 7.29 -3.18 0.54
C ASN A 64 8.62 -3.89 0.60
N LEU A 65 9.51 -3.37 1.41
CA LEU A 65 10.87 -3.86 1.45
C LEU A 65 11.59 -3.37 2.70
N ASN A 66 11.68 -2.06 2.86
CA ASN A 66 12.28 -1.47 4.05
C ASN A 66 11.37 -1.65 5.25
N VAL A 67 11.95 -1.83 6.43
CA VAL A 67 11.17 -2.07 7.64
C VAL A 67 10.35 -0.84 8.03
N GLY A 68 9.10 -1.08 8.40
CA GLY A 68 8.21 0.02 8.74
C GLY A 68 8.29 0.39 10.21
N VAL A 69 8.21 1.69 10.47
CA VAL A 69 8.27 2.19 11.84
C VAL A 69 6.98 2.89 12.24
N ASN A 70 6.38 3.62 11.31
CA ASN A 70 5.15 4.35 11.59
C ASN A 70 4.00 3.71 10.85
N ASP A 71 2.88 4.39 10.81
CA ASP A 71 1.68 3.87 10.14
C ASP A 71 1.32 4.73 8.95
N ALA A 72 0.81 4.10 7.91
CA ALA A 72 0.33 4.81 6.75
C ALA A 72 -1.01 5.46 7.03
N PHE A 73 -1.29 6.55 6.33
CA PHE A 73 -2.57 7.22 6.45
C PHE A 73 -3.14 7.51 5.07
N TYR A 74 -4.40 7.16 4.87
CA TYR A 74 -5.10 7.55 3.66
C TYR A 74 -5.36 9.05 3.71
N CYS A 75 -4.99 9.76 2.66
CA CYS A 75 -5.12 11.21 2.65
C CYS A 75 -6.58 11.62 2.51
N TRP A 76 -6.87 12.84 2.94
CA TRP A 76 -8.23 13.37 2.97
C TRP A 76 -8.98 13.14 1.66
N GLU A 77 -8.36 13.49 0.54
CA GLU A 77 -9.03 13.40 -0.75
C GLU A 77 -9.29 11.96 -1.17
N CYS A 78 -8.37 11.04 -0.86
CA CYS A 78 -8.60 9.63 -1.13
C CYS A 78 -9.79 9.11 -0.33
N CYS A 79 -9.86 9.51 0.94
CA CYS A 79 -10.98 9.13 1.80
C CYS A 79 -12.27 9.78 1.33
N ARG A 80 -12.18 11.04 0.95
CA ARG A 80 -13.31 11.80 0.45
C ARG A 80 -13.86 11.19 -0.84
N LEU A 81 -12.95 10.80 -1.73
CA LEU A 81 -13.29 10.19 -2.99
C LEU A 81 -13.81 8.77 -2.79
N GLY A 82 -13.31 8.10 -1.76
CA GLY A 82 -13.70 6.73 -1.49
C GLY A 82 -12.74 5.74 -2.12
N LYS A 83 -11.46 6.03 -2.01
CA LYS A 83 -10.42 5.15 -2.53
C LYS A 83 -9.90 4.24 -1.43
N ASP A 84 -9.89 4.78 -0.22
CA ASP A 84 -9.40 4.04 0.95
C ASP A 84 -10.26 2.83 1.25
N LYS A 85 -11.55 2.95 1.01
CA LYS A 85 -12.50 1.88 1.31
C LYS A 85 -12.38 0.71 0.34
N ASP A 86 -11.37 0.75 -0.52
CA ASP A 86 -11.13 -0.34 -1.46
C ASP A 86 -10.50 -1.52 -0.74
N GLY A 87 -9.36 -1.28 -0.08
CA GLY A 87 -8.79 -2.32 0.76
C GLY A 87 -7.35 -2.07 1.14
N CYS A 88 -6.63 -3.18 1.29
CA CYS A 88 -5.24 -3.21 1.76
C CYS A 88 -4.26 -2.62 0.74
N PRO A 89 -3.62 -1.49 1.08
CA PRO A 89 -2.75 -0.76 0.16
C PRO A 89 -1.27 -1.12 0.25
N ARG A 90 -0.97 -2.41 0.37
CA ARG A 90 0.41 -2.86 0.26
C ARG A 90 0.86 -2.82 -1.19
N ILE A 91 1.98 -2.18 -1.44
CA ILE A 91 2.49 -2.05 -2.79
C ILE A 91 2.93 -3.39 -3.35
N LEU A 92 2.28 -3.78 -4.44
CA LEU A 92 2.60 -5.03 -5.13
C LEU A 92 1.87 -5.11 -6.47
N ASN A 93 0.61 -4.66 -6.47
CA ASN A 93 -0.27 -4.71 -7.65
C ASN A 93 -0.59 -6.16 -8.02
N LEU A 94 0.44 -6.86 -8.47
CA LEU A 94 0.34 -8.26 -8.79
C LEU A 94 1.31 -9.03 -7.90
N GLY A 95 2.59 -8.69 -8.02
CA GLY A 95 3.62 -9.23 -7.14
C GLY A 95 3.89 -10.70 -7.36
N SER A 96 2.87 -11.51 -7.15
CA SER A 96 2.98 -12.95 -7.29
C SER A 96 1.59 -13.58 -7.13
N ASN A 97 1.54 -14.73 -6.46
CA ASN A 97 0.28 -15.43 -6.20
C ASN A 97 -0.43 -15.79 -7.50
N ARG A 98 0.34 -16.14 -8.52
CA ARG A 98 -0.23 -16.50 -9.82
C ARG A 98 0.52 -17.69 -10.42
N LEU A 99 1.79 -17.82 -10.06
CA LEU A 99 2.57 -18.98 -10.45
C LEU A 99 2.12 -20.20 -9.65
N ASP A 100 2.23 -21.38 -10.25
CA ASP A 100 1.79 -22.62 -9.62
C ASP A 100 0.28 -22.57 -9.37
N ARG A 101 -0.44 -22.13 -10.40
CA ARG A 101 -1.89 -21.93 -10.36
C ARG A 101 -2.25 -20.72 -9.50
N HIS A 102 -2.04 -20.84 -8.20
CA HIS A 102 -2.32 -19.78 -7.23
C HIS A 102 -1.76 -20.16 -5.88
N PHE A 103 -1.24 -19.18 -5.15
CA PHE A 103 -0.77 -19.40 -3.80
C PHE A 103 -1.95 -19.49 -2.83
N GLU A 104 -2.65 -20.62 -2.91
CA GLU A 104 -3.87 -20.81 -2.15
C GLU A 104 -4.22 -22.30 -2.08
N LYS A 105 -4.78 -22.71 -0.94
CA LYS A 105 -5.16 -24.10 -0.68
C LYS A 105 -3.93 -24.97 -0.43
N LYS A 106 -3.03 -25.01 -1.40
CA LYS A 106 -1.79 -25.74 -1.24
C LYS A 106 -0.75 -24.88 -0.53
N LYS A 107 -0.20 -25.42 0.55
CA LYS A 107 0.76 -24.70 1.41
C LYS A 107 0.09 -23.48 2.03
N LYS A 108 0.78 -22.34 1.98
CA LYS A 108 0.24 -21.08 2.52
C LYS A 108 0.03 -21.18 4.04
N VAL A 109 1.05 -21.68 4.72
CA VAL A 109 0.99 -21.85 6.16
C VAL A 109 2.16 -21.16 6.83
ZN ZN B . -3.09 -7.41 1.73
ZN ZN C . 9.02 2.57 2.84
ZN ZN D . -4.27 9.96 -1.23
N GLY A 1 1.15 -8.59 -27.55
CA GLY A 1 2.20 -7.84 -26.84
C GLY A 1 3.05 -8.75 -25.98
N GLY A 2 4.36 -8.53 -25.98
CA GLY A 2 5.26 -9.36 -25.23
C GLY A 2 5.12 -9.14 -23.74
N SER A 3 4.90 -10.22 -23.00
CA SER A 3 4.74 -10.17 -21.55
C SER A 3 3.65 -9.14 -21.18
N SER A 4 3.97 -8.27 -20.23
CA SER A 4 3.09 -7.17 -19.80
C SER A 4 1.88 -7.66 -18.99
N ARG A 5 1.20 -8.69 -19.49
CA ARG A 5 0.01 -9.23 -18.83
C ARG A 5 0.37 -9.90 -17.51
N HIS A 6 1.61 -10.40 -17.41
CA HIS A 6 2.07 -11.08 -16.20
C HIS A 6 1.88 -10.19 -14.99
N GLN A 7 2.35 -8.96 -15.10
CA GLN A 7 2.21 -8.00 -14.04
C GLN A 7 1.00 -7.11 -14.28
N PHE A 8 1.18 -5.83 -14.00
CA PHE A 8 0.15 -4.80 -14.12
C PHE A 8 -1.01 -5.06 -13.16
N ASP A 9 -0.73 -5.89 -12.16
CA ASP A 9 -1.54 -5.90 -10.95
C ASP A 9 -0.87 -4.94 -10.00
N LEU A 10 -0.16 -4.01 -10.61
CA LEU A 10 0.69 -3.07 -9.92
C LEU A 10 -0.15 -1.99 -9.26
N ILE A 11 -0.46 -2.20 -7.98
CA ILE A 11 -1.38 -1.34 -7.27
C ILE A 11 -1.64 -1.93 -5.88
N MET A 12 -2.44 -1.26 -5.08
CA MET A 12 -2.76 -1.74 -3.74
C MET A 12 -3.34 -3.15 -3.77
N CYS A 13 -2.87 -3.94 -2.83
CA CYS A 13 -3.27 -5.34 -2.62
C CYS A 13 -4.80 -5.47 -2.51
N LEU A 14 -5.42 -4.51 -1.83
CA LEU A 14 -6.86 -4.37 -1.76
C LEU A 14 -7.63 -5.67 -1.56
N LYS A 15 -7.18 -6.50 -0.63
CA LYS A 15 -7.98 -7.64 -0.19
C LYS A 15 -8.88 -7.22 0.95
N GLN A 16 -9.22 -8.18 1.78
CA GLN A 16 -10.04 -7.92 2.94
C GLN A 16 -9.18 -7.48 4.12
N PRO A 17 -9.35 -6.22 4.57
CA PRO A 17 -8.55 -5.64 5.64
C PRO A 17 -8.63 -6.43 6.95
N GLY A 18 -7.47 -6.62 7.57
CA GLY A 18 -7.43 -7.29 8.85
C GLY A 18 -7.63 -6.31 9.99
N VAL A 19 -6.59 -6.10 10.77
CA VAL A 19 -6.64 -5.18 11.88
C VAL A 19 -5.29 -4.49 12.09
N GLN A 20 -4.21 -5.15 11.67
CA GLN A 20 -2.88 -4.60 11.83
C GLN A 20 -2.68 -3.37 10.97
N THR A 21 -2.15 -2.32 11.59
CA THR A 21 -1.95 -1.04 10.94
C THR A 21 -0.74 -1.08 10.00
N GLY A 22 -0.91 -0.53 8.80
CA GLY A 22 0.17 -0.50 7.83
C GLY A 22 1.22 0.53 8.19
N LEU A 23 2.44 0.06 8.42
CA LEU A 23 3.55 0.94 8.78
C LEU A 23 4.31 1.44 7.56
N LEU A 24 4.75 2.67 7.62
CA LEU A 24 5.58 3.26 6.58
C LEU A 24 7.02 3.33 7.05
N CYS A 25 7.95 2.91 6.20
CA CYS A 25 9.36 3.06 6.50
C CYS A 25 9.72 4.53 6.41
N GLU A 26 10.75 4.94 7.12
CA GLU A 26 11.15 6.35 7.18
C GLU A 26 11.24 7.00 5.78
N LYS A 27 11.62 6.19 4.79
CA LYS A 27 11.78 6.69 3.43
C LYS A 27 10.45 7.04 2.76
N CYS A 28 9.44 6.19 2.94
CA CYS A 28 8.13 6.43 2.36
C CYS A 28 7.28 7.23 3.33
N ASP A 29 7.77 7.32 4.57
CA ASP A 29 7.04 7.96 5.65
C ASP A 29 6.62 9.37 5.27
N GLY A 30 5.33 9.57 5.18
CA GLY A 30 4.79 10.84 4.77
C GLY A 30 4.00 10.71 3.49
N LYS A 31 4.40 9.77 2.65
CA LYS A 31 3.69 9.53 1.40
C LYS A 31 2.42 8.74 1.66
N CYS A 32 1.31 9.23 1.16
CA CYS A 32 0.06 8.47 1.18
C CYS A 32 0.21 7.28 0.23
N PRO A 33 0.12 6.05 0.76
CA PRO A 33 0.41 4.83 0.00
C PRO A 33 -0.35 4.72 -1.31
N ILE A 34 -1.61 5.10 -1.29
CA ILE A 34 -2.48 4.94 -2.45
C ILE A 34 -2.10 5.86 -3.61
N CYS A 35 -1.90 7.15 -3.31
CA CYS A 35 -1.74 8.12 -4.38
C CYS A 35 -0.32 8.68 -4.47
N ASP A 36 0.52 8.34 -3.49
CA ASP A 36 1.90 8.85 -3.43
C ASP A 36 1.89 10.37 -3.35
N SER A 37 1.48 10.89 -2.21
CA SER A 37 1.35 12.33 -2.03
C SER A 37 1.34 12.68 -0.55
N TYR A 38 2.02 13.76 -0.19
CA TYR A 38 2.10 14.20 1.20
C TYR A 38 0.90 15.07 1.57
N VAL A 39 -0.23 14.82 0.95
CA VAL A 39 -1.44 15.57 1.22
C VAL A 39 -2.13 15.03 2.48
N ARG A 40 -2.81 15.93 3.19
CA ARG A 40 -3.37 15.66 4.52
C ARG A 40 -3.93 14.26 4.69
N PRO A 41 -3.38 13.49 5.65
CA PRO A 41 -3.87 12.16 6.00
C PRO A 41 -5.09 12.23 6.93
N LYS A 42 -5.96 11.23 6.86
CA LYS A 42 -7.15 11.19 7.70
C LYS A 42 -7.41 9.78 8.24
N ARG A 43 -7.79 8.86 7.36
CA ARG A 43 -8.14 7.51 7.79
C ARG A 43 -6.89 6.67 8.06
N LYS A 44 -6.87 5.99 9.20
CA LYS A 44 -5.74 5.13 9.55
C LYS A 44 -5.69 3.92 8.64
N VAL A 45 -4.50 3.63 8.14
CA VAL A 45 -4.28 2.53 7.23
C VAL A 45 -4.26 1.18 7.95
N ARG A 46 -5.09 0.25 7.49
CA ARG A 46 -5.04 -1.12 7.96
C ARG A 46 -4.87 -2.07 6.80
N VAL A 47 -3.89 -2.94 6.88
CA VAL A 47 -3.62 -3.88 5.81
C VAL A 47 -4.47 -5.13 5.95
N CYS A 48 -4.64 -5.84 4.85
CA CYS A 48 -5.38 -7.09 4.86
C CYS A 48 -4.62 -8.10 5.69
N GLU A 49 -5.35 -9.01 6.34
CA GLU A 49 -4.74 -10.00 7.22
C GLU A 49 -3.63 -10.79 6.53
N ASN A 50 -3.78 -10.97 5.22
CA ASN A 50 -2.77 -11.65 4.42
C ASN A 50 -1.44 -10.92 4.50
N CYS A 51 -1.51 -9.59 4.59
CA CYS A 51 -0.31 -8.78 4.77
C CYS A 51 -0.10 -8.46 6.24
N SER A 52 -0.43 -9.42 7.09
CA SER A 52 -0.24 -9.27 8.53
C SER A 52 0.25 -10.58 9.13
N PHE A 53 -0.37 -11.70 8.76
CA PHE A 53 0.07 -12.99 9.27
C PHE A 53 1.19 -13.60 8.40
N GLY A 54 1.32 -13.11 7.18
CA GLY A 54 2.33 -13.63 6.27
C GLY A 54 3.71 -13.06 6.53
N LYS A 55 4.52 -12.97 5.48
CA LYS A 55 5.87 -12.42 5.58
C LYS A 55 5.86 -10.89 5.53
N GLN A 56 4.85 -10.31 6.16
CA GLN A 56 4.71 -8.86 6.23
C GLN A 56 3.69 -8.50 7.28
N ALA A 57 3.96 -7.41 8.00
CA ALA A 57 3.10 -6.93 9.06
C ALA A 57 3.62 -5.60 9.57
N LYS A 58 4.91 -5.59 9.88
CA LYS A 58 5.59 -4.38 10.33
C LYS A 58 6.28 -3.71 9.17
N ASN A 59 6.66 -4.50 8.17
CA ASN A 59 7.38 -3.97 7.00
C ASN A 59 6.54 -2.93 6.29
N CYS A 60 7.21 -1.90 5.80
CA CYS A 60 6.59 -0.78 5.10
C CYS A 60 5.69 -1.26 3.98
N ILE A 61 4.51 -0.68 3.93
CA ILE A 61 3.49 -1.08 2.97
C ILE A 61 3.74 -0.52 1.58
N ILE A 62 4.43 0.61 1.50
CA ILE A 62 4.66 1.27 0.21
C ILE A 62 5.78 0.58 -0.59
N CYS A 63 6.92 0.33 0.03
CA CYS A 63 8.01 -0.31 -0.69
C CYS A 63 8.11 -1.78 -0.34
N ASN A 64 7.30 -2.22 0.65
CA ASN A 64 7.23 -3.63 1.09
C ASN A 64 8.50 -4.05 1.82
N LEU A 65 9.60 -3.52 1.33
CA LEU A 65 10.91 -3.99 1.67
C LEU A 65 11.39 -3.50 3.03
N ASN A 66 11.53 -2.18 3.15
CA ASN A 66 12.03 -1.57 4.37
C ASN A 66 11.02 -1.73 5.50
N VAL A 67 11.50 -1.83 6.73
CA VAL A 67 10.63 -1.98 7.89
C VAL A 67 9.93 -0.66 8.22
N GLY A 68 8.63 -0.75 8.52
CA GLY A 68 7.85 0.44 8.77
C GLY A 68 8.06 1.00 10.16
N VAL A 69 8.03 2.32 10.27
CA VAL A 69 8.20 2.98 11.56
C VAL A 69 6.94 3.73 11.98
N ASN A 70 6.37 4.52 11.07
CA ASN A 70 5.17 5.28 11.39
C ASN A 70 3.98 4.81 10.58
N ASP A 71 2.86 4.67 11.25
CA ASP A 71 1.62 4.16 10.65
C ASP A 71 1.14 5.10 9.56
N ALA A 72 0.76 4.51 8.43
CA ALA A 72 0.25 5.27 7.31
C ALA A 72 -1.20 5.70 7.53
N PHE A 73 -1.57 6.80 6.89
CA PHE A 73 -2.94 7.28 6.91
C PHE A 73 -3.36 7.67 5.50
N TYR A 74 -4.55 7.25 5.09
CA TYR A 74 -5.08 7.63 3.79
C TYR A 74 -5.35 9.12 3.78
N CYS A 75 -4.87 9.80 2.75
CA CYS A 75 -5.05 11.24 2.64
C CYS A 75 -6.51 11.60 2.40
N TRP A 76 -6.84 12.87 2.65
CA TRP A 76 -8.20 13.37 2.48
C TRP A 76 -8.74 13.03 1.09
N GLU A 77 -7.90 13.22 0.08
CA GLU A 77 -8.30 12.92 -1.30
C GLU A 77 -8.68 11.45 -1.46
N CYS A 78 -7.85 10.55 -0.95
CA CYS A 78 -8.13 9.11 -1.04
C CYS A 78 -9.34 8.74 -0.19
N CYS A 79 -9.47 9.37 0.97
CA CYS A 79 -10.61 9.11 1.85
C CYS A 79 -11.91 9.51 1.16
N ARG A 80 -11.90 10.66 0.50
CA ARG A 80 -13.06 11.14 -0.23
C ARG A 80 -13.43 10.19 -1.36
N LEU A 81 -12.42 9.70 -2.06
CA LEU A 81 -12.65 8.77 -3.16
C LEU A 81 -13.10 7.42 -2.64
N GLY A 82 -12.60 7.04 -1.47
CA GLY A 82 -13.01 5.80 -0.83
C GLY A 82 -11.95 4.73 -0.88
N LYS A 83 -10.70 5.15 -1.05
CA LYS A 83 -9.57 4.24 -1.09
C LYS A 83 -9.34 3.57 0.27
N ASP A 84 -9.78 4.23 1.32
CA ASP A 84 -9.66 3.69 2.67
C ASP A 84 -10.53 2.44 2.82
N LYS A 85 -11.74 2.51 2.32
CA LYS A 85 -12.67 1.38 2.38
C LYS A 85 -12.41 0.41 1.23
N ASP A 86 -11.57 0.81 0.28
CA ASP A 86 -11.18 -0.04 -0.84
C ASP A 86 -10.52 -1.31 -0.31
N GLY A 87 -9.54 -1.12 0.58
CA GLY A 87 -8.95 -2.27 1.23
C GLY A 87 -7.50 -2.07 1.61
N CYS A 88 -6.73 -3.13 1.41
CA CYS A 88 -5.33 -3.18 1.77
C CYS A 88 -4.47 -2.28 0.87
N PRO A 89 -3.82 -1.28 1.48
CA PRO A 89 -2.97 -0.33 0.74
C PRO A 89 -1.54 -0.82 0.56
N ARG A 90 -1.35 -2.12 0.58
CA ARG A 90 -0.04 -2.71 0.34
C ARG A 90 0.30 -2.62 -1.14
N ILE A 91 1.44 -2.03 -1.44
CA ILE A 91 1.79 -1.73 -2.83
C ILE A 91 2.30 -2.97 -3.57
N LEU A 92 1.50 -3.43 -4.51
CA LEU A 92 1.93 -4.46 -5.45
C LEU A 92 2.71 -3.79 -6.58
N ASN A 93 2.37 -2.51 -6.81
CA ASN A 93 3.07 -1.67 -7.78
C ASN A 93 4.54 -1.44 -7.36
N LEU A 94 5.06 -0.24 -7.62
CA LEU A 94 6.43 0.11 -7.25
C LEU A 94 6.56 1.63 -7.22
N GLY A 95 7.68 2.17 -7.67
CA GLY A 95 7.87 3.62 -7.66
C GLY A 95 6.87 4.33 -8.56
N SER A 96 6.75 3.89 -9.80
CA SER A 96 5.81 4.49 -10.75
C SER A 96 5.45 3.50 -11.84
N ASN A 97 4.14 3.26 -12.00
CA ASN A 97 3.62 2.35 -13.01
C ASN A 97 2.10 2.28 -12.90
N ARG A 98 1.48 3.46 -12.88
CA ARG A 98 0.03 3.55 -12.69
C ARG A 98 -0.49 4.91 -13.15
N LEU A 99 -1.49 5.44 -12.45
CA LEU A 99 -2.11 6.72 -12.80
C LEU A 99 -2.86 6.63 -14.12
N ASP A 100 -3.40 5.46 -14.41
CA ASP A 100 -4.22 5.28 -15.59
C ASP A 100 -5.61 5.86 -15.32
N ARG A 101 -6.10 6.68 -16.23
CA ARG A 101 -7.39 7.32 -16.06
C ARG A 101 -8.49 6.54 -16.75
N HIS A 102 -8.10 5.69 -17.69
CA HIS A 102 -9.06 4.84 -18.38
C HIS A 102 -8.64 3.39 -18.28
N PHE A 103 -8.32 2.96 -17.08
CA PHE A 103 -7.94 1.57 -16.83
C PHE A 103 -9.13 0.66 -17.10
N GLU A 104 -8.98 -0.21 -18.09
CA GLU A 104 -10.05 -1.12 -18.49
C GLU A 104 -9.46 -2.15 -19.43
N LYS A 105 -8.52 -2.92 -18.94
CA LYS A 105 -7.80 -3.87 -19.76
C LYS A 105 -8.17 -5.29 -19.36
N LYS A 106 -9.36 -5.71 -19.79
CA LYS A 106 -9.94 -7.01 -19.43
C LYS A 106 -10.44 -7.01 -17.98
N LYS A 107 -9.68 -6.39 -17.10
CA LYS A 107 -10.05 -6.29 -15.69
C LYS A 107 -9.85 -4.86 -15.20
N LYS A 108 -10.63 -4.47 -14.20
CA LYS A 108 -10.60 -3.11 -13.69
C LYS A 108 -11.00 -3.10 -12.21
N VAL A 109 -10.21 -2.41 -11.40
CA VAL A 109 -10.49 -2.29 -9.97
C VAL A 109 -11.41 -1.11 -9.72
ZN ZN B . -2.77 -7.20 1.64
ZN ZN C . 9.01 2.24 2.41
ZN ZN D . -3.88 9.66 -1.03
N GLY A 1 16.93 -8.69 -2.98
CA GLY A 1 15.59 -9.05 -3.49
C GLY A 1 14.66 -7.87 -3.52
N GLY A 2 13.98 -7.68 -4.64
CA GLY A 2 13.11 -6.53 -4.80
C GLY A 2 12.62 -6.40 -6.22
N SER A 3 11.92 -7.42 -6.71
CA SER A 3 11.45 -7.48 -8.08
C SER A 3 12.65 -7.50 -9.03
N SER A 4 12.61 -6.66 -10.06
CA SER A 4 13.71 -6.54 -11.01
C SER A 4 13.63 -5.19 -11.73
N ARG A 5 14.79 -4.59 -11.95
CA ARG A 5 14.91 -3.28 -12.60
C ARG A 5 14.31 -2.18 -11.71
N HIS A 6 13.00 -1.97 -11.80
CA HIS A 6 12.32 -1.04 -10.91
C HIS A 6 11.69 -1.80 -9.75
N GLN A 7 10.53 -1.34 -9.29
CA GLN A 7 9.77 -2.08 -8.29
C GLN A 7 8.85 -3.07 -9.00
N PHE A 8 8.74 -2.89 -10.33
CA PHE A 8 7.87 -3.70 -11.19
C PHE A 8 6.42 -3.22 -11.06
N ASP A 9 6.30 -1.96 -10.66
CA ASP A 9 5.01 -1.27 -10.57
C ASP A 9 3.98 -2.13 -9.84
N LEU A 10 4.33 -2.57 -8.63
CA LEU A 10 3.49 -3.49 -7.89
C LEU A 10 2.10 -2.92 -7.65
N ILE A 11 1.12 -3.81 -7.73
CA ILE A 11 -0.28 -3.45 -7.90
C ILE A 11 -1.05 -3.61 -6.58
N MET A 12 -0.44 -3.13 -5.52
CA MET A 12 -1.00 -3.20 -4.16
C MET A 12 -1.63 -4.55 -3.83
N CYS A 13 -2.32 -4.60 -2.71
CA CYS A 13 -2.90 -5.82 -2.20
C CYS A 13 -4.41 -5.71 -2.28
N LEU A 14 -4.92 -4.63 -1.68
CA LEU A 14 -6.32 -4.24 -1.73
C LEU A 14 -7.27 -5.39 -1.44
N LYS A 15 -6.84 -6.29 -0.56
CA LYS A 15 -7.72 -7.31 -0.04
C LYS A 15 -8.45 -6.76 1.16
N GLN A 16 -9.30 -7.56 1.78
CA GLN A 16 -10.07 -7.12 2.94
C GLN A 16 -9.15 -6.88 4.14
N PRO A 17 -9.07 -5.62 4.60
CA PRO A 17 -8.19 -5.22 5.70
C PRO A 17 -8.67 -5.70 7.05
N GLY A 18 -7.72 -6.08 7.90
CA GLY A 18 -8.05 -6.49 9.25
C GLY A 18 -8.06 -5.31 10.21
N VAL A 19 -7.42 -5.47 11.36
CA VAL A 19 -7.36 -4.41 12.35
C VAL A 19 -5.97 -3.78 12.38
N GLN A 20 -4.96 -4.55 11.99
CA GLN A 20 -3.57 -4.10 12.06
C GLN A 20 -3.33 -2.92 11.11
N THR A 21 -2.69 -1.89 11.63
CA THR A 21 -2.41 -0.69 10.87
C THR A 21 -1.14 -0.86 10.03
N GLY A 22 -1.17 -0.34 8.80
CA GLY A 22 -0.03 -0.46 7.91
C GLY A 22 1.12 0.46 8.29
N LEU A 23 2.33 -0.08 8.31
CA LEU A 23 3.52 0.68 8.70
C LEU A 23 4.27 1.25 7.49
N LEU A 24 4.81 2.44 7.66
CA LEU A 24 5.63 3.09 6.65
C LEU A 24 7.05 3.23 7.15
N CYS A 25 8.00 2.98 6.25
CA CYS A 25 9.40 3.26 6.55
C CYS A 25 9.57 4.76 6.52
N GLU A 26 10.54 5.27 7.28
CA GLU A 26 10.74 6.70 7.41
C GLU A 26 10.79 7.40 6.06
N LYS A 27 11.33 6.70 5.07
CA LYS A 27 11.51 7.27 3.75
C LYS A 27 10.19 7.44 2.99
N CYS A 28 9.18 6.63 3.30
CA CYS A 28 7.86 6.82 2.69
C CYS A 28 6.93 7.53 3.67
N ASP A 29 7.31 7.55 4.95
CA ASP A 29 6.44 8.06 6.01
C ASP A 29 5.92 9.46 5.67
N GLY A 30 4.61 9.54 5.51
CA GLY A 30 3.98 10.77 5.10
C GLY A 30 3.20 10.58 3.83
N LYS A 31 3.67 9.67 3.00
CA LYS A 31 3.01 9.35 1.74
C LYS A 31 1.72 8.58 1.96
N CYS A 32 0.65 9.09 1.36
CA CYS A 32 -0.59 8.36 1.28
C CYS A 32 -0.42 7.20 0.30
N PRO A 33 -0.60 5.96 0.75
CA PRO A 33 -0.37 4.76 -0.07
C PRO A 33 -1.10 4.81 -1.41
N ILE A 34 -2.29 5.37 -1.39
CA ILE A 34 -3.15 5.40 -2.57
C ILE A 34 -2.58 6.30 -3.69
N CYS A 35 -2.13 7.51 -3.34
CA CYS A 35 -1.73 8.47 -4.38
C CYS A 35 -0.25 8.87 -4.27
N ASP A 36 0.45 8.36 -3.26
CA ASP A 36 1.88 8.64 -3.07
C ASP A 36 2.11 10.14 -2.92
N SER A 37 1.64 10.70 -1.82
CA SER A 37 1.70 12.13 -1.60
C SER A 37 1.58 12.44 -0.11
N TYR A 38 2.31 13.44 0.34
CA TYR A 38 2.34 13.82 1.75
C TYR A 38 1.15 14.72 2.10
N VAL A 39 0.19 14.78 1.19
CA VAL A 39 -1.00 15.61 1.36
C VAL A 39 -1.79 15.16 2.60
N ARG A 40 -2.47 16.13 3.21
CA ARG A 40 -3.20 15.94 4.48
C ARG A 40 -3.90 14.58 4.57
N PRO A 41 -3.66 13.86 5.68
CA PRO A 41 -4.26 12.54 5.92
C PRO A 41 -5.73 12.61 6.31
N LYS A 42 -6.22 11.53 6.90
CA LYS A 42 -7.60 11.47 7.37
C LYS A 42 -7.81 10.26 8.27
N ARG A 43 -7.28 9.10 7.87
CA ARG A 43 -7.47 7.88 8.64
C ARG A 43 -6.31 6.90 8.40
N LYS A 44 -5.92 6.21 9.46
CA LYS A 44 -4.86 5.21 9.38
C LYS A 44 -5.25 4.06 8.45
N VAL A 45 -4.27 3.56 7.71
CA VAL A 45 -4.49 2.46 6.78
C VAL A 45 -4.44 1.12 7.51
N ARG A 46 -5.22 0.16 7.05
CA ARG A 46 -5.23 -1.16 7.66
C ARG A 46 -4.81 -2.22 6.65
N VAL A 47 -3.91 -3.09 7.08
CA VAL A 47 -3.46 -4.17 6.23
C VAL A 47 -4.37 -5.38 6.36
N CYS A 48 -4.54 -6.10 5.26
CA CYS A 48 -5.41 -7.26 5.25
C CYS A 48 -4.84 -8.36 6.14
N GLU A 49 -5.74 -9.18 6.67
CA GLU A 49 -5.38 -10.28 7.56
C GLU A 49 -4.30 -11.16 6.91
N ASN A 50 -4.40 -11.34 5.60
CA ASN A 50 -3.46 -12.16 4.84
C ASN A 50 -2.05 -11.59 4.85
N CYS A 51 -1.91 -10.30 5.13
CA CYS A 51 -0.59 -9.69 5.22
C CYS A 51 -0.04 -9.77 6.63
N SER A 52 -0.90 -9.53 7.62
CA SER A 52 -0.48 -9.40 8.99
C SER A 52 0.00 -10.73 9.57
N PHE A 53 -0.56 -11.82 9.10
CA PHE A 53 -0.26 -13.13 9.68
C PHE A 53 1.21 -13.51 9.54
N GLY A 54 1.89 -12.91 8.57
CA GLY A 54 3.32 -13.16 8.42
C GLY A 54 3.84 -12.86 7.04
N LYS A 55 4.86 -13.62 6.63
CA LYS A 55 5.57 -13.52 5.34
C LYS A 55 6.10 -12.12 5.02
N GLN A 56 5.23 -11.12 4.92
CA GLN A 56 5.66 -9.75 4.63
C GLN A 56 4.57 -8.74 5.00
N ALA A 57 4.87 -7.89 5.97
CA ALA A 57 3.92 -6.87 6.43
C ALA A 57 4.63 -5.83 7.28
N LYS A 58 5.62 -6.30 8.06
CA LYS A 58 6.39 -5.42 8.92
C LYS A 58 7.21 -4.46 8.10
N ASN A 59 7.59 -4.89 6.90
CA ASN A 59 8.24 -3.99 5.97
C ASN A 59 7.22 -3.00 5.45
N CYS A 60 7.67 -1.76 5.35
CA CYS A 60 6.85 -0.64 4.93
C CYS A 60 5.96 -0.99 3.75
N ILE A 61 4.68 -0.75 3.93
CA ILE A 61 3.66 -1.18 2.98
C ILE A 61 3.85 -0.56 1.59
N ILE A 62 4.36 0.65 1.52
CA ILE A 62 4.49 1.36 0.25
C ILE A 62 5.66 0.83 -0.60
N CYS A 63 6.82 0.61 0.00
CA CYS A 63 7.97 0.15 -0.79
C CYS A 63 8.23 -1.34 -0.57
N ASN A 64 7.50 -1.93 0.39
CA ASN A 64 7.62 -3.37 0.72
C ASN A 64 9.05 -3.85 0.73
N LEU A 65 9.89 -3.14 1.47
CA LEU A 65 11.30 -3.47 1.53
C LEU A 65 11.90 -2.96 2.83
N ASN A 66 11.93 -1.64 2.95
CA ASN A 66 12.40 -0.99 4.17
C ASN A 66 11.39 -1.21 5.28
N VAL A 67 11.87 -1.48 6.49
CA VAL A 67 10.97 -1.78 7.60
C VAL A 67 10.12 -0.56 8.00
N GLY A 68 8.84 -0.79 8.24
CA GLY A 68 7.94 0.29 8.59
C GLY A 68 8.09 0.71 10.04
N VAL A 69 7.99 2.00 10.28
CA VAL A 69 8.13 2.53 11.63
C VAL A 69 6.86 3.25 12.09
N ASN A 70 6.29 4.10 11.24
CA ASN A 70 5.08 4.83 11.60
C ASN A 70 3.92 4.44 10.69
N ASP A 71 2.73 4.46 11.25
CA ASP A 71 1.53 4.04 10.51
C ASP A 71 1.23 4.99 9.35
N ALA A 72 0.77 4.42 8.25
CA ALA A 72 0.35 5.18 7.09
C ALA A 72 -1.06 5.72 7.28
N PHE A 73 -1.37 6.80 6.58
CA PHE A 73 -2.70 7.37 6.61
C PHE A 73 -3.23 7.56 5.20
N TYR A 74 -4.50 7.22 5.00
CA TYR A 74 -5.18 7.57 3.75
C TYR A 74 -5.40 9.08 3.73
N CYS A 75 -4.94 9.74 2.68
CA CYS A 75 -5.09 11.19 2.60
C CYS A 75 -6.55 11.56 2.38
N TRP A 76 -6.91 12.75 2.83
CA TRP A 76 -8.28 13.25 2.74
C TRP A 76 -8.81 13.14 1.32
N GLU A 77 -7.99 13.52 0.35
CA GLU A 77 -8.39 13.48 -1.05
C GLU A 77 -8.84 12.09 -1.47
N CYS A 78 -8.08 11.06 -1.11
CA CYS A 78 -8.45 9.69 -1.44
C CYS A 78 -9.61 9.22 -0.57
N CYS A 79 -9.60 9.62 0.69
CA CYS A 79 -10.63 9.18 1.64
C CYS A 79 -12.00 9.75 1.28
N ARG A 80 -12.01 11.01 0.85
CA ARG A 80 -13.26 11.67 0.47
C ARG A 80 -13.89 10.98 -0.74
N LEU A 81 -13.03 10.57 -1.67
CA LEU A 81 -13.48 9.80 -2.82
C LEU A 81 -13.90 8.40 -2.39
N GLY A 82 -13.24 7.90 -1.36
CA GLY A 82 -13.60 6.62 -0.80
C GLY A 82 -12.69 5.49 -1.23
N LYS A 83 -11.39 5.76 -1.27
CA LYS A 83 -10.44 4.73 -1.60
C LYS A 83 -9.87 4.09 -0.34
N ASP A 84 -10.37 4.55 0.80
CA ASP A 84 -10.05 3.91 2.08
C ASP A 84 -10.75 2.55 2.15
N LYS A 85 -11.83 2.42 1.38
CA LYS A 85 -12.60 1.18 1.34
C LYS A 85 -12.17 0.31 0.17
N ASP A 86 -11.08 0.68 -0.50
CA ASP A 86 -10.54 -0.14 -1.59
C ASP A 86 -9.99 -1.43 -1.01
N GLY A 87 -8.94 -1.31 -0.22
CA GLY A 87 -8.47 -2.43 0.55
C GLY A 87 -7.11 -2.21 1.16
N CYS A 88 -6.43 -3.32 1.40
CA CYS A 88 -5.10 -3.37 1.99
C CYS A 88 -4.09 -2.55 1.17
N PRO A 89 -3.56 -1.46 1.76
CA PRO A 89 -2.63 -0.55 1.08
C PRO A 89 -1.20 -1.10 0.98
N ARG A 90 -1.07 -2.40 1.18
CA ARG A 90 0.19 -3.08 0.93
C ARG A 90 0.47 -3.09 -0.55
N ILE A 91 1.70 -2.81 -0.97
CA ILE A 91 2.03 -2.85 -2.39
C ILE A 91 2.55 -4.22 -2.81
N LEU A 92 1.85 -4.89 -3.76
CA LEU A 92 2.26 -6.22 -4.19
C LEU A 92 1.83 -6.57 -5.62
N ASN A 93 0.51 -6.63 -5.87
CA ASN A 93 -0.05 -7.09 -7.17
C ASN A 93 -1.56 -7.27 -7.05
N LEU A 94 -2.29 -7.17 -8.16
CA LEU A 94 -3.74 -7.34 -8.12
C LEU A 94 -4.32 -7.68 -9.49
N GLY A 95 -3.62 -7.30 -10.55
CA GLY A 95 -4.13 -7.51 -11.89
C GLY A 95 -5.22 -6.52 -12.23
N SER A 96 -5.04 -5.29 -11.75
CA SER A 96 -6.00 -4.23 -11.95
C SER A 96 -5.38 -2.89 -11.58
N ASN A 97 -4.15 -2.67 -12.03
CA ASN A 97 -3.45 -1.44 -11.71
C ASN A 97 -4.09 -0.26 -12.43
N ARG A 98 -4.41 0.77 -11.68
CA ARG A 98 -5.02 1.98 -12.22
C ARG A 98 -4.52 3.19 -11.46
N LEU A 99 -5.43 3.97 -10.86
CA LEU A 99 -5.08 5.17 -10.09
C LEU A 99 -4.64 6.31 -10.99
N ASP A 100 -5.06 7.52 -10.65
CA ASP A 100 -4.73 8.71 -11.44
C ASP A 100 -4.16 9.81 -10.54
N ARG A 101 -3.05 9.50 -9.89
CA ARG A 101 -2.37 10.46 -9.05
C ARG A 101 -1.79 11.59 -9.90
N HIS A 102 -1.92 12.82 -9.41
CA HIS A 102 -1.43 13.97 -10.14
C HIS A 102 -1.16 15.13 -9.19
N PHE A 103 -0.40 14.84 -8.14
CA PHE A 103 0.00 15.86 -7.19
C PHE A 103 1.42 16.32 -7.50
N GLU A 104 1.70 16.50 -8.79
CA GLU A 104 3.04 16.86 -9.23
C GLU A 104 3.17 18.37 -9.42
N LYS A 105 2.50 19.12 -8.56
CA LYS A 105 2.61 20.58 -8.57
C LYS A 105 3.66 21.00 -7.55
N LYS A 106 3.75 22.29 -7.25
CA LYS A 106 4.65 22.75 -6.21
C LYS A 106 4.13 22.26 -4.85
N LYS A 107 2.81 22.19 -4.75
CA LYS A 107 2.18 21.60 -3.58
C LYS A 107 2.20 20.08 -3.67
N LYS A 108 2.65 19.44 -2.61
CA LYS A 108 2.67 17.99 -2.53
C LYS A 108 2.74 17.57 -1.08
N VAL A 109 3.48 18.36 -0.34
CA VAL A 109 3.56 18.22 1.11
C VAL A 109 2.65 19.25 1.78
ZN ZN B . -2.64 -7.42 2.23
ZN ZN C . 8.93 2.68 2.44
ZN ZN D . -4.14 9.99 -1.32
N GLY A 1 0.11 -11.35 -8.28
CA GLY A 1 -0.68 -11.29 -9.54
C GLY A 1 -0.84 -9.87 -10.03
N GLY A 2 -0.85 -9.70 -11.35
CA GLY A 2 -0.98 -8.37 -11.92
C GLY A 2 -0.78 -8.38 -13.42
N SER A 3 0.12 -9.24 -13.88
CA SER A 3 0.42 -9.39 -15.30
C SER A 3 0.92 -8.08 -15.90
N SER A 4 1.58 -7.28 -15.09
CA SER A 4 2.19 -6.01 -15.52
C SER A 4 1.18 -5.09 -16.21
N ARG A 5 -0.07 -5.16 -15.78
CA ARG A 5 -1.14 -4.35 -16.34
C ARG A 5 -1.02 -2.91 -15.84
N HIS A 6 -1.32 -1.96 -16.72
CA HIS A 6 -1.30 -0.54 -16.38
C HIS A 6 -2.53 -0.16 -15.55
N GLN A 7 -2.73 -0.86 -14.45
CA GLN A 7 -3.85 -0.58 -13.57
C GLN A 7 -3.67 0.78 -12.91
N PHE A 8 -4.76 1.50 -12.69
CA PHE A 8 -4.72 2.84 -12.11
C PHE A 8 -4.30 2.80 -10.65
N ASP A 9 -3.02 2.51 -10.46
CA ASP A 9 -2.42 2.32 -9.14
C ASP A 9 -3.14 1.24 -8.36
N LEU A 10 -3.73 0.32 -9.10
CA LEU A 10 -4.37 -0.84 -8.50
C LEU A 10 -3.37 -1.96 -8.39
N ILE A 11 -2.20 -1.61 -7.90
CA ILE A 11 -1.11 -2.56 -7.69
C ILE A 11 -0.94 -2.73 -6.19
N MET A 12 -1.94 -2.21 -5.52
CA MET A 12 -2.08 -2.42 -4.09
C MET A 12 -3.00 -3.59 -3.80
N CYS A 13 -2.65 -4.27 -2.72
CA CYS A 13 -3.27 -5.49 -2.27
C CYS A 13 -4.81 -5.43 -2.31
N LEU A 14 -5.35 -4.46 -1.57
CA LEU A 14 -6.78 -4.18 -1.51
C LEU A 14 -7.63 -5.41 -1.21
N LYS A 15 -7.07 -6.33 -0.42
CA LYS A 15 -7.84 -7.44 0.12
C LYS A 15 -8.63 -6.95 1.33
N GLN A 16 -9.35 -7.86 1.98
CA GLN A 16 -10.10 -7.51 3.19
C GLN A 16 -9.13 -7.16 4.32
N PRO A 17 -9.15 -5.92 4.78
CA PRO A 17 -8.24 -5.43 5.82
C PRO A 17 -8.59 -5.94 7.20
N GLY A 18 -7.58 -6.29 7.98
CA GLY A 18 -7.78 -6.64 9.36
C GLY A 18 -7.73 -5.41 10.24
N VAL A 19 -7.20 -5.57 11.45
CA VAL A 19 -7.04 -4.45 12.36
C VAL A 19 -5.58 -4.02 12.43
N GLN A 20 -4.72 -4.80 11.77
CA GLN A 20 -3.29 -4.52 11.74
C GLN A 20 -3.03 -3.16 11.09
N THR A 21 -2.25 -2.34 11.74
CA THR A 21 -1.96 -1.00 11.25
C THR A 21 -0.91 -1.02 10.14
N GLY A 22 -1.14 -0.23 9.09
CA GLY A 22 -0.19 -0.17 8.00
C GLY A 22 1.00 0.69 8.31
N LEU A 23 2.19 0.13 8.16
CA LEU A 23 3.43 0.82 8.50
C LEU A 23 4.13 1.42 7.29
N LEU A 24 4.75 2.56 7.50
CA LEU A 24 5.58 3.20 6.49
C LEU A 24 7.02 3.20 6.95
N CYS A 25 7.93 2.82 6.06
CA CYS A 25 9.34 2.94 6.35
C CYS A 25 9.71 4.41 6.30
N GLU A 26 10.80 4.79 6.96
CA GLU A 26 11.23 6.19 7.01
C GLU A 26 11.33 6.81 5.61
N LYS A 27 11.60 5.97 4.62
CA LYS A 27 11.75 6.43 3.24
C LYS A 27 10.41 6.77 2.58
N CYS A 28 9.32 6.20 3.07
CA CYS A 28 8.00 6.52 2.53
C CYS A 28 7.13 7.11 3.63
N ASP A 29 7.78 7.58 4.68
CA ASP A 29 7.07 8.12 5.83
C ASP A 29 6.36 9.43 5.47
N GLY A 30 5.08 9.49 5.79
CA GLY A 30 4.30 10.68 5.55
C GLY A 30 3.54 10.62 4.24
N LYS A 31 4.02 9.77 3.33
CA LYS A 31 3.40 9.62 2.02
C LYS A 31 2.10 8.83 2.13
N CYS A 32 1.05 9.33 1.48
CA CYS A 32 -0.20 8.60 1.38
C CYS A 32 -0.01 7.41 0.44
N PRO A 33 -0.25 6.19 0.94
CA PRO A 33 -0.03 4.96 0.15
C PRO A 33 -0.84 4.92 -1.14
N ILE A 34 -2.04 5.48 -1.09
CA ILE A 34 -2.96 5.42 -2.22
C ILE A 34 -2.47 6.26 -3.41
N CYS A 35 -2.06 7.50 -3.14
CA CYS A 35 -1.81 8.44 -4.23
C CYS A 35 -0.39 8.99 -4.23
N ASP A 36 0.38 8.69 -3.19
CA ASP A 36 1.74 9.24 -3.04
C ASP A 36 1.69 10.76 -2.96
N SER A 37 1.34 11.26 -1.78
CA SER A 37 1.16 12.69 -1.57
C SER A 37 1.24 13.02 -0.08
N TYR A 38 1.81 14.17 0.24
CA TYR A 38 1.94 14.62 1.63
C TYR A 38 0.78 15.54 2.02
N VAL A 39 -0.36 15.38 1.38
CA VAL A 39 -1.53 16.19 1.75
C VAL A 39 -2.14 15.64 3.03
N ARG A 40 -3.08 16.39 3.63
CA ARG A 40 -3.63 16.06 4.94
C ARG A 40 -4.09 14.61 5.03
N PRO A 41 -3.64 13.90 6.07
CA PRO A 41 -4.11 12.55 6.38
C PRO A 41 -5.52 12.59 6.95
N LYS A 42 -6.24 11.48 6.87
CA LYS A 42 -7.63 11.46 7.29
C LYS A 42 -7.99 10.14 7.97
N ARG A 43 -7.66 9.02 7.33
CA ARG A 43 -8.00 7.72 7.86
C ARG A 43 -6.77 6.86 8.07
N LYS A 44 -6.65 6.26 9.24
CA LYS A 44 -5.51 5.39 9.55
C LYS A 44 -5.57 4.12 8.72
N VAL A 45 -4.42 3.73 8.20
CA VAL A 45 -4.31 2.58 7.33
C VAL A 45 -4.38 1.27 8.12
N ARG A 46 -5.18 0.33 7.62
CA ARG A 46 -5.19 -1.03 8.15
C ARG A 46 -4.90 -2.01 7.03
N VAL A 47 -3.97 -2.91 7.26
CA VAL A 47 -3.58 -3.89 6.26
C VAL A 47 -4.38 -5.18 6.38
N CYS A 48 -4.49 -5.90 5.29
CA CYS A 48 -5.22 -7.17 5.28
C CYS A 48 -4.49 -8.19 6.14
N GLU A 49 -5.26 -9.10 6.70
CA GLU A 49 -4.73 -10.14 7.58
C GLU A 49 -3.57 -10.90 6.92
N ASN A 50 -3.72 -11.17 5.62
CA ASN A 50 -2.72 -11.93 4.85
C ASN A 50 -1.33 -11.30 4.94
N CYS A 51 -1.27 -9.99 4.79
CA CYS A 51 0.01 -9.28 4.81
C CYS A 51 0.69 -9.33 6.18
N SER A 52 -0.11 -9.51 7.22
CA SER A 52 0.42 -9.49 8.57
C SER A 52 0.90 -10.86 9.01
N PHE A 53 0.07 -11.89 8.84
CA PHE A 53 0.46 -13.23 9.25
C PHE A 53 1.62 -13.72 8.38
N GLY A 54 1.77 -13.11 7.21
CA GLY A 54 2.91 -13.37 6.36
C GLY A 54 4.19 -12.79 6.94
N LYS A 55 5.32 -13.36 6.58
CA LYS A 55 6.62 -12.97 7.12
C LYS A 55 6.87 -11.45 7.04
N GLN A 56 6.42 -10.83 5.96
CA GLN A 56 6.57 -9.38 5.78
C GLN A 56 5.52 -8.60 6.58
N ALA A 57 5.36 -8.93 7.84
CA ALA A 57 4.31 -8.34 8.67
C ALA A 57 4.53 -6.85 8.91
N LYS A 58 5.69 -6.49 9.42
CA LYS A 58 5.93 -5.12 9.87
C LYS A 58 6.66 -4.29 8.82
N ASN A 59 6.68 -4.75 7.59
CA ASN A 59 7.34 -3.99 6.54
C ASN A 59 6.43 -2.92 5.96
N CYS A 60 7.08 -1.89 5.43
CA CYS A 60 6.44 -0.74 4.84
C CYS A 60 5.43 -1.15 3.78
N ILE A 61 4.28 -0.52 3.80
CA ILE A 61 3.20 -0.87 2.90
C ILE A 61 3.44 -0.32 1.49
N ILE A 62 4.07 0.84 1.42
CA ILE A 62 4.32 1.49 0.13
C ILE A 62 5.40 0.79 -0.67
N CYS A 63 6.54 0.49 -0.06
CA CYS A 63 7.61 -0.16 -0.78
C CYS A 63 7.78 -1.61 -0.35
N ASN A 64 6.79 -2.10 0.40
CA ASN A 64 6.61 -3.53 0.80
C ASN A 64 7.80 -4.21 1.49
N LEU A 65 9.03 -3.92 1.10
CA LEU A 65 10.17 -4.69 1.61
C LEU A 65 10.83 -4.08 2.85
N ASN A 66 11.10 -2.78 2.82
CA ASN A 66 11.74 -2.10 3.95
C ASN A 66 10.80 -2.07 5.14
N VAL A 67 11.33 -2.37 6.33
CA VAL A 67 10.51 -2.39 7.55
C VAL A 67 9.87 -1.03 7.83
N GLY A 68 8.59 -1.06 8.17
CA GLY A 68 7.85 0.15 8.44
C GLY A 68 7.99 0.60 9.87
N VAL A 69 8.02 1.91 10.08
CA VAL A 69 8.22 2.46 11.41
C VAL A 69 7.03 3.32 11.85
N ASN A 70 6.51 4.16 10.95
CA ASN A 70 5.38 5.01 11.30
C ASN A 70 4.14 4.62 10.53
N ASP A 71 2.99 4.64 11.20
CA ASP A 71 1.73 4.24 10.60
C ASP A 71 1.33 5.18 9.47
N ALA A 72 0.84 4.60 8.40
CA ALA A 72 0.36 5.37 7.26
C ALA A 72 -1.07 5.83 7.49
N PHE A 73 -1.43 6.92 6.83
CA PHE A 73 -2.79 7.41 6.84
C PHE A 73 -3.24 7.72 5.43
N TYR A 74 -4.45 7.29 5.08
CA TYR A 74 -5.04 7.65 3.81
C TYR A 74 -5.35 9.14 3.83
N CYS A 75 -4.89 9.85 2.83
CA CYS A 75 -5.07 11.30 2.80
C CYS A 75 -6.52 11.65 2.54
N TRP A 76 -6.89 12.86 2.95
CA TRP A 76 -8.26 13.37 2.84
C TRP A 76 -8.91 13.02 1.51
N GLU A 77 -8.30 13.48 0.43
CA GLU A 77 -8.90 13.35 -0.88
C GLU A 77 -9.11 11.90 -1.28
N CYS A 78 -8.19 11.01 -0.88
CA CYS A 78 -8.36 9.58 -1.13
C CYS A 78 -9.58 9.03 -0.40
N CYS A 79 -9.84 9.55 0.78
CA CYS A 79 -11.02 9.16 1.56
C CYS A 79 -12.28 9.71 0.90
N ARG A 80 -12.18 10.93 0.38
CA ARG A 80 -13.27 11.56 -0.36
C ARG A 80 -13.56 10.73 -1.61
N LEU A 81 -12.51 10.41 -2.35
CA LEU A 81 -12.60 9.58 -3.56
C LEU A 81 -13.16 8.20 -3.26
N GLY A 82 -12.87 7.70 -2.08
CA GLY A 82 -13.27 6.36 -1.73
C GLY A 82 -12.32 5.33 -2.32
N LYS A 83 -11.03 5.60 -2.21
CA LYS A 83 -10.02 4.68 -2.69
C LYS A 83 -9.53 3.81 -1.54
N ASP A 84 -9.55 4.38 -0.34
CA ASP A 84 -9.14 3.68 0.87
C ASP A 84 -10.09 2.52 1.19
N LYS A 85 -11.35 2.69 0.83
CA LYS A 85 -12.38 1.70 1.15
C LYS A 85 -12.10 0.37 0.46
N ASP A 86 -11.28 0.38 -0.58
CA ASP A 86 -11.00 -0.83 -1.34
C ASP A 86 -10.27 -1.85 -0.46
N GLY A 87 -9.31 -1.37 0.31
CA GLY A 87 -8.71 -2.23 1.31
C GLY A 87 -7.24 -1.99 1.56
N CYS A 88 -6.51 -3.10 1.66
CA CYS A 88 -5.09 -3.13 2.02
C CYS A 88 -4.22 -2.34 1.03
N PRO A 89 -3.61 -1.23 1.47
CA PRO A 89 -2.80 -0.36 0.62
C PRO A 89 -1.34 -0.79 0.51
N ARG A 90 -1.11 -2.08 0.34
CA ARG A 90 0.25 -2.59 0.13
C ARG A 90 0.52 -2.82 -1.34
N ILE A 91 1.60 -2.26 -1.84
CA ILE A 91 2.00 -2.46 -3.23
C ILE A 91 2.56 -3.87 -3.42
N LEU A 92 1.87 -4.70 -4.18
CA LEU A 92 2.30 -6.09 -4.37
C LEU A 92 1.73 -6.75 -5.64
N ASN A 93 0.92 -6.02 -6.41
CA ASN A 93 0.40 -6.59 -7.66
C ASN A 93 1.46 -6.51 -8.75
N LEU A 94 1.17 -5.79 -9.83
CA LEU A 94 2.10 -5.66 -10.94
C LEU A 94 1.58 -4.63 -11.93
N GLY A 95 2.41 -3.67 -12.27
CA GLY A 95 2.02 -2.62 -13.19
C GLY A 95 3.12 -1.63 -13.44
N SER A 96 2.77 -0.36 -13.52
CA SER A 96 3.75 0.69 -13.77
C SER A 96 4.68 0.85 -12.55
N ASN A 97 5.95 0.56 -12.78
CA ASN A 97 7.01 0.65 -11.77
C ASN A 97 8.29 0.16 -12.40
N ARG A 98 8.12 -0.91 -13.16
CA ARG A 98 9.17 -1.44 -14.00
C ARG A 98 8.51 -1.93 -15.28
N LEU A 99 9.21 -1.80 -16.40
CA LEU A 99 8.70 -2.26 -17.71
C LEU A 99 9.63 -1.83 -18.83
N ASP A 100 10.43 -0.80 -18.55
CA ASP A 100 11.34 -0.23 -19.53
C ASP A 100 10.55 0.32 -20.72
N ARG A 101 9.51 1.08 -20.40
CA ARG A 101 8.62 1.65 -21.40
C ARG A 101 8.08 3.00 -20.90
N HIS A 102 6.85 3.32 -21.29
CA HIS A 102 6.18 4.54 -20.85
C HIS A 102 7.01 5.77 -21.19
N PHE A 103 7.68 5.73 -22.35
CA PHE A 103 8.52 6.83 -22.83
C PHE A 103 9.83 6.95 -22.03
N GLU A 104 9.78 6.54 -20.76
CA GLU A 104 10.93 6.65 -19.86
C GLU A 104 12.18 5.98 -20.43
N LYS A 105 13.30 6.70 -20.36
CA LYS A 105 14.61 6.25 -20.85
C LYS A 105 14.65 6.21 -22.38
N LYS A 106 13.68 5.58 -22.98
CA LYS A 106 13.60 5.44 -24.44
C LYS A 106 13.11 6.72 -25.09
N LYS A 107 12.18 6.59 -26.02
CA LYS A 107 11.64 7.75 -26.74
C LYS A 107 10.41 7.33 -27.53
N LYS A 108 9.81 8.29 -28.22
CA LYS A 108 8.63 8.04 -29.03
C LYS A 108 8.65 8.95 -30.25
N VAL A 109 8.51 8.37 -31.42
CA VAL A 109 8.56 9.14 -32.66
C VAL A 109 7.30 10.00 -32.82
ZN ZN B . -2.55 -7.16 2.11
ZN ZN C . 8.89 2.36 2.25
ZN ZN D . -4.02 10.02 -1.02
N GLY A 1 14.52 -14.68 1.86
CA GLY A 1 14.25 -15.00 0.44
C GLY A 1 14.86 -13.97 -0.50
N GLY A 2 14.05 -13.50 -1.45
CA GLY A 2 14.53 -12.50 -2.39
C GLY A 2 13.45 -12.10 -3.37
N SER A 3 13.80 -12.05 -4.64
CA SER A 3 12.84 -11.73 -5.69
C SER A 3 12.21 -13.01 -6.25
N SER A 4 11.95 -13.96 -5.36
CA SER A 4 11.38 -15.25 -5.75
C SER A 4 9.86 -15.17 -5.89
N ARG A 5 9.41 -14.13 -6.60
CA ARG A 5 7.98 -13.96 -6.84
C ARG A 5 7.77 -13.39 -8.24
N HIS A 6 6.91 -14.04 -9.02
CA HIS A 6 6.61 -13.57 -10.36
C HIS A 6 5.48 -12.55 -10.34
N GLN A 7 4.46 -12.87 -9.55
CA GLN A 7 3.29 -12.00 -9.36
C GLN A 7 2.46 -11.86 -10.64
N PHE A 8 1.18 -12.12 -10.50
CA PHE A 8 0.24 -11.91 -11.58
C PHE A 8 -1.00 -11.23 -11.02
N ASP A 9 -0.80 -10.55 -9.93
CA ASP A 9 -1.80 -9.68 -9.39
C ASP A 9 -1.59 -8.30 -10.00
N LEU A 10 -0.35 -7.86 -9.89
CA LEU A 10 0.13 -6.63 -10.53
C LEU A 10 -0.78 -5.44 -10.27
N ILE A 11 -0.73 -4.92 -9.03
CA ILE A 11 -1.55 -3.83 -8.57
C ILE A 11 -1.18 -3.46 -7.16
N MET A 12 -1.96 -2.57 -6.59
CA MET A 12 -1.96 -2.37 -5.15
C MET A 12 -2.72 -3.54 -4.53
N CYS A 13 -2.26 -4.03 -3.37
CA CYS A 13 -2.80 -5.26 -2.76
C CYS A 13 -4.32 -5.28 -2.78
N LEU A 14 -4.92 -4.22 -2.25
CA LEU A 14 -6.34 -3.96 -2.35
C LEU A 14 -7.23 -5.19 -2.16
N LYS A 15 -6.86 -6.04 -1.19
CA LYS A 15 -7.71 -7.17 -0.82
C LYS A 15 -8.85 -6.68 0.09
N GLN A 16 -9.08 -7.42 1.17
CA GLN A 16 -10.03 -7.00 2.19
C GLN A 16 -9.26 -6.62 3.45
N PRO A 17 -9.32 -5.35 3.86
CA PRO A 17 -8.56 -4.84 5.02
C PRO A 17 -8.82 -5.62 6.31
N GLY A 18 -7.74 -5.93 7.02
CA GLY A 18 -7.85 -6.61 8.28
C GLY A 18 -7.89 -5.66 9.46
N VAL A 19 -7.15 -5.99 10.50
CA VAL A 19 -7.17 -5.21 11.73
C VAL A 19 -5.86 -4.47 11.99
N GLN A 20 -4.77 -4.96 11.44
CA GLN A 20 -3.45 -4.40 11.73
C GLN A 20 -3.17 -3.15 10.90
N THR A 21 -2.59 -2.14 11.56
CA THR A 21 -2.28 -0.87 10.94
C THR A 21 -1.00 -0.96 10.09
N GLY A 22 -1.02 -0.36 8.91
CA GLY A 22 0.11 -0.42 8.00
C GLY A 22 1.26 0.50 8.41
N LEU A 23 2.47 -0.03 8.39
CA LEU A 23 3.66 0.73 8.74
C LEU A 23 4.35 1.30 7.50
N LEU A 24 4.97 2.47 7.68
CA LEU A 24 5.76 3.09 6.63
C LEU A 24 7.20 3.23 7.09
N CYS A 25 8.13 2.83 6.21
CA CYS A 25 9.53 3.05 6.45
C CYS A 25 9.81 4.54 6.29
N GLU A 26 10.89 5.02 6.87
CA GLU A 26 11.20 6.45 6.84
C GLU A 26 11.27 6.97 5.41
N LYS A 27 11.62 6.10 4.48
CA LYS A 27 11.72 6.45 3.08
C LYS A 27 10.35 6.69 2.42
N CYS A 28 9.29 6.09 2.98
CA CYS A 28 7.94 6.33 2.48
C CYS A 28 7.08 6.94 3.59
N ASP A 29 7.76 7.47 4.60
CA ASP A 29 7.08 7.98 5.79
C ASP A 29 6.24 9.21 5.47
N GLY A 30 5.01 9.20 5.93
CA GLY A 30 4.11 10.33 5.72
C GLY A 30 3.36 10.23 4.41
N LYS A 31 3.95 9.56 3.43
CA LYS A 31 3.33 9.40 2.12
C LYS A 31 2.07 8.54 2.21
N CYS A 32 0.99 9.01 1.61
CA CYS A 32 -0.23 8.22 1.51
C CYS A 32 -0.01 7.07 0.53
N PRO A 33 -0.12 5.82 1.01
CA PRO A 33 0.19 4.62 0.20
C PRO A 33 -0.61 4.54 -1.10
N ILE A 34 -1.88 4.91 -1.00
CA ILE A 34 -2.80 4.78 -2.12
C ILE A 34 -2.36 5.62 -3.32
N CYS A 35 -1.97 6.87 -3.07
CA CYS A 35 -1.76 7.80 -4.18
C CYS A 35 -0.32 8.32 -4.24
N ASP A 36 0.44 8.16 -3.15
CA ASP A 36 1.79 8.72 -3.04
C ASP A 36 1.72 10.24 -3.01
N SER A 37 1.35 10.76 -1.85
CA SER A 37 1.13 12.19 -1.68
C SER A 37 0.93 12.52 -0.19
N TYR A 38 1.40 13.69 0.23
CA TYR A 38 1.23 14.13 1.62
C TYR A 38 0.02 15.05 1.73
N VAL A 39 -0.98 14.83 0.90
CA VAL A 39 -2.12 15.73 0.83
C VAL A 39 -3.10 15.52 2.01
N ARG A 40 -2.61 15.93 3.17
CA ARG A 40 -3.37 15.91 4.43
C ARG A 40 -3.84 14.50 4.83
N PRO A 41 -3.27 13.96 5.91
CA PRO A 41 -3.69 12.65 6.46
C PRO A 41 -5.10 12.69 7.04
N LYS A 42 -5.83 11.60 6.87
CA LYS A 42 -7.24 11.58 7.26
C LYS A 42 -7.56 10.37 8.15
N ARG A 43 -7.14 9.19 7.75
CA ARG A 43 -7.47 7.96 8.47
C ARG A 43 -6.28 7.01 8.53
N LYS A 44 -6.13 6.30 9.64
CA LYS A 44 -5.07 5.31 9.77
C LYS A 44 -5.22 4.18 8.76
N VAL A 45 -4.11 3.78 8.19
CA VAL A 45 -4.08 2.74 7.18
C VAL A 45 -4.30 1.35 7.80
N ARG A 46 -5.19 0.58 7.21
CA ARG A 46 -5.41 -0.80 7.62
C ARG A 46 -4.96 -1.74 6.51
N VAL A 47 -4.07 -2.66 6.82
CA VAL A 47 -3.62 -3.64 5.84
C VAL A 47 -4.48 -4.88 5.91
N CYS A 48 -4.61 -5.57 4.78
CA CYS A 48 -5.43 -6.77 4.70
C CYS A 48 -4.85 -7.82 5.63
N GLU A 49 -5.72 -8.68 6.15
CA GLU A 49 -5.33 -9.70 7.12
C GLU A 49 -4.15 -10.52 6.59
N ASN A 50 -4.11 -10.74 5.27
CA ASN A 50 -3.03 -11.47 4.63
C ASN A 50 -1.69 -10.80 4.90
N CYS A 51 -1.65 -9.48 4.74
CA CYS A 51 -0.43 -8.72 5.02
C CYS A 51 -0.19 -8.58 6.51
N SER A 52 -1.21 -8.87 7.32
CA SER A 52 -1.10 -8.67 8.75
C SER A 52 -0.47 -9.88 9.44
N PHE A 53 -0.91 -11.09 9.07
CA PHE A 53 -0.36 -12.30 9.67
C PHE A 53 0.94 -12.69 9.00
N GLY A 54 1.15 -12.19 7.79
CA GLY A 54 2.39 -12.43 7.09
C GLY A 54 3.55 -11.69 7.70
N LYS A 55 4.76 -12.16 7.42
CA LYS A 55 5.98 -11.52 7.92
C LYS A 55 6.09 -10.11 7.35
N GLN A 56 5.45 -9.91 6.20
CA GLN A 56 5.43 -8.64 5.50
C GLN A 56 4.98 -7.51 6.40
N ALA A 57 4.12 -7.86 7.34
CA ALA A 57 3.52 -6.91 8.27
C ALA A 57 4.54 -5.99 8.92
N LYS A 58 5.73 -6.51 9.19
CA LYS A 58 6.76 -5.72 9.84
C LYS A 58 7.29 -4.64 8.90
N ASN A 59 7.37 -4.99 7.63
CA ASN A 59 7.94 -4.11 6.63
C ASN A 59 6.95 -3.03 6.22
N CYS A 60 7.50 -1.96 5.68
CA CYS A 60 6.76 -0.83 5.17
C CYS A 60 5.82 -1.25 4.04
N ILE A 61 4.61 -0.73 4.10
CA ILE A 61 3.55 -1.13 3.19
C ILE A 61 3.76 -0.64 1.76
N ILE A 62 4.29 0.56 1.62
CA ILE A 62 4.46 1.17 0.29
C ILE A 62 5.55 0.46 -0.52
N CYS A 63 6.75 0.36 0.03
CA CYS A 63 7.84 -0.26 -0.73
C CYS A 63 7.92 -1.76 -0.47
N ASN A 64 7.10 -2.26 0.48
CA ASN A 64 6.99 -3.70 0.80
C ASN A 64 8.35 -4.36 1.01
N LEU A 65 9.34 -3.56 1.36
CA LEU A 65 10.70 -4.05 1.40
C LEU A 65 11.43 -3.61 2.66
N ASN A 66 11.53 -2.30 2.84
CA ASN A 66 12.18 -1.75 4.03
C ASN A 66 11.23 -1.87 5.22
N VAL A 67 11.78 -2.20 6.39
CA VAL A 67 10.96 -2.39 7.59
C VAL A 67 10.18 -1.12 7.94
N GLY A 68 8.91 -1.31 8.32
CA GLY A 68 8.04 -0.20 8.61
C GLY A 68 8.40 0.52 9.90
N VAL A 69 8.13 1.82 9.94
CA VAL A 69 8.49 2.64 11.08
C VAL A 69 7.26 3.34 11.66
N ASN A 70 6.61 4.18 10.87
CA ASN A 70 5.46 4.93 11.35
C ASN A 70 4.19 4.52 10.63
N ASP A 71 3.09 4.49 11.36
CA ASP A 71 1.79 4.12 10.79
C ASP A 71 1.39 5.07 9.67
N ALA A 72 0.88 4.49 8.59
CA ALA A 72 0.44 5.27 7.44
C ALA A 72 -0.96 5.81 7.64
N PHE A 73 -1.27 6.90 6.94
CA PHE A 73 -2.60 7.47 6.95
C PHE A 73 -3.11 7.67 5.53
N TYR A 74 -4.34 7.26 5.27
CA TYR A 74 -4.99 7.60 4.01
C TYR A 74 -5.22 9.09 3.97
N CYS A 75 -4.83 9.72 2.88
CA CYS A 75 -5.01 11.15 2.74
C CYS A 75 -6.49 11.47 2.50
N TRP A 76 -6.83 12.76 2.59
CA TRP A 76 -8.23 13.18 2.49
C TRP A 76 -8.88 12.71 1.19
N GLU A 77 -8.22 12.94 0.06
CA GLU A 77 -8.80 12.63 -1.25
C GLU A 77 -9.05 11.13 -1.40
N CYS A 78 -8.13 10.31 -0.91
CA CYS A 78 -8.31 8.86 -0.97
C CYS A 78 -9.48 8.42 -0.08
N CYS A 79 -9.60 9.03 1.09
CA CYS A 79 -10.72 8.74 1.98
C CYS A 79 -12.02 9.25 1.37
N ARG A 80 -11.93 10.39 0.70
CA ARG A 80 -13.06 10.99 -0.01
C ARG A 80 -13.55 10.04 -1.10
N LEU A 81 -12.62 9.47 -1.84
CA LEU A 81 -12.93 8.50 -2.88
C LEU A 81 -13.43 7.20 -2.27
N GLY A 82 -12.93 6.87 -1.09
CA GLY A 82 -13.28 5.63 -0.44
C GLY A 82 -12.24 4.55 -0.68
N LYS A 83 -11.00 4.97 -0.88
CA LYS A 83 -9.88 4.06 -1.04
C LYS A 83 -9.30 3.69 0.31
N ASP A 84 -9.98 4.13 1.36
CA ASP A 84 -9.66 3.73 2.71
C ASP A 84 -10.50 2.52 3.08
N LYS A 85 -11.47 2.22 2.23
CA LYS A 85 -12.43 1.16 2.48
C LYS A 85 -12.32 0.03 1.46
N ASP A 86 -11.84 0.35 0.25
CA ASP A 86 -11.81 -0.64 -0.82
C ASP A 86 -10.87 -1.80 -0.50
N GLY A 87 -9.61 -1.52 -0.19
CA GLY A 87 -8.71 -2.59 0.08
C GLY A 87 -7.48 -2.22 0.89
N CYS A 88 -6.47 -3.06 0.77
CA CYS A 88 -5.25 -2.98 1.56
C CYS A 88 -4.16 -2.20 0.82
N PRO A 89 -3.69 -1.10 1.43
CA PRO A 89 -2.68 -0.20 0.84
C PRO A 89 -1.25 -0.76 0.88
N ARG A 90 -1.10 -2.01 0.49
CA ARG A 90 0.20 -2.61 0.30
C ARG A 90 0.53 -2.66 -1.19
N ILE A 91 1.65 -2.12 -1.60
CA ILE A 91 1.98 -2.15 -3.01
C ILE A 91 2.69 -3.44 -3.40
N LEU A 92 2.05 -4.18 -4.29
CA LEU A 92 2.64 -5.37 -4.89
C LEU A 92 3.27 -4.96 -6.20
N ASN A 93 2.51 -4.17 -6.94
CA ASN A 93 2.93 -3.61 -8.21
C ASN A 93 2.75 -2.09 -8.16
N LEU A 94 3.46 -1.35 -9.02
CA LEU A 94 3.49 0.13 -8.98
C LEU A 94 2.12 0.73 -8.63
N GLY A 95 1.06 0.15 -9.16
CA GLY A 95 -0.26 0.58 -8.80
C GLY A 95 -1.29 0.10 -9.78
N SER A 96 -1.10 0.47 -11.05
CA SER A 96 -2.05 0.16 -12.11
C SER A 96 -3.43 0.70 -11.73
N ASN A 97 -3.42 1.87 -11.10
CA ASN A 97 -4.63 2.54 -10.66
C ASN A 97 -4.27 3.98 -10.27
N ARG A 98 -3.20 4.48 -10.88
CA ARG A 98 -2.76 5.83 -10.65
C ARG A 98 -3.77 6.82 -11.22
N LEU A 99 -4.09 7.86 -10.46
CA LEU A 99 -5.07 8.88 -10.85
C LEU A 99 -6.50 8.34 -10.79
N ASP A 100 -6.62 7.01 -10.93
CA ASP A 100 -7.89 6.30 -10.87
C ASP A 100 -8.84 6.75 -12.00
N ARG A 101 -8.27 7.31 -13.05
CA ARG A 101 -9.05 7.70 -14.22
C ARG A 101 -9.03 6.60 -15.27
N HIS A 102 -9.15 5.36 -14.81
CA HIS A 102 -9.16 4.22 -15.70
C HIS A 102 -10.57 3.97 -16.26
N PHE A 103 -10.61 3.60 -17.53
CA PHE A 103 -11.88 3.34 -18.22
C PHE A 103 -11.60 2.75 -19.61
N GLU A 104 -10.70 1.78 -19.65
CA GLU A 104 -10.32 1.17 -20.92
C GLU A 104 -11.49 0.34 -21.48
N LYS A 105 -11.88 0.69 -22.70
CA LYS A 105 -12.99 0.04 -23.39
C LYS A 105 -14.31 0.24 -22.62
N LYS A 106 -15.10 -0.82 -22.46
CA LYS A 106 -16.41 -0.71 -21.83
C LYS A 106 -16.29 -0.66 -20.32
N LYS A 107 -15.32 -1.37 -19.76
CA LYS A 107 -15.10 -1.37 -18.33
C LYS A 107 -14.61 0.00 -17.86
N LYS A 108 -15.26 0.53 -16.83
CA LYS A 108 -14.90 1.83 -16.28
C LYS A 108 -13.92 1.63 -15.13
N VAL A 109 -13.42 0.42 -15.00
CA VAL A 109 -12.46 0.07 -13.95
C VAL A 109 -11.38 -0.83 -14.53
ZN ZN B . -2.53 -6.80 1.75
ZN ZN C . 8.98 2.21 2.42
ZN ZN D . -4.00 9.46 -0.96
N GLY A 1 9.05 -7.02 -28.59
CA GLY A 1 9.28 -7.63 -27.26
C GLY A 1 9.83 -6.63 -26.27
N GLY A 2 9.32 -6.67 -25.06
CA GLY A 2 9.78 -5.75 -24.02
C GLY A 2 9.21 -4.36 -24.19
N SER A 3 7.90 -4.29 -24.39
CA SER A 3 7.22 -3.01 -24.54
C SER A 3 7.30 -2.21 -23.24
N SER A 4 7.19 -2.90 -22.12
CA SER A 4 7.31 -2.30 -20.79
C SER A 4 6.33 -1.15 -20.63
N ARG A 5 5.08 -1.39 -21.00
CA ARG A 5 4.03 -0.41 -20.84
C ARG A 5 3.28 -0.66 -19.53
N HIS A 6 4.04 -0.72 -18.45
CA HIS A 6 3.49 -1.03 -17.14
C HIS A 6 2.96 0.22 -16.47
N GLN A 7 1.85 0.06 -15.76
CA GLN A 7 1.34 1.09 -14.88
C GLN A 7 2.12 1.06 -13.56
N PHE A 8 3.42 0.76 -13.68
CA PHE A 8 4.31 0.45 -12.55
C PHE A 8 3.91 -0.90 -11.93
N ASP A 9 2.67 -1.31 -12.21
CA ASP A 9 2.13 -2.58 -11.79
C ASP A 9 2.02 -2.67 -10.28
N LEU A 10 1.54 -1.61 -9.65
CA LEU A 10 1.30 -1.59 -8.21
C LEU A 10 -0.06 -2.17 -7.89
N ILE A 11 -0.28 -3.39 -8.34
CA ILE A 11 -1.54 -4.08 -8.13
C ILE A 11 -1.63 -4.53 -6.68
N MET A 12 -1.77 -3.54 -5.81
CA MET A 12 -1.71 -3.76 -4.37
C MET A 12 -2.61 -4.89 -3.90
N CYS A 13 -2.19 -5.51 -2.80
CA CYS A 13 -2.83 -6.69 -2.22
C CYS A 13 -4.36 -6.59 -2.23
N LEU A 14 -4.86 -5.53 -1.60
CA LEU A 14 -6.28 -5.21 -1.58
C LEU A 14 -7.17 -6.37 -1.13
N LYS A 15 -6.71 -7.08 -0.10
CA LYS A 15 -7.58 -8.02 0.58
C LYS A 15 -8.52 -7.27 1.50
N GLN A 16 -9.33 -8.01 2.24
CA GLN A 16 -10.17 -7.42 3.27
C GLN A 16 -9.27 -6.95 4.42
N PRO A 17 -9.22 -5.64 4.67
CA PRO A 17 -8.33 -5.07 5.68
C PRO A 17 -8.76 -5.38 7.10
N GLY A 18 -7.79 -5.62 7.97
CA GLY A 18 -8.09 -5.89 9.36
C GLY A 18 -7.91 -4.68 10.24
N VAL A 19 -7.71 -4.91 11.52
CA VAL A 19 -7.51 -3.84 12.49
C VAL A 19 -6.10 -3.27 12.40
N GLN A 20 -5.18 -4.08 11.89
CA GLN A 20 -3.77 -3.72 11.81
C GLN A 20 -3.53 -2.53 10.90
N THR A 21 -2.82 -1.53 11.42
CA THR A 21 -2.48 -0.34 10.67
C THR A 21 -1.25 -0.58 9.79
N GLY A 22 -1.31 -0.12 8.54
CA GLY A 22 -0.22 -0.33 7.62
C GLY A 22 1.05 0.41 8.01
N LEU A 23 2.15 -0.31 8.11
CA LEU A 23 3.42 0.26 8.50
C LEU A 23 4.13 0.96 7.35
N LEU A 24 4.76 2.08 7.66
CA LEU A 24 5.60 2.79 6.71
C LEU A 24 7.03 2.84 7.19
N CYS A 25 7.97 2.75 6.28
CA CYS A 25 9.36 2.96 6.61
C CYS A 25 9.59 4.46 6.67
N GLU A 26 10.63 4.88 7.36
CA GLU A 26 10.92 6.30 7.54
C GLU A 26 11.05 7.01 6.19
N LYS A 27 11.43 6.26 5.16
CA LYS A 27 11.60 6.82 3.82
C LYS A 27 10.25 7.16 3.17
N CYS A 28 9.19 6.47 3.56
CA CYS A 28 7.86 6.77 3.04
C CYS A 28 7.02 7.41 4.13
N ASP A 29 7.71 8.06 5.06
CA ASP A 29 7.05 8.67 6.21
C ASP A 29 6.11 9.78 5.78
N GLY A 30 4.87 9.68 6.27
CA GLY A 30 3.88 10.70 6.03
C GLY A 30 3.37 10.73 4.60
N LYS A 31 3.30 9.56 3.97
CA LYS A 31 2.74 9.46 2.63
C LYS A 31 1.43 8.69 2.64
N CYS A 32 0.49 9.16 1.85
CA CYS A 32 -0.74 8.42 1.60
C CYS A 32 -0.47 7.38 0.51
N PRO A 33 -0.56 6.08 0.85
CA PRO A 33 -0.25 4.99 -0.09
C PRO A 33 -1.11 5.01 -1.34
N ILE A 34 -2.32 5.53 -1.20
CA ILE A 34 -3.28 5.55 -2.29
C ILE A 34 -2.82 6.44 -3.44
N CYS A 35 -2.25 7.60 -3.12
CA CYS A 35 -1.93 8.57 -4.17
C CYS A 35 -0.47 9.02 -4.15
N ASP A 36 0.27 8.69 -3.08
CA ASP A 36 1.66 9.11 -2.93
C ASP A 36 1.77 10.63 -2.88
N SER A 37 1.38 11.20 -1.75
CA SER A 37 1.37 12.65 -1.60
C SER A 37 1.29 13.02 -0.12
N TYR A 38 2.01 14.06 0.26
CA TYR A 38 2.02 14.52 1.65
C TYR A 38 0.87 15.48 1.94
N VAL A 39 -0.26 15.26 1.30
CA VAL A 39 -1.44 16.08 1.55
C VAL A 39 -2.12 15.61 2.83
N ARG A 40 -2.90 16.50 3.43
CA ARG A 40 -3.54 16.26 4.74
C ARG A 40 -4.09 14.85 4.87
N PRO A 41 -3.72 14.16 5.97
CA PRO A 41 -4.22 12.81 6.26
C PRO A 41 -5.59 12.83 6.93
N LYS A 42 -6.35 11.76 6.78
CA LYS A 42 -7.71 11.73 7.33
C LYS A 42 -7.95 10.50 8.20
N ARG A 43 -7.43 9.35 7.79
CA ARG A 43 -7.70 8.10 8.50
C ARG A 43 -6.54 7.12 8.36
N LYS A 44 -6.20 6.43 9.44
CA LYS A 44 -5.13 5.43 9.42
C LYS A 44 -5.41 4.32 8.41
N VAL A 45 -4.36 3.93 7.72
CA VAL A 45 -4.43 2.86 6.75
C VAL A 45 -4.59 1.50 7.44
N ARG A 46 -5.51 0.70 6.94
CA ARG A 46 -5.70 -0.65 7.45
C ARG A 46 -5.25 -1.66 6.41
N VAL A 47 -4.37 -2.56 6.82
CA VAL A 47 -3.90 -3.61 5.93
C VAL A 47 -4.59 -4.93 6.23
N CYS A 48 -4.67 -5.79 5.24
CA CYS A 48 -5.30 -7.10 5.43
C CYS A 48 -4.47 -7.93 6.38
N GLU A 49 -5.14 -8.66 7.24
CA GLU A 49 -4.48 -9.42 8.30
C GLU A 49 -3.44 -10.42 7.76
N ASN A 50 -3.57 -10.84 6.50
CA ASN A 50 -2.55 -11.73 5.93
C ASN A 50 -1.21 -10.99 5.84
N CYS A 51 -1.27 -9.69 5.62
CA CYS A 51 -0.07 -8.85 5.66
C CYS A 51 0.14 -8.29 7.06
N SER A 52 -0.07 -9.13 8.05
CA SER A 52 0.13 -8.73 9.43
C SER A 52 0.80 -9.87 10.19
N PHE A 53 0.34 -11.09 9.92
CA PHE A 53 0.94 -12.26 10.53
C PHE A 53 1.33 -13.28 9.46
N GLY A 54 1.62 -12.79 8.26
CA GLY A 54 1.96 -13.67 7.17
C GLY A 54 3.40 -13.55 6.71
N LYS A 55 3.63 -13.77 5.43
CA LYS A 55 4.97 -13.77 4.86
C LYS A 55 5.59 -12.37 4.89
N GLN A 56 4.81 -11.36 4.56
CA GLN A 56 5.27 -9.99 4.58
C GLN A 56 4.27 -9.12 5.33
N ALA A 57 4.78 -8.34 6.27
CA ALA A 57 3.92 -7.57 7.16
C ALA A 57 4.67 -6.45 7.84
N LYS A 58 5.87 -6.76 8.32
CA LYS A 58 6.69 -5.79 9.02
C LYS A 58 7.21 -4.75 8.06
N ASN A 59 7.48 -5.17 6.84
CA ASN A 59 8.04 -4.29 5.83
C ASN A 59 7.02 -3.24 5.41
N CYS A 60 7.52 -2.02 5.21
CA CYS A 60 6.73 -0.87 4.81
C CYS A 60 5.83 -1.19 3.63
N ILE A 61 4.57 -0.81 3.75
CA ILE A 61 3.55 -1.14 2.77
C ILE A 61 3.73 -0.39 1.45
N ILE A 62 4.25 0.83 1.53
CA ILE A 62 4.38 1.68 0.35
C ILE A 62 5.50 1.21 -0.59
N CYS A 63 6.67 0.86 -0.05
CA CYS A 63 7.78 0.45 -0.89
C CYS A 63 8.03 -1.05 -0.82
N ASN A 64 7.28 -1.74 0.05
CA ASN A 64 7.36 -3.20 0.21
C ASN A 64 8.79 -3.72 0.20
N LEU A 65 9.66 -3.05 0.91
CA LEU A 65 11.07 -3.38 0.86
C LEU A 65 11.73 -3.11 2.20
N ASN A 66 11.69 -1.85 2.61
CA ASN A 66 12.24 -1.44 3.88
C ASN A 66 11.23 -1.73 4.99
N VAL A 67 11.71 -2.23 6.12
CA VAL A 67 10.84 -2.54 7.25
C VAL A 67 10.14 -1.27 7.75
N GLY A 68 8.86 -1.40 8.06
CA GLY A 68 8.08 -0.26 8.48
C GLY A 68 8.34 0.12 9.93
N VAL A 69 7.64 1.16 10.37
CA VAL A 69 7.78 1.69 11.71
C VAL A 69 6.72 2.77 11.93
N ASN A 70 6.52 3.55 10.88
CA ASN A 70 5.50 4.59 10.86
C ASN A 70 4.16 3.97 10.50
N ASP A 71 3.11 4.77 10.50
CA ASP A 71 1.78 4.32 10.10
C ASP A 71 1.31 5.10 8.90
N ALA A 72 0.75 4.41 7.92
CA ALA A 72 0.21 5.06 6.75
C ALA A 72 -1.15 5.67 7.05
N PHE A 73 -1.44 6.79 6.42
CA PHE A 73 -2.73 7.43 6.56
C PHE A 73 -3.35 7.67 5.19
N TYR A 74 -4.62 7.32 5.05
CA TYR A 74 -5.37 7.71 3.87
C TYR A 74 -5.59 9.21 3.92
N CYS A 75 -5.10 9.90 2.92
CA CYS A 75 -5.18 11.35 2.92
C CYS A 75 -6.62 11.80 2.74
N TRP A 76 -6.86 13.05 3.08
CA TRP A 76 -8.17 13.69 2.99
C TRP A 76 -8.86 13.37 1.67
N GLU A 77 -8.18 13.67 0.59
CA GLU A 77 -8.77 13.54 -0.73
C GLU A 77 -9.18 12.10 -1.04
N CYS A 78 -8.28 11.15 -0.77
CA CYS A 78 -8.58 9.74 -1.00
C CYS A 78 -9.67 9.26 -0.05
N CYS A 79 -9.61 9.69 1.19
CA CYS A 79 -10.57 9.24 2.20
C CYS A 79 -11.96 9.78 1.89
N ARG A 80 -12.03 11.03 1.45
CA ARG A 80 -13.30 11.65 1.08
C ARG A 80 -13.92 10.93 -0.10
N LEU A 81 -13.11 10.60 -1.08
CA LEU A 81 -13.55 9.85 -2.26
C LEU A 81 -13.84 8.40 -1.91
N GLY A 82 -13.16 7.92 -0.88
CA GLY A 82 -13.22 6.52 -0.53
C GLY A 82 -12.38 5.69 -1.47
N LYS A 83 -11.16 6.18 -1.74
CA LYS A 83 -10.25 5.51 -2.65
C LYS A 83 -9.32 4.58 -1.89
N ASP A 84 -9.80 4.02 -0.79
CA ASP A 84 -9.02 3.07 -0.01
C ASP A 84 -8.85 1.77 -0.80
N LYS A 85 -9.45 1.74 -1.98
CA LYS A 85 -9.36 0.61 -2.90
C LYS A 85 -9.86 -0.67 -2.26
N ASP A 86 -10.82 -0.51 -1.35
CA ASP A 86 -11.53 -1.61 -0.71
C ASP A 86 -10.76 -2.20 0.47
N GLY A 87 -9.43 -2.26 0.37
CA GLY A 87 -8.70 -2.87 1.46
C GLY A 87 -7.21 -2.61 1.45
N CYS A 88 -6.48 -3.70 1.68
CA CYS A 88 -5.04 -3.70 1.94
C CYS A 88 -4.24 -2.90 0.89
N PRO A 89 -3.81 -1.67 1.25
CA PRO A 89 -3.06 -0.79 0.38
C PRO A 89 -1.55 -0.97 0.51
N ARG A 90 -1.10 -2.22 0.55
CA ARG A 90 0.33 -2.48 0.55
C ARG A 90 0.73 -3.12 -0.77
N ILE A 91 1.85 -2.67 -1.31
CA ILE A 91 2.31 -3.11 -2.62
C ILE A 91 2.92 -4.51 -2.54
N LEU A 92 2.63 -5.32 -3.54
CA LEU A 92 3.17 -6.67 -3.68
C LEU A 92 2.78 -7.21 -5.04
N ASN A 93 1.57 -6.86 -5.45
CA ASN A 93 1.09 -7.08 -6.81
C ASN A 93 1.17 -8.54 -7.20
N LEU A 94 1.37 -8.81 -8.48
CA LEU A 94 1.32 -10.17 -8.98
C LEU A 94 1.72 -10.27 -10.44
N GLY A 95 2.55 -11.25 -10.74
CA GLY A 95 2.89 -11.54 -12.11
C GLY A 95 1.95 -12.57 -12.71
N SER A 96 1.67 -13.62 -11.95
CA SER A 96 0.77 -14.68 -12.37
C SER A 96 0.23 -15.41 -11.15
N ASN A 97 -0.75 -16.29 -11.37
CA ASN A 97 -1.40 -17.05 -10.29
C ASN A 97 -2.26 -16.15 -9.41
N ARG A 98 -3.28 -15.58 -10.01
CA ARG A 98 -4.22 -14.74 -9.28
C ARG A 98 -5.01 -15.57 -8.28
N LEU A 99 -5.15 -15.05 -7.06
CA LEU A 99 -5.87 -15.75 -6.00
C LEU A 99 -7.29 -16.07 -6.42
N ASP A 100 -7.77 -17.24 -6.04
CA ASP A 100 -9.09 -17.70 -6.45
C ASP A 100 -10.17 -16.94 -5.68
N ARG A 101 -11.00 -16.21 -6.42
CA ARG A 101 -12.09 -15.41 -5.87
C ARG A 101 -11.57 -14.25 -5.02
N HIS A 102 -11.14 -14.56 -3.80
CA HIS A 102 -10.59 -13.56 -2.88
C HIS A 102 -9.88 -14.25 -1.74
N PHE A 103 -10.64 -15.05 -0.98
CA PHE A 103 -10.12 -15.76 0.17
C PHE A 103 -11.15 -16.77 0.67
N GLU A 104 -11.89 -17.36 -0.26
CA GLU A 104 -12.91 -18.35 0.07
C GLU A 104 -12.25 -19.69 0.39
N LYS A 105 -12.79 -20.37 1.40
CA LYS A 105 -12.25 -21.65 1.85
C LYS A 105 -10.82 -21.50 2.34
N LYS A 106 -10.60 -20.46 3.13
CA LYS A 106 -9.28 -20.10 3.60
C LYS A 106 -9.36 -18.99 4.64
N LYS A 107 -10.27 -18.06 4.41
CA LYS A 107 -10.41 -16.86 5.23
C LYS A 107 -9.18 -15.97 5.08
N LYS A 108 -8.83 -15.23 6.10
CA LYS A 108 -7.69 -14.33 6.03
C LYS A 108 -6.60 -14.77 6.99
N VAL A 109 -6.23 -16.04 6.89
CA VAL A 109 -5.18 -16.60 7.73
C VAL A 109 -4.11 -17.22 6.86
ZN ZN B . -2.59 -7.75 2.35
ZN ZN C . 8.84 2.62 2.51
ZN ZN D . -4.26 10.12 -1.00
N GLY A 1 10.71 5.15 -9.65
CA GLY A 1 9.78 6.31 -9.68
C GLY A 1 10.02 7.27 -8.53
N GLY A 2 8.97 7.57 -7.79
CA GLY A 2 9.08 8.48 -6.66
C GLY A 2 8.41 9.81 -6.93
N SER A 3 7.46 9.81 -7.86
CA SER A 3 6.69 11.00 -8.19
C SER A 3 5.38 10.58 -8.84
N SER A 4 4.29 11.23 -8.46
CA SER A 4 2.97 10.86 -8.98
C SER A 4 2.18 12.11 -9.35
N ARG A 5 1.79 12.19 -10.61
CA ARG A 5 0.98 13.29 -11.11
C ARG A 5 -0.46 12.81 -11.32
N HIS A 6 -0.60 11.50 -11.39
CA HIS A 6 -1.90 10.87 -11.51
C HIS A 6 -1.85 9.51 -10.82
N GLN A 7 -2.42 8.47 -11.41
CA GLN A 7 -2.28 7.14 -10.87
C GLN A 7 -0.93 6.57 -11.26
N PHE A 8 -0.08 6.33 -10.27
CA PHE A 8 1.28 5.85 -10.51
C PHE A 8 1.28 4.33 -10.70
N ASP A 9 0.17 3.82 -11.21
CA ASP A 9 -0.01 2.37 -11.47
C ASP A 9 0.62 1.50 -10.37
N LEU A 10 0.23 1.79 -9.13
CA LEU A 10 0.69 1.04 -7.98
C LEU A 10 0.23 -0.40 -8.04
N ILE A 11 -1.00 -0.54 -8.45
CA ILE A 11 -1.69 -1.83 -8.52
C ILE A 11 -1.70 -2.47 -7.14
N MET A 12 -2.60 -1.95 -6.34
CA MET A 12 -2.65 -2.31 -4.93
C MET A 12 -3.44 -3.59 -4.71
N CYS A 13 -2.99 -4.34 -3.71
CA CYS A 13 -3.57 -5.62 -3.33
C CYS A 13 -5.08 -5.49 -3.14
N LEU A 14 -5.48 -4.54 -2.29
CA LEU A 14 -6.88 -4.18 -2.08
C LEU A 14 -7.78 -5.39 -1.84
N LYS A 15 -7.30 -6.36 -1.08
CA LYS A 15 -8.14 -7.48 -0.66
C LYS A 15 -9.02 -7.06 0.51
N GLN A 16 -9.47 -8.04 1.29
CA GLN A 16 -10.15 -7.76 2.53
C GLN A 16 -9.12 -7.51 3.63
N PRO A 17 -9.02 -6.27 4.12
CA PRO A 17 -8.04 -5.92 5.13
C PRO A 17 -8.47 -6.31 6.53
N GLY A 18 -7.54 -6.84 7.31
CA GLY A 18 -7.83 -7.24 8.66
C GLY A 18 -7.52 -6.15 9.66
N VAL A 19 -6.94 -6.53 10.79
CA VAL A 19 -6.54 -5.58 11.82
C VAL A 19 -5.10 -5.12 11.58
N GLN A 20 -4.39 -5.88 10.75
CA GLN A 20 -2.99 -5.60 10.45
C GLN A 20 -2.86 -4.19 9.88
N THR A 21 -1.91 -3.44 10.40
CA THR A 21 -1.75 -2.06 10.00
C THR A 21 -0.52 -1.88 9.12
N GLY A 22 -0.71 -1.27 7.96
CA GLY A 22 0.39 -1.03 7.06
C GLY A 22 1.32 0.06 7.58
N LEU A 23 2.54 -0.32 7.90
CA LEU A 23 3.54 0.62 8.37
C LEU A 23 4.28 1.25 7.20
N LEU A 24 4.79 2.45 7.42
CA LEU A 24 5.61 3.12 6.42
C LEU A 24 7.03 3.26 6.93
N CYS A 25 7.99 2.86 6.12
CA CYS A 25 9.38 3.02 6.46
C CYS A 25 9.75 4.49 6.29
N GLU A 26 10.78 4.93 6.96
CA GLU A 26 11.19 6.34 6.92
C GLU A 26 11.41 6.82 5.48
N LYS A 27 11.79 5.89 4.62
CA LYS A 27 12.03 6.21 3.22
C LYS A 27 10.73 6.47 2.44
N CYS A 28 9.61 5.88 2.88
CA CYS A 28 8.32 6.19 2.28
C CYS A 28 7.43 6.84 3.34
N ASP A 29 8.05 7.57 4.24
CA ASP A 29 7.34 8.13 5.37
C ASP A 29 6.46 9.30 4.95
N GLY A 30 5.23 9.29 5.44
CA GLY A 30 4.32 10.39 5.23
C GLY A 30 3.84 10.49 3.79
N LYS A 31 3.72 9.34 3.14
CA LYS A 31 3.22 9.30 1.78
C LYS A 31 1.94 8.46 1.73
N CYS A 32 0.86 9.06 1.27
CA CYS A 32 -0.39 8.34 1.12
C CYS A 32 -0.22 7.23 0.09
N PRO A 33 -0.43 5.96 0.50
CA PRO A 33 -0.21 4.80 -0.37
C PRO A 33 -1.04 4.84 -1.64
N ILE A 34 -2.26 5.34 -1.52
CA ILE A 34 -3.22 5.36 -2.62
C ILE A 34 -2.75 6.24 -3.77
N CYS A 35 -2.28 7.45 -3.46
CA CYS A 35 -2.04 8.44 -4.50
C CYS A 35 -0.60 8.96 -4.50
N ASP A 36 0.17 8.60 -3.48
CA ASP A 36 1.54 9.10 -3.31
C ASP A 36 1.54 10.63 -3.17
N SER A 37 1.16 11.08 -1.98
CA SER A 37 1.04 12.50 -1.71
C SER A 37 1.30 12.75 -0.23
N TYR A 38 1.95 13.86 0.09
CA TYR A 38 2.29 14.19 1.46
C TYR A 38 1.24 15.14 2.04
N VAL A 39 0.04 15.11 1.47
CA VAL A 39 -1.05 15.95 1.92
C VAL A 39 -1.63 15.41 3.23
N ARG A 40 -2.37 16.26 3.94
CA ARG A 40 -2.94 15.93 5.23
C ARG A 40 -3.65 14.57 5.23
N PRO A 41 -3.19 13.65 6.09
CA PRO A 41 -3.77 12.32 6.24
C PRO A 41 -4.98 12.34 7.17
N LYS A 42 -5.82 11.30 7.10
CA LYS A 42 -7.04 11.27 7.91
C LYS A 42 -7.19 9.95 8.65
N ARG A 43 -7.25 8.85 7.91
CA ARG A 43 -7.56 7.55 8.52
C ARG A 43 -6.39 6.58 8.37
N LYS A 44 -6.11 5.86 9.45
CA LYS A 44 -5.04 4.86 9.46
C LYS A 44 -5.39 3.69 8.55
N VAL A 45 -4.41 3.23 7.78
CA VAL A 45 -4.62 2.16 6.81
C VAL A 45 -4.60 0.79 7.48
N ARG A 46 -5.32 -0.15 6.88
CA ARG A 46 -5.28 -1.54 7.31
C ARG A 46 -4.90 -2.44 6.15
N VAL A 47 -3.90 -3.26 6.37
CA VAL A 47 -3.43 -4.19 5.36
C VAL A 47 -4.13 -5.53 5.54
N CYS A 48 -4.24 -6.28 4.45
CA CYS A 48 -4.84 -7.61 4.54
C CYS A 48 -3.85 -8.53 5.23
N GLU A 49 -4.37 -9.52 5.95
CA GLU A 49 -3.55 -10.44 6.72
C GLU A 49 -2.53 -11.14 5.82
N ASN A 50 -2.88 -11.28 4.55
CA ASN A 50 -1.99 -11.88 3.57
C ASN A 50 -0.71 -11.05 3.36
N CYS A 51 -0.79 -9.75 3.61
CA CYS A 51 0.38 -8.88 3.45
C CYS A 51 1.00 -8.52 4.80
N SER A 52 0.95 -9.44 5.74
CA SER A 52 1.38 -9.13 7.09
C SER A 52 1.68 -10.38 7.91
N PHE A 53 0.73 -11.32 7.94
CA PHE A 53 0.79 -12.54 8.76
C PHE A 53 1.15 -12.25 10.21
N GLY A 54 2.43 -12.09 10.48
CA GLY A 54 2.88 -11.70 11.81
C GLY A 54 2.69 -10.21 12.06
N LYS A 55 1.44 -9.82 12.32
CA LYS A 55 1.07 -8.42 12.56
C LYS A 55 1.24 -7.55 11.31
N GLN A 56 2.47 -7.20 10.98
CA GLN A 56 2.75 -6.42 9.77
C GLN A 56 4.16 -6.69 9.30
N ALA A 57 4.64 -7.90 9.61
CA ALA A 57 5.90 -8.43 9.10
C ALA A 57 7.03 -7.40 9.13
N LYS A 58 6.94 -6.46 10.08
CA LYS A 58 7.89 -5.36 10.23
C LYS A 58 8.29 -4.79 8.86
N ASN A 59 7.33 -4.57 7.99
CA ASN A 59 7.63 -4.03 6.67
C ASN A 59 6.65 -2.97 6.21
N CYS A 60 7.23 -1.97 5.57
CA CYS A 60 6.54 -0.83 5.02
C CYS A 60 5.72 -1.25 3.82
N ILE A 61 4.49 -0.76 3.75
CA ILE A 61 3.56 -1.18 2.71
C ILE A 61 3.91 -0.61 1.33
N ILE A 62 4.49 0.59 1.30
CA ILE A 62 4.79 1.26 0.03
C ILE A 62 5.91 0.56 -0.74
N CYS A 63 7.05 0.31 -0.10
CA CYS A 63 8.11 -0.42 -0.76
C CYS A 63 7.96 -1.91 -0.47
N ASN A 64 7.02 -2.21 0.43
CA ASN A 64 6.65 -3.58 0.81
C ASN A 64 7.88 -4.43 1.10
N LEU A 65 8.85 -3.81 1.76
CA LEU A 65 10.10 -4.48 2.05
C LEU A 65 10.81 -3.85 3.24
N ASN A 66 11.14 -2.57 3.11
CA ASN A 66 11.86 -1.83 4.15
C ASN A 66 11.05 -1.83 5.43
N VAL A 67 11.73 -1.89 6.57
CA VAL A 67 11.06 -1.96 7.86
C VAL A 67 10.21 -0.71 8.10
N GLY A 68 8.91 -0.93 8.27
CA GLY A 68 7.99 0.16 8.49
C GLY A 68 8.03 0.66 9.92
N VAL A 69 7.90 1.97 10.10
CA VAL A 69 7.94 2.57 11.43
C VAL A 69 6.69 3.39 11.73
N ASN A 70 6.25 4.21 10.78
CA ASN A 70 5.07 5.05 11.00
C ASN A 70 3.88 4.56 10.19
N ASP A 71 2.76 4.36 10.87
CA ASP A 71 1.53 3.85 10.23
C ASP A 71 1.10 4.78 9.09
N ALA A 72 0.70 4.18 7.98
CA ALA A 72 0.21 4.94 6.85
C ALA A 72 -1.21 5.42 7.09
N PHE A 73 -1.52 6.59 6.57
CA PHE A 73 -2.87 7.13 6.68
C PHE A 73 -3.38 7.53 5.30
N TYR A 74 -4.62 7.16 5.02
CA TYR A 74 -5.28 7.60 3.80
C TYR A 74 -5.42 9.12 3.83
N CYS A 75 -4.92 9.79 2.82
CA CYS A 75 -4.92 11.25 2.79
C CYS A 75 -6.35 11.78 2.64
N TRP A 76 -6.52 13.05 3.00
CA TRP A 76 -7.83 13.70 2.97
C TRP A 76 -8.58 13.45 1.66
N GLU A 77 -7.90 13.67 0.55
CA GLU A 77 -8.55 13.53 -0.75
C GLU A 77 -9.00 12.09 -1.03
N CYS A 78 -8.13 11.13 -0.74
CA CYS A 78 -8.49 9.71 -0.86
C CYS A 78 -9.58 9.35 0.15
N CYS A 79 -9.55 9.98 1.31
CA CYS A 79 -10.57 9.75 2.34
C CYS A 79 -11.92 10.27 1.86
N ARG A 80 -11.89 11.44 1.20
CA ARG A 80 -13.09 12.02 0.61
C ARG A 80 -13.64 11.09 -0.47
N LEU A 81 -12.73 10.57 -1.30
CA LEU A 81 -13.11 9.64 -2.36
C LEU A 81 -13.59 8.31 -1.76
N GLY A 82 -13.00 7.95 -0.65
CA GLY A 82 -13.32 6.70 0.01
C GLY A 82 -12.46 5.57 -0.48
N LYS A 83 -11.15 5.80 -0.55
CA LYS A 83 -10.21 4.78 -1.01
C LYS A 83 -10.03 3.70 0.05
N ASP A 84 -10.46 4.01 1.26
CA ASP A 84 -10.35 3.07 2.38
C ASP A 84 -11.19 1.82 2.15
N LYS A 85 -12.31 1.99 1.45
CA LYS A 85 -13.23 0.87 1.22
C LYS A 85 -12.64 -0.10 0.19
N ASP A 86 -11.70 0.39 -0.62
CA ASP A 86 -11.04 -0.45 -1.62
C ASP A 86 -10.36 -1.64 -0.95
N GLY A 87 -9.50 -1.35 0.01
CA GLY A 87 -8.96 -2.42 0.84
C GLY A 87 -7.50 -2.24 1.19
N CYS A 88 -6.77 -3.35 1.09
CA CYS A 88 -5.36 -3.44 1.47
C CYS A 88 -4.48 -2.55 0.59
N PRO A 89 -3.87 -1.49 1.17
CA PRO A 89 -3.06 -0.53 0.41
C PRO A 89 -1.62 -0.97 0.16
N ARG A 90 -1.41 -2.27 0.02
CA ARG A 90 -0.10 -2.79 -0.34
C ARG A 90 0.17 -2.62 -1.84
N ILE A 91 1.39 -2.25 -2.19
CA ILE A 91 1.77 -2.05 -3.59
C ILE A 91 2.36 -3.32 -4.18
N LEU A 92 1.90 -3.71 -5.37
CA LEU A 92 2.39 -4.91 -6.02
C LEU A 92 2.00 -4.98 -7.49
N ASN A 93 2.33 -3.95 -8.24
CA ASN A 93 2.16 -4.00 -9.70
C ASN A 93 3.21 -4.93 -10.30
N LEU A 94 4.35 -4.99 -9.64
CA LEU A 94 5.41 -5.93 -10.01
C LEU A 94 6.36 -6.12 -8.84
N GLY A 95 6.95 -5.01 -8.39
CA GLY A 95 7.87 -5.04 -7.26
C GLY A 95 9.05 -5.96 -7.51
N SER A 96 9.32 -6.22 -8.78
CA SER A 96 10.38 -7.10 -9.20
C SER A 96 10.22 -8.48 -8.54
N ASN A 97 8.98 -8.96 -8.46
CA ASN A 97 8.70 -10.24 -7.81
C ASN A 97 7.36 -10.82 -8.23
N ARG A 98 6.27 -10.08 -8.02
CA ARG A 98 4.94 -10.60 -8.31
C ARG A 98 4.73 -10.68 -9.82
N LEU A 99 4.34 -11.86 -10.30
CA LEU A 99 4.16 -12.12 -11.73
C LEU A 99 5.39 -11.70 -12.53
N ASP A 100 6.56 -11.92 -11.95
CA ASP A 100 7.81 -11.64 -12.62
C ASP A 100 8.09 -12.74 -13.64
N ARG A 101 7.83 -13.98 -13.19
CA ARG A 101 7.94 -15.17 -14.03
C ARG A 101 7.88 -16.42 -13.17
N HIS A 102 8.49 -16.33 -11.98
CA HIS A 102 8.59 -17.48 -11.10
C HIS A 102 7.22 -17.96 -10.63
N PHE A 103 7.04 -19.26 -10.63
CA PHE A 103 5.86 -19.88 -10.05
C PHE A 103 6.26 -21.26 -9.55
N GLU A 104 6.07 -21.50 -8.26
CA GLU A 104 6.67 -22.67 -7.63
C GLU A 104 5.74 -23.30 -6.60
N LYS A 105 5.08 -22.46 -5.81
CA LYS A 105 4.27 -22.95 -4.70
C LYS A 105 2.95 -23.54 -5.19
N LYS A 106 2.98 -24.85 -5.44
CA LYS A 106 1.81 -25.62 -5.88
C LYS A 106 1.41 -25.29 -7.31
N LYS A 107 1.20 -24.01 -7.60
CA LYS A 107 0.82 -23.57 -8.93
C LYS A 107 1.56 -22.29 -9.30
N LYS A 108 0.81 -21.31 -9.79
CA LYS A 108 1.39 -20.03 -10.20
C LYS A 108 1.63 -19.12 -9.01
N VAL A 109 2.37 -19.62 -8.02
CA VAL A 109 2.66 -18.86 -6.83
C VAL A 109 4.17 -18.75 -6.64
ZN ZN B . -2.81 -7.41 0.95
ZN ZN C . 9.09 2.05 2.40
ZN ZN D . -4.18 9.99 -1.17
N GLY A 1 -6.51 12.91 -11.13
CA GLY A 1 -7.68 12.08 -11.45
C GLY A 1 -8.57 12.72 -12.48
N GLY A 2 -9.03 11.92 -13.43
CA GLY A 2 -9.86 12.43 -14.51
C GLY A 2 -9.89 11.46 -15.67
N SER A 3 -8.79 10.77 -15.85
CA SER A 3 -8.64 9.78 -16.90
C SER A 3 -7.45 8.88 -16.60
N SER A 4 -7.61 7.58 -16.85
CA SER A 4 -6.56 6.58 -16.60
C SER A 4 -6.37 6.34 -15.10
N ARG A 5 -6.11 5.09 -14.76
CA ARG A 5 -5.88 4.71 -13.37
C ARG A 5 -4.59 5.33 -12.85
N HIS A 6 -4.61 5.76 -11.60
CA HIS A 6 -3.44 6.38 -10.98
C HIS A 6 -2.31 5.37 -10.84
N GLN A 7 -2.62 4.22 -10.29
CA GLN A 7 -1.62 3.17 -10.12
C GLN A 7 -1.38 2.44 -11.45
N PHE A 8 -0.12 2.34 -11.84
CA PHE A 8 0.25 1.64 -13.05
C PHE A 8 0.27 0.15 -12.79
N ASP A 9 1.45 -0.46 -12.79
CA ASP A 9 1.58 -1.85 -12.39
C ASP A 9 1.76 -1.95 -10.90
N LEU A 10 1.41 -0.89 -10.24
CA LEU A 10 1.43 -0.83 -8.79
C LEU A 10 0.14 -1.38 -8.25
N ILE A 11 -0.15 -2.60 -8.65
CA ILE A 11 -1.42 -3.24 -8.35
C ILE A 11 -1.55 -3.40 -6.85
N MET A 12 -2.09 -2.37 -6.25
CA MET A 12 -2.14 -2.28 -4.82
C MET A 12 -3.06 -3.36 -4.28
N CYS A 13 -2.61 -4.03 -3.21
CA CYS A 13 -3.25 -5.21 -2.64
C CYS A 13 -4.78 -5.11 -2.68
N LEU A 14 -5.33 -4.10 -2.02
CA LEU A 14 -6.77 -3.83 -2.03
C LEU A 14 -7.60 -5.09 -1.80
N LYS A 15 -7.17 -5.90 -0.84
CA LYS A 15 -7.92 -7.09 -0.45
C LYS A 15 -8.86 -6.78 0.69
N GLN A 16 -9.07 -7.75 1.55
CA GLN A 16 -9.91 -7.57 2.72
C GLN A 16 -9.05 -7.21 3.92
N PRO A 17 -9.16 -5.96 4.42
CA PRO A 17 -8.33 -5.45 5.53
C PRO A 17 -8.42 -6.32 6.78
N GLY A 18 -7.26 -6.58 7.37
CA GLY A 18 -7.19 -7.36 8.59
C GLY A 18 -7.15 -6.47 9.81
N VAL A 19 -6.37 -6.86 10.80
CA VAL A 19 -6.30 -6.12 12.05
C VAL A 19 -5.10 -5.18 12.11
N GLN A 20 -3.98 -5.58 11.52
CA GLN A 20 -2.75 -4.81 11.64
C GLN A 20 -2.76 -3.57 10.74
N THR A 21 -2.26 -2.47 11.29
CA THR A 21 -2.16 -1.23 10.56
C THR A 21 -0.88 -1.18 9.73
N GLY A 22 -1.01 -0.81 8.46
CA GLY A 22 0.14 -0.73 7.58
C GLY A 22 1.10 0.37 7.98
N LEU A 23 2.39 0.06 7.93
CA LEU A 23 3.42 1.01 8.35
C LEU A 23 4.16 1.59 7.15
N LEU A 24 4.83 2.71 7.38
CA LEU A 24 5.66 3.35 6.36
C LEU A 24 7.08 3.50 6.87
N CYS A 25 8.04 3.09 6.05
CA CYS A 25 9.45 3.26 6.37
C CYS A 25 9.82 4.72 6.24
N GLU A 26 10.92 5.12 6.85
CA GLU A 26 11.34 6.52 6.83
C GLU A 26 11.63 6.99 5.40
N LYS A 27 11.82 6.04 4.50
CA LYS A 27 12.09 6.35 3.10
C LYS A 27 10.80 6.71 2.35
N CYS A 28 9.69 6.06 2.68
CA CYS A 28 8.39 6.43 2.12
C CYS A 28 7.57 7.14 3.18
N ASP A 29 8.26 7.86 4.05
CA ASP A 29 7.64 8.46 5.23
C ASP A 29 6.71 9.61 4.85
N GLY A 30 5.51 9.55 5.37
CA GLY A 30 4.55 10.62 5.20
C GLY A 30 3.94 10.66 3.82
N LYS A 31 3.84 9.50 3.18
CA LYS A 31 3.19 9.41 1.89
C LYS A 31 1.95 8.54 1.98
N CYS A 32 0.82 9.07 1.54
CA CYS A 32 -0.41 8.30 1.49
C CYS A 32 -0.24 7.13 0.54
N PRO A 33 -0.36 5.89 1.04
CA PRO A 33 -0.09 4.67 0.27
C PRO A 33 -0.92 4.60 -1.02
N ILE A 34 -2.16 5.05 -0.93
CA ILE A 34 -3.09 4.96 -2.04
C ILE A 34 -2.62 5.77 -3.25
N CYS A 35 -2.26 7.03 -3.01
CA CYS A 35 -2.01 7.94 -4.12
C CYS A 35 -0.56 8.42 -4.18
N ASP A 36 0.22 8.11 -3.13
CA ASP A 36 1.61 8.56 -3.04
C ASP A 36 1.67 10.08 -2.95
N SER A 37 1.19 10.61 -1.84
CA SER A 37 1.05 12.05 -1.67
C SER A 37 1.14 12.42 -0.20
N TYR A 38 1.77 13.57 0.09
CA TYR A 38 1.97 14.02 1.46
C TYR A 38 0.79 14.84 1.96
N VAL A 39 -0.23 14.97 1.11
CA VAL A 39 -1.41 15.76 1.42
C VAL A 39 -2.14 15.24 2.67
N ARG A 40 -2.83 16.17 3.35
CA ARG A 40 -3.51 15.91 4.64
C ARG A 40 -4.02 14.49 4.79
N PRO A 41 -3.72 13.86 5.94
CA PRO A 41 -4.19 12.52 6.26
C PRO A 41 -5.66 12.50 6.69
N LYS A 42 -6.08 11.42 7.37
CA LYS A 42 -7.45 11.28 7.82
C LYS A 42 -7.61 10.11 8.78
N ARG A 43 -7.11 8.94 8.37
CA ARG A 43 -7.30 7.71 9.16
C ARG A 43 -6.21 6.68 8.82
N LYS A 44 -5.79 5.92 9.82
CA LYS A 44 -4.75 4.92 9.64
C LYS A 44 -5.19 3.85 8.64
N VAL A 45 -4.23 3.41 7.83
CA VAL A 45 -4.47 2.38 6.83
C VAL A 45 -4.51 0.99 7.47
N ARG A 46 -5.45 0.17 7.04
CA ARG A 46 -5.51 -1.20 7.52
C ARG A 46 -5.05 -2.16 6.44
N VAL A 47 -4.00 -2.91 6.74
CA VAL A 47 -3.48 -3.88 5.83
C VAL A 47 -4.31 -5.15 5.90
N CYS A 48 -4.46 -5.82 4.78
CA CYS A 48 -5.28 -7.02 4.71
C CYS A 48 -4.64 -8.14 5.51
N GLU A 49 -5.44 -9.14 5.88
CA GLU A 49 -4.92 -10.29 6.61
C GLU A 49 -3.86 -11.01 5.79
N ASN A 50 -4.00 -10.92 4.48
CA ASN A 50 -3.01 -11.45 3.55
C ASN A 50 -1.79 -10.54 3.44
N CYS A 51 -1.45 -9.93 4.57
CA CYS A 51 -0.26 -9.11 4.72
C CYS A 51 0.11 -9.08 6.21
N SER A 52 -0.93 -9.02 7.04
CA SER A 52 -0.75 -9.02 8.48
C SER A 52 -0.80 -10.44 9.04
N PHE A 53 -0.31 -11.39 8.28
CA PHE A 53 -0.36 -12.79 8.70
C PHE A 53 0.71 -13.08 9.77
N GLY A 54 1.85 -12.40 9.68
CA GLY A 54 2.88 -12.55 10.68
C GLY A 54 4.25 -12.20 10.16
N LYS A 55 4.78 -13.06 9.31
CA LYS A 55 6.09 -12.82 8.70
C LYS A 55 5.98 -11.74 7.65
N GLN A 56 6.78 -10.68 7.79
CA GLN A 56 6.75 -9.54 6.87
C GLN A 56 5.43 -8.81 6.97
N ALA A 57 5.07 -8.46 8.19
CA ALA A 57 3.81 -7.82 8.45
C ALA A 57 3.99 -6.34 8.78
N LYS A 58 5.11 -6.01 9.40
CA LYS A 58 5.39 -4.63 9.78
C LYS A 58 6.25 -3.93 8.73
N ASN A 59 6.37 -4.52 7.55
CA ASN A 59 7.12 -3.84 6.49
C ASN A 59 6.31 -2.68 5.96
N CYS A 60 7.03 -1.67 5.53
CA CYS A 60 6.42 -0.48 4.97
C CYS A 60 5.60 -0.85 3.75
N ILE A 61 4.32 -0.61 3.86
CA ILE A 61 3.34 -1.04 2.87
C ILE A 61 3.63 -0.51 1.47
N ILE A 62 4.25 0.68 1.40
CA ILE A 62 4.52 1.31 0.12
C ILE A 62 5.64 0.60 -0.65
N CYS A 63 6.73 0.24 0.02
CA CYS A 63 7.82 -0.44 -0.67
C CYS A 63 7.82 -1.95 -0.44
N ASN A 64 7.03 -2.41 0.55
CA ASN A 64 6.87 -3.83 0.91
C ASN A 64 8.20 -4.49 1.23
N LEU A 65 9.19 -3.66 1.50
CA LEU A 65 10.54 -4.16 1.67
C LEU A 65 11.18 -3.58 2.92
N ASN A 66 11.33 -2.26 2.97
CA ASN A 66 11.92 -1.61 4.12
C ASN A 66 10.95 -1.65 5.29
N VAL A 67 11.48 -1.84 6.49
CA VAL A 67 10.64 -1.97 7.68
C VAL A 67 9.85 -0.70 7.94
N GLY A 68 8.56 -0.86 8.21
CA GLY A 68 7.71 0.27 8.46
C GLY A 68 7.95 0.89 9.82
N VAL A 69 7.93 2.21 9.84
CA VAL A 69 8.20 2.96 11.05
C VAL A 69 6.94 3.63 11.56
N ASN A 70 6.34 4.46 10.72
CA ASN A 70 5.15 5.21 11.10
C ASN A 70 3.92 4.60 10.45
N ASP A 71 2.84 4.48 11.21
CA ASP A 71 1.59 3.95 10.67
C ASP A 71 1.07 4.89 9.60
N ALA A 72 0.76 4.35 8.44
CA ALA A 72 0.31 5.16 7.32
C ALA A 72 -1.10 5.65 7.51
N PHE A 73 -1.37 6.87 7.06
CA PHE A 73 -2.70 7.42 7.08
C PHE A 73 -3.21 7.66 5.66
N TYR A 74 -4.46 7.29 5.40
CA TYR A 74 -5.10 7.64 4.15
C TYR A 74 -5.26 9.15 4.10
N CYS A 75 -4.90 9.76 2.99
CA CYS A 75 -5.07 11.20 2.84
C CYS A 75 -6.54 11.51 2.61
N TRP A 76 -6.95 12.73 2.97
CA TRP A 76 -8.35 13.14 2.88
C TRP A 76 -8.91 12.91 1.48
N GLU A 77 -8.13 13.21 0.46
CA GLU A 77 -8.60 13.08 -0.91
C GLU A 77 -9.01 11.64 -1.20
N CYS A 78 -8.20 10.70 -0.75
CA CYS A 78 -8.50 9.29 -0.94
C CYS A 78 -9.72 8.84 -0.16
N CYS A 79 -9.88 9.33 1.08
CA CYS A 79 -11.05 8.95 1.87
C CYS A 79 -12.30 9.62 1.33
N ARG A 80 -12.15 10.84 0.82
CA ARG A 80 -13.25 11.58 0.22
C ARG A 80 -13.75 10.85 -1.02
N LEU A 81 -12.83 10.40 -1.85
CA LEU A 81 -13.17 9.67 -3.07
C LEU A 81 -13.64 8.26 -2.74
N GLY A 82 -12.99 7.63 -1.77
CA GLY A 82 -13.39 6.31 -1.33
C GLY A 82 -12.36 5.26 -1.65
N LYS A 83 -11.11 5.65 -1.70
CA LYS A 83 -10.00 4.72 -1.92
C LYS A 83 -9.60 4.07 -0.60
N ASP A 84 -9.87 4.77 0.50
CA ASP A 84 -9.55 4.27 1.82
C ASP A 84 -10.35 3.00 2.11
N LYS A 85 -11.56 2.94 1.55
CA LYS A 85 -12.42 1.78 1.73
C LYS A 85 -12.27 0.79 0.57
N ASP A 86 -11.28 1.02 -0.30
CA ASP A 86 -10.99 0.08 -1.37
C ASP A 86 -10.37 -1.18 -0.80
N GLY A 87 -9.37 -1.02 0.06
CA GLY A 87 -8.81 -2.15 0.76
C GLY A 87 -7.40 -1.92 1.27
N CYS A 88 -6.61 -3.00 1.21
CA CYS A 88 -5.24 -3.02 1.71
C CYS A 88 -4.31 -2.16 0.85
N PRO A 89 -3.63 -1.18 1.48
CA PRO A 89 -2.81 -0.21 0.75
C PRO A 89 -1.36 -0.63 0.51
N ARG A 90 -1.08 -1.93 0.48
CA ARG A 90 0.27 -2.40 0.14
C ARG A 90 0.50 -2.39 -1.37
N ILE A 91 1.71 -2.01 -1.77
CA ILE A 91 2.09 -2.09 -3.18
C ILE A 91 2.92 -3.35 -3.42
N LEU A 92 2.29 -4.34 -4.05
CA LEU A 92 2.94 -5.63 -4.27
C LEU A 92 2.71 -6.11 -5.71
N ASN A 93 1.88 -5.38 -6.44
CA ASN A 93 1.46 -5.77 -7.79
C ASN A 93 0.61 -7.05 -7.69
N LEU A 94 0.92 -8.05 -8.49
CA LEU A 94 0.19 -9.31 -8.43
C LEU A 94 1.08 -10.49 -8.80
N GLY A 95 0.93 -11.58 -8.06
CA GLY A 95 1.72 -12.77 -8.30
C GLY A 95 1.10 -13.66 -9.36
N SER A 96 0.67 -13.04 -10.45
CA SER A 96 0.03 -13.73 -11.56
C SER A 96 -1.26 -14.44 -11.09
N ASN A 97 -2.04 -13.75 -10.25
CA ASN A 97 -3.33 -14.29 -9.81
C ASN A 97 -4.18 -13.21 -9.14
N ARG A 98 -3.58 -12.51 -8.14
CA ARG A 98 -4.19 -11.40 -7.37
C ARG A 98 -5.50 -11.78 -6.63
N LEU A 99 -6.36 -12.58 -7.27
CA LEU A 99 -7.59 -13.02 -6.61
C LEU A 99 -7.28 -13.96 -5.46
N ASP A 100 -7.89 -13.69 -4.31
CA ASP A 100 -7.68 -14.50 -3.11
C ASP A 100 -8.47 -15.80 -3.16
N ARG A 101 -8.58 -16.38 -4.34
CA ARG A 101 -9.22 -17.68 -4.51
C ARG A 101 -8.23 -18.77 -4.15
N HIS A 102 -7.71 -18.71 -2.92
CA HIS A 102 -6.70 -19.66 -2.45
C HIS A 102 -7.29 -21.04 -2.18
N PHE A 103 -8.31 -21.39 -2.95
CA PHE A 103 -8.87 -22.73 -2.93
C PHE A 103 -8.25 -23.52 -4.07
N GLU A 104 -6.93 -23.51 -4.09
CA GLU A 104 -6.17 -24.07 -5.20
C GLU A 104 -6.43 -25.56 -5.34
N LYS A 105 -6.37 -26.27 -4.22
CA LYS A 105 -6.56 -27.71 -4.22
C LYS A 105 -8.04 -28.06 -4.30
N LYS A 106 -8.37 -28.89 -5.28
CA LYS A 106 -9.72 -29.43 -5.45
C LYS A 106 -10.78 -28.33 -5.55
N LYS A 107 -10.51 -27.34 -6.40
CA LYS A 107 -11.46 -26.26 -6.72
C LYS A 107 -11.89 -25.47 -5.48
N LYS A 108 -12.82 -24.53 -5.70
CA LYS A 108 -13.35 -23.72 -4.61
C LYS A 108 -14.46 -24.47 -3.90
N VAL A 109 -14.42 -24.46 -2.57
CA VAL A 109 -15.40 -25.19 -1.77
C VAL A 109 -15.80 -24.35 -0.56
ZN ZN B . -2.60 -6.97 1.68
ZN ZN C . 9.00 2.27 2.34
ZN ZN D . -4.19 9.67 -0.93
N GLY A 1 -10.15 -9.93 -17.64
CA GLY A 1 -10.45 -9.23 -16.37
C GLY A 1 -9.44 -8.15 -16.06
N GLY A 2 -9.12 -7.98 -14.78
CA GLY A 2 -8.17 -6.96 -14.39
C GLY A 2 -8.66 -5.56 -14.72
N SER A 3 -7.94 -4.88 -15.60
CA SER A 3 -8.33 -3.56 -16.06
C SER A 3 -7.68 -3.31 -17.43
N SER A 4 -7.32 -2.07 -17.69
CA SER A 4 -6.68 -1.70 -18.94
C SER A 4 -5.84 -0.45 -18.71
N ARG A 5 -4.87 -0.22 -19.59
CA ARG A 5 -3.95 0.91 -19.41
C ARG A 5 -4.71 2.23 -19.49
N HIS A 6 -4.91 2.81 -18.32
CA HIS A 6 -5.67 4.05 -18.15
C HIS A 6 -5.60 4.41 -16.66
N GLN A 7 -5.72 3.38 -15.85
CA GLN A 7 -5.44 3.47 -14.42
C GLN A 7 -3.97 3.79 -14.23
N PHE A 8 -3.61 4.31 -13.06
CA PHE A 8 -2.21 4.55 -12.76
C PHE A 8 -1.48 3.23 -12.54
N ASP A 9 -0.67 3.14 -11.50
CA ASP A 9 0.08 1.90 -11.24
C ASP A 9 -0.04 1.48 -9.79
N LEU A 10 -1.20 1.65 -9.21
CA LEU A 10 -1.44 1.16 -7.86
C LEU A 10 -2.02 -0.25 -7.90
N ILE A 11 -1.28 -1.15 -8.54
CA ILE A 11 -1.63 -2.55 -8.56
C ILE A 11 -1.22 -3.16 -7.23
N MET A 12 -2.07 -2.92 -6.26
CA MET A 12 -1.74 -3.17 -4.86
C MET A 12 -2.51 -4.35 -4.32
N CYS A 13 -2.12 -4.78 -3.13
CA CYS A 13 -2.67 -5.97 -2.48
C CYS A 13 -4.21 -5.89 -2.40
N LEU A 14 -4.69 -4.80 -1.82
CA LEU A 14 -6.11 -4.48 -1.75
C LEU A 14 -7.01 -5.67 -1.46
N LYS A 15 -6.65 -6.44 -0.44
CA LYS A 15 -7.55 -7.48 0.06
C LYS A 15 -8.42 -6.92 1.16
N GLN A 16 -8.80 -7.77 2.09
CA GLN A 16 -9.60 -7.35 3.23
C GLN A 16 -8.73 -7.15 4.46
N PRO A 17 -8.75 -5.93 5.04
CA PRO A 17 -7.92 -5.60 6.21
C PRO A 17 -8.12 -6.56 7.37
N GLY A 18 -7.02 -7.01 7.94
CA GLY A 18 -7.07 -7.96 9.03
C GLY A 18 -7.34 -7.29 10.36
N VAL A 19 -6.41 -6.45 10.80
CA VAL A 19 -6.57 -5.71 12.04
C VAL A 19 -5.42 -4.73 12.27
N GLN A 20 -4.19 -5.19 12.05
CA GLN A 20 -3.02 -4.36 12.32
C GLN A 20 -2.89 -3.22 11.32
N THR A 21 -2.40 -2.09 11.80
CA THR A 21 -2.25 -0.89 10.99
C THR A 21 -0.99 -0.99 10.11
N GLY A 22 -1.12 -0.54 8.87
CA GLY A 22 0.00 -0.60 7.94
C GLY A 22 1.07 0.43 8.27
N LEU A 23 2.31 -0.04 8.35
CA LEU A 23 3.43 0.83 8.69
C LEU A 23 4.20 1.26 7.46
N LEU A 24 4.66 2.50 7.49
CA LEU A 24 5.47 3.07 6.42
C LEU A 24 6.90 3.22 6.89
N CYS A 25 7.85 2.83 6.05
CA CYS A 25 9.24 3.06 6.33
C CYS A 25 9.50 4.55 6.13
N GLU A 26 10.48 5.10 6.85
CA GLU A 26 10.76 6.54 6.81
C GLU A 26 10.89 7.05 5.38
N LYS A 27 11.36 6.17 4.50
CA LYS A 27 11.58 6.50 3.10
C LYS A 27 10.27 6.71 2.32
N CYS A 28 9.17 6.15 2.83
CA CYS A 28 7.86 6.36 2.21
C CYS A 28 6.95 7.09 3.17
N ASP A 29 7.50 7.41 4.33
CA ASP A 29 6.74 7.97 5.44
C ASP A 29 6.00 9.25 5.03
N GLY A 30 4.76 9.34 5.46
CA GLY A 30 3.98 10.53 5.22
C GLY A 30 3.13 10.45 3.97
N LYS A 31 3.58 9.67 3.00
CA LYS A 31 2.85 9.55 1.75
C LYS A 31 1.62 8.69 1.92
N CYS A 32 0.48 9.22 1.48
CA CYS A 32 -0.73 8.44 1.40
C CYS A 32 -0.55 7.36 0.33
N PRO A 33 -0.58 6.09 0.73
CA PRO A 33 -0.28 4.97 -0.18
C PRO A 33 -1.17 4.95 -1.43
N ILE A 34 -2.38 5.48 -1.29
CA ILE A 34 -3.34 5.52 -2.38
C ILE A 34 -2.84 6.38 -3.56
N CYS A 35 -2.27 7.54 -3.24
CA CYS A 35 -1.97 8.51 -4.29
C CYS A 35 -0.51 9.00 -4.27
N ASP A 36 0.21 8.71 -3.19
CA ASP A 36 1.59 9.18 -3.01
C ASP A 36 1.62 10.69 -2.87
N SER A 37 0.91 11.19 -1.88
CA SER A 37 0.78 12.63 -1.66
C SER A 37 0.51 12.93 -0.19
N TYR A 38 1.11 14.01 0.30
CA TYR A 38 0.96 14.42 1.70
C TYR A 38 -0.21 15.39 1.87
N VAL A 39 -1.27 15.22 1.10
CA VAL A 39 -2.38 16.16 1.14
C VAL A 39 -3.32 15.87 2.33
N ARG A 40 -2.86 16.26 3.50
CA ARG A 40 -3.63 16.16 4.75
C ARG A 40 -4.02 14.72 5.08
N PRO A 41 -3.17 14.01 5.85
CA PRO A 41 -3.49 12.66 6.34
C PRO A 41 -4.72 12.68 7.23
N LYS A 42 -5.52 11.62 7.17
CA LYS A 42 -6.81 11.62 7.86
C LYS A 42 -7.05 10.35 8.67
N ARG A 43 -6.88 9.18 8.05
CA ARG A 43 -7.25 7.93 8.70
C ARG A 43 -6.15 6.88 8.58
N LYS A 44 -5.93 6.12 9.64
CA LYS A 44 -4.93 5.05 9.62
C LYS A 44 -5.32 3.93 8.67
N VAL A 45 -4.34 3.47 7.91
CA VAL A 45 -4.52 2.39 6.98
C VAL A 45 -4.33 1.03 7.66
N ARG A 46 -5.26 0.11 7.42
CA ARG A 46 -5.16 -1.23 7.99
C ARG A 46 -4.83 -2.25 6.90
N VAL A 47 -3.79 -3.05 7.12
CA VAL A 47 -3.34 -4.04 6.15
C VAL A 47 -4.25 -5.26 6.15
N CYS A 48 -4.27 -5.96 5.02
CA CYS A 48 -5.14 -7.12 4.86
C CYS A 48 -4.74 -8.27 5.78
N GLU A 49 -5.66 -9.20 5.92
CA GLU A 49 -5.50 -10.35 6.80
C GLU A 49 -4.22 -11.12 6.47
N ASN A 50 -4.05 -11.44 5.19
CA ASN A 50 -2.91 -12.22 4.72
C ASN A 50 -1.58 -11.60 5.11
N CYS A 51 -1.45 -10.29 4.91
CA CYS A 51 -0.21 -9.59 5.19
C CYS A 51 0.07 -9.48 6.69
N SER A 52 -0.97 -9.55 7.52
CA SER A 52 -0.79 -9.37 8.95
C SER A 52 -0.25 -10.65 9.60
N PHE A 53 -0.73 -11.80 9.15
CA PHE A 53 -0.30 -13.06 9.74
C PHE A 53 0.83 -13.72 8.94
N GLY A 54 0.90 -13.42 7.65
CA GLY A 54 1.85 -14.09 6.77
C GLY A 54 3.24 -13.49 6.82
N LYS A 55 3.80 -13.36 8.03
CA LYS A 55 5.14 -12.81 8.29
C LYS A 55 5.34 -11.44 7.62
N GLN A 56 6.53 -10.86 7.84
CA GLN A 56 6.94 -9.56 7.29
C GLN A 56 5.82 -8.52 7.37
N ALA A 57 5.03 -8.57 8.43
CA ALA A 57 3.91 -7.66 8.60
C ALA A 57 4.38 -6.25 8.85
N LYS A 58 5.45 -6.12 9.62
CA LYS A 58 6.02 -4.82 9.97
C LYS A 58 6.60 -4.13 8.75
N ASN A 59 6.80 -4.86 7.67
CA ASN A 59 7.37 -4.31 6.45
C ASN A 59 6.48 -3.21 5.88
N CYS A 60 7.14 -2.13 5.46
CA CYS A 60 6.50 -0.97 4.87
C CYS A 60 5.64 -1.38 3.69
N ILE A 61 4.38 -0.98 3.73
CA ILE A 61 3.41 -1.35 2.73
C ILE A 61 3.71 -0.72 1.36
N ILE A 62 4.25 0.48 1.36
CA ILE A 62 4.46 1.21 0.11
C ILE A 62 5.60 0.62 -0.75
N CYS A 63 6.68 0.16 -0.14
CA CYS A 63 7.77 -0.39 -0.91
C CYS A 63 7.92 -1.88 -0.66
N ASN A 64 7.05 -2.41 0.20
CA ASN A 64 6.97 -3.83 0.60
C ASN A 64 8.32 -4.54 0.71
N LEU A 65 9.18 -4.02 1.59
CA LEU A 65 10.42 -4.69 1.93
C LEU A 65 11.08 -4.09 3.17
N ASN A 66 11.40 -2.82 3.11
CA ASN A 66 11.92 -2.07 4.26
C ASN A 66 10.90 -2.08 5.38
N VAL A 67 11.34 -2.18 6.61
CA VAL A 67 10.43 -2.25 7.75
C VAL A 67 9.83 -0.87 8.04
N GLY A 68 8.51 -0.85 8.22
CA GLY A 68 7.81 0.39 8.47
C GLY A 68 7.91 0.86 9.90
N VAL A 69 7.91 2.17 10.09
CA VAL A 69 7.99 2.76 11.42
C VAL A 69 6.75 3.59 11.76
N ASN A 70 6.26 4.37 10.80
CA ASN A 70 5.11 5.22 11.04
C ASN A 70 3.90 4.78 10.24
N ASP A 71 2.76 4.67 10.91
CA ASP A 71 1.53 4.18 10.32
C ASP A 71 1.12 5.02 9.10
N ALA A 72 0.67 4.33 8.07
CA ALA A 72 0.16 5.00 6.87
C ALA A 72 -1.18 5.65 7.16
N PHE A 73 -1.43 6.80 6.54
CA PHE A 73 -2.70 7.47 6.67
C PHE A 73 -3.30 7.76 5.31
N TYR A 74 -4.58 7.44 5.16
CA TYR A 74 -5.32 7.85 3.97
C TYR A 74 -5.43 9.37 3.97
N CYS A 75 -5.02 10.00 2.88
CA CYS A 75 -5.06 11.45 2.80
C CYS A 75 -6.50 11.92 2.60
N TRP A 76 -6.69 13.21 2.81
CA TRP A 76 -8.00 13.85 2.68
C TRP A 76 -8.69 13.47 1.38
N GLU A 77 -8.05 13.78 0.27
CA GLU A 77 -8.66 13.63 -1.03
C GLU A 77 -9.11 12.21 -1.30
N CYS A 78 -8.29 11.23 -0.96
CA CYS A 78 -8.64 9.83 -1.17
C CYS A 78 -9.83 9.43 -0.29
N CYS A 79 -9.91 10.03 0.90
CA CYS A 79 -11.05 9.81 1.78
C CYS A 79 -12.30 10.44 1.17
N ARG A 80 -12.11 11.59 0.53
CA ARG A 80 -13.20 12.28 -0.16
C ARG A 80 -13.66 11.46 -1.36
N LEU A 81 -12.70 10.96 -2.13
CA LEU A 81 -12.99 10.13 -3.29
C LEU A 81 -13.69 8.83 -2.88
N GLY A 82 -13.34 8.34 -1.70
CA GLY A 82 -13.89 7.10 -1.22
C GLY A 82 -13.05 5.91 -1.60
N LYS A 83 -11.74 6.12 -1.70
CA LYS A 83 -10.81 5.03 -1.94
C LYS A 83 -10.24 4.53 -0.63
N ASP A 84 -11.01 4.71 0.43
CA ASP A 84 -10.67 4.15 1.73
C ASP A 84 -11.00 2.67 1.76
N LYS A 85 -11.83 2.26 0.80
CA LYS A 85 -12.16 0.84 0.63
C LYS A 85 -10.99 0.09 -0.01
N ASP A 86 -9.95 0.85 -0.35
CA ASP A 86 -8.70 0.28 -0.83
C ASP A 86 -7.87 -0.13 0.37
N GLY A 87 -8.26 -1.26 0.95
CA GLY A 87 -7.73 -1.70 2.23
C GLY A 87 -6.22 -1.81 2.28
N CYS A 88 -5.69 -2.95 1.87
CA CYS A 88 -4.26 -3.23 1.97
C CYS A 88 -3.50 -2.52 0.86
N PRO A 89 -2.74 -1.48 1.18
CA PRO A 89 -2.05 -0.68 0.18
C PRO A 89 -0.62 -1.11 -0.08
N ARG A 90 -0.37 -2.42 -0.06
CA ARG A 90 0.96 -2.92 -0.39
C ARG A 90 1.17 -2.86 -1.89
N ILE A 91 2.11 -2.03 -2.30
CA ILE A 91 2.40 -1.84 -3.72
C ILE A 91 3.18 -3.03 -4.27
N LEU A 92 2.44 -4.03 -4.71
CA LEU A 92 3.02 -5.27 -5.20
C LEU A 92 3.80 -5.04 -6.48
N ASN A 93 3.21 -4.25 -7.37
CA ASN A 93 3.80 -3.98 -8.67
C ASN A 93 5.04 -3.12 -8.53
N LEU A 94 6.14 -3.58 -9.14
CA LEU A 94 7.45 -2.93 -9.04
C LEU A 94 8.07 -3.08 -7.65
N GLY A 95 7.28 -2.90 -6.61
CA GLY A 95 7.81 -2.91 -5.27
C GLY A 95 8.67 -1.70 -5.03
N SER A 96 9.89 -1.93 -4.58
CA SER A 96 10.85 -0.84 -4.45
C SER A 96 11.92 -0.96 -5.53
N ASN A 97 11.62 -1.72 -6.58
CA ASN A 97 12.53 -1.88 -7.69
C ASN A 97 12.39 -0.73 -8.68
N ARG A 98 12.45 0.49 -8.15
CA ARG A 98 12.37 1.69 -8.96
C ARG A 98 12.87 2.88 -8.15
N LEU A 99 12.23 4.03 -8.27
CA LEU A 99 12.64 5.21 -7.53
C LEU A 99 12.60 4.95 -6.03
N ASP A 100 13.59 5.47 -5.31
CA ASP A 100 13.65 5.32 -3.87
C ASP A 100 13.80 6.69 -3.23
N ARG A 101 13.25 7.68 -3.91
CA ARG A 101 13.27 9.06 -3.46
C ARG A 101 12.03 9.78 -3.92
N HIS A 102 11.51 10.64 -3.09
CA HIS A 102 10.38 11.48 -3.48
C HIS A 102 10.90 12.65 -4.29
N PHE A 103 10.54 12.71 -5.57
CA PHE A 103 10.97 13.81 -6.41
C PHE A 103 10.33 15.11 -5.94
N GLU A 104 11.17 16.11 -5.69
CA GLU A 104 10.74 17.35 -5.10
C GLU A 104 11.87 18.36 -5.17
N LYS A 105 13.04 17.95 -4.68
CA LYS A 105 14.22 18.81 -4.69
C LYS A 105 14.74 19.01 -6.10
N LYS A 106 15.08 17.92 -6.77
CA LYS A 106 15.63 17.98 -8.12
C LYS A 106 15.89 16.57 -8.64
N LYS A 107 15.36 16.28 -9.83
CA LYS A 107 15.46 14.96 -10.47
C LYS A 107 14.60 13.92 -9.74
N LYS A 108 14.03 13.01 -10.51
CA LYS A 108 13.19 11.95 -9.96
C LYS A 108 14.04 10.75 -9.57
N VAL A 109 15.16 11.01 -8.92
CA VAL A 109 16.08 9.96 -8.52
C VAL A 109 16.62 10.21 -7.12
ZN ZN B . -2.13 -7.49 1.95
ZN ZN C . 8.84 2.15 2.29
ZN ZN D . -4.31 10.07 -1.12
N GLY A 1 14.01 1.62 -21.93
CA GLY A 1 13.23 2.80 -22.34
C GLY A 1 13.54 4.03 -21.50
N GLY A 2 12.52 4.81 -21.20
CA GLY A 2 12.70 6.01 -20.40
C GLY A 2 11.39 6.48 -19.82
N SER A 3 10.66 5.56 -19.20
CA SER A 3 9.37 5.86 -18.61
C SER A 3 9.52 6.78 -17.39
N SER A 4 10.58 6.54 -16.61
CA SER A 4 10.86 7.33 -15.41
C SER A 4 9.67 7.29 -14.45
N ARG A 5 9.14 6.09 -14.24
CA ARG A 5 7.98 5.90 -13.36
C ARG A 5 8.32 6.23 -11.91
N HIS A 6 7.39 6.91 -11.25
CA HIS A 6 7.50 7.12 -9.81
C HIS A 6 7.11 5.82 -9.08
N GLN A 7 6.31 5.92 -8.03
CA GLN A 7 5.80 4.73 -7.37
C GLN A 7 4.66 4.12 -8.19
N PHE A 8 5.01 3.43 -9.26
CA PHE A 8 4.01 2.84 -10.13
C PHE A 8 4.15 1.33 -10.21
N ASP A 9 4.69 0.75 -9.14
CA ASP A 9 4.58 -0.69 -8.96
C ASP A 9 3.28 -0.97 -8.25
N LEU A 10 2.20 -0.54 -8.88
CA LEU A 10 0.88 -0.61 -8.28
C LEU A 10 0.45 -2.04 -8.07
N ILE A 11 -0.77 -2.32 -8.46
CA ILE A 11 -1.35 -3.64 -8.29
C ILE A 11 -1.37 -3.94 -6.79
N MET A 12 -1.91 -2.96 -6.09
CA MET A 12 -1.92 -3.00 -4.65
C MET A 12 -2.93 -4.02 -4.16
N CYS A 13 -2.60 -4.61 -3.02
CA CYS A 13 -3.29 -5.76 -2.47
C CYS A 13 -4.81 -5.59 -2.46
N LEU A 14 -5.28 -4.57 -1.75
CA LEU A 14 -6.71 -4.23 -1.67
C LEU A 14 -7.59 -5.44 -1.34
N LYS A 15 -7.08 -6.34 -0.51
CA LYS A 15 -7.89 -7.43 0.02
C LYS A 15 -8.72 -6.95 1.20
N GLN A 16 -9.38 -7.88 1.89
CA GLN A 16 -10.19 -7.53 3.05
C GLN A 16 -9.28 -7.15 4.22
N PRO A 17 -9.36 -5.89 4.69
CA PRO A 17 -8.54 -5.39 5.77
C PRO A 17 -9.08 -5.75 7.15
N GLY A 18 -8.19 -6.12 8.05
CA GLY A 18 -8.58 -6.37 9.41
C GLY A 18 -8.41 -5.14 10.27
N VAL A 19 -7.91 -5.33 11.48
CA VAL A 19 -7.60 -4.22 12.37
C VAL A 19 -6.12 -3.85 12.23
N GLN A 20 -5.37 -4.77 11.63
CA GLN A 20 -3.93 -4.61 11.45
C GLN A 20 -3.61 -3.35 10.65
N THR A 21 -2.60 -2.61 11.09
CA THR A 21 -2.22 -1.37 10.42
C THR A 21 -0.93 -1.55 9.61
N GLY A 22 -0.92 -0.99 8.40
CA GLY A 22 0.26 -1.05 7.56
C GLY A 22 1.32 -0.05 7.97
N LEU A 23 2.56 -0.50 8.05
CA LEU A 23 3.68 0.34 8.44
C LEU A 23 4.34 1.01 7.24
N LEU A 24 4.82 2.24 7.45
CA LEU A 24 5.57 2.97 6.44
C LEU A 24 7.03 3.06 6.84
N CYS A 25 7.92 2.80 5.91
CA CYS A 25 9.34 3.01 6.15
C CYS A 25 9.59 4.51 6.19
N GLU A 26 10.61 4.92 6.93
CA GLU A 26 10.90 6.34 7.14
C GLU A 26 10.90 7.12 5.82
N LYS A 27 11.31 6.46 4.76
CA LYS A 27 11.42 7.09 3.45
C LYS A 27 10.05 7.36 2.82
N CYS A 28 9.03 6.57 3.17
CA CYS A 28 7.68 6.82 2.67
C CYS A 28 6.84 7.46 3.76
N ASP A 29 7.46 7.70 4.91
CA ASP A 29 6.74 8.23 6.07
C ASP A 29 6.12 9.58 5.75
N GLY A 30 4.80 9.61 5.73
CA GLY A 30 4.09 10.83 5.41
C GLY A 30 3.26 10.69 4.16
N LYS A 31 3.69 9.80 3.28
CA LYS A 31 2.99 9.56 2.03
C LYS A 31 1.69 8.79 2.25
N CYS A 32 0.63 9.30 1.67
CA CYS A 32 -0.61 8.57 1.59
C CYS A 32 -0.48 7.48 0.52
N PRO A 33 -0.68 6.21 0.90
CA PRO A 33 -0.44 5.05 0.01
C PRO A 33 -1.17 5.14 -1.33
N ILE A 34 -2.37 5.70 -1.32
CA ILE A 34 -3.20 5.74 -2.50
C ILE A 34 -2.62 6.66 -3.59
N CYS A 35 -2.18 7.86 -3.19
CA CYS A 35 -1.76 8.87 -4.17
C CYS A 35 -0.26 9.13 -4.15
N ASP A 36 0.39 8.80 -3.04
CA ASP A 36 1.83 9.04 -2.84
C ASP A 36 2.11 10.53 -2.73
N SER A 37 1.71 11.10 -1.60
CA SER A 37 1.87 12.53 -1.36
C SER A 37 1.75 12.82 0.14
N TYR A 38 2.49 13.81 0.61
CA TYR A 38 2.45 14.21 2.02
C TYR A 38 1.26 15.14 2.26
N VAL A 39 0.14 14.83 1.64
CA VAL A 39 -1.08 15.62 1.78
C VAL A 39 -1.88 15.14 2.99
N ARG A 40 -2.66 16.05 3.56
CA ARG A 40 -3.37 15.83 4.84
C ARG A 40 -3.93 14.42 4.99
N PRO A 41 -3.35 13.63 5.89
CA PRO A 41 -3.83 12.29 6.24
C PRO A 41 -5.02 12.35 7.19
N LYS A 42 -5.90 11.35 7.13
CA LYS A 42 -7.08 11.35 7.98
C LYS A 42 -7.40 9.94 8.51
N ARG A 43 -7.61 9.00 7.60
CA ARG A 43 -7.93 7.63 8.00
C ARG A 43 -6.68 6.78 8.15
N LYS A 44 -6.56 6.07 9.26
CA LYS A 44 -5.45 5.14 9.44
C LYS A 44 -5.63 3.95 8.52
N VAL A 45 -4.55 3.52 7.86
CA VAL A 45 -4.64 2.44 6.90
C VAL A 45 -4.88 1.10 7.58
N ARG A 46 -5.72 0.28 6.97
CA ARG A 46 -5.97 -1.05 7.46
C ARG A 46 -5.43 -2.07 6.48
N VAL A 47 -4.43 -2.81 6.90
CA VAL A 47 -3.85 -3.83 6.06
C VAL A 47 -4.67 -5.11 6.18
N CYS A 48 -4.71 -5.87 5.11
CA CYS A 48 -5.41 -7.14 5.15
C CYS A 48 -4.64 -8.08 6.06
N GLU A 49 -5.36 -8.94 6.76
CA GLU A 49 -4.75 -9.86 7.70
C GLU A 49 -3.71 -10.72 6.98
N ASN A 50 -3.93 -10.92 5.69
CA ASN A 50 -2.99 -11.65 4.85
C ASN A 50 -1.62 -10.97 4.81
N CYS A 51 -1.59 -9.64 4.92
CA CYS A 51 -0.33 -8.90 5.01
C CYS A 51 0.05 -8.65 6.46
N SER A 52 -0.24 -9.59 7.33
CA SER A 52 0.05 -9.43 8.73
C SER A 52 0.59 -10.72 9.35
N PHE A 53 -0.13 -11.83 9.16
CA PHE A 53 0.32 -13.10 9.70
C PHE A 53 1.56 -13.59 8.96
N GLY A 54 2.51 -14.11 9.70
CA GLY A 54 3.77 -14.51 9.12
C GLY A 54 4.96 -13.99 9.90
N LYS A 55 5.94 -13.44 9.18
CA LYS A 55 7.15 -12.93 9.82
C LYS A 55 7.86 -11.89 8.94
N GLN A 56 7.09 -11.22 8.09
CA GLN A 56 7.64 -10.18 7.21
C GLN A 56 6.60 -9.10 6.95
N ALA A 57 5.77 -8.85 7.94
CA ALA A 57 4.69 -7.90 7.80
C ALA A 57 5.06 -6.55 8.39
N LYS A 58 6.28 -6.44 8.90
CA LYS A 58 6.77 -5.18 9.44
C LYS A 58 7.17 -4.23 8.33
N ASN A 59 7.46 -4.78 7.16
CA ASN A 59 7.93 -3.98 6.04
C ASN A 59 6.89 -2.93 5.63
N CYS A 60 7.42 -1.86 5.06
CA CYS A 60 6.64 -0.75 4.57
C CYS A 60 5.66 -1.18 3.50
N ILE A 61 4.42 -0.76 3.67
CA ILE A 61 3.35 -1.13 2.74
C ILE A 61 3.47 -0.40 1.41
N ILE A 62 3.98 0.83 1.44
CA ILE A 62 4.04 1.66 0.24
C ILE A 62 5.11 1.18 -0.75
N CYS A 63 6.32 0.92 -0.29
CA CYS A 63 7.35 0.47 -1.21
C CYS A 63 7.56 -1.03 -1.10
N ASN A 64 6.93 -1.64 -0.08
CA ASN A 64 6.93 -3.11 0.13
C ASN A 64 8.30 -3.66 0.51
N LEU A 65 9.33 -2.96 0.08
CA LEU A 65 10.70 -3.43 0.17
C LEU A 65 11.27 -3.31 1.58
N ASN A 66 11.32 -2.09 2.09
CA ASN A 66 12.02 -1.81 3.34
C ASN A 66 11.09 -1.90 4.52
N VAL A 67 11.63 -2.26 5.67
CA VAL A 67 10.86 -2.38 6.91
C VAL A 67 10.28 -1.02 7.30
N GLY A 68 9.01 -1.01 7.69
CA GLY A 68 8.35 0.23 8.04
C GLY A 68 8.66 0.67 9.47
N VAL A 69 7.90 1.64 9.95
CA VAL A 69 8.08 2.15 11.30
C VAL A 69 6.84 2.92 11.77
N ASN A 70 6.38 3.85 10.95
CA ASN A 70 5.21 4.66 11.31
C ASN A 70 3.98 4.21 10.53
N ASP A 71 2.85 4.16 11.22
CA ASP A 71 1.58 3.72 10.61
C ASP A 71 1.11 4.70 9.56
N ALA A 72 0.69 4.17 8.41
CA ALA A 72 0.22 4.99 7.30
C ALA A 72 -1.20 5.50 7.52
N PHE A 73 -1.50 6.63 6.89
CA PHE A 73 -2.84 7.19 6.89
C PHE A 73 -3.24 7.58 5.47
N TYR A 74 -4.47 7.25 5.09
CA TYR A 74 -5.02 7.71 3.82
C TYR A 74 -5.31 9.20 3.91
N CYS A 75 -4.91 9.96 2.91
CA CYS A 75 -5.16 11.39 2.90
C CYS A 75 -6.64 11.68 2.69
N TRP A 76 -7.06 12.87 3.10
CA TRP A 76 -8.46 13.28 3.01
C TRP A 76 -8.98 13.15 1.58
N GLU A 77 -8.16 13.53 0.62
CA GLU A 77 -8.56 13.47 -0.78
C GLU A 77 -8.95 12.06 -1.20
N CYS A 78 -8.08 11.08 -0.94
CA CYS A 78 -8.37 9.70 -1.28
C CYS A 78 -9.54 9.16 -0.47
N CYS A 79 -9.60 9.55 0.79
CA CYS A 79 -10.66 9.12 1.68
C CYS A 79 -12.02 9.67 1.22
N ARG A 80 -12.02 10.93 0.80
CA ARG A 80 -13.23 11.59 0.33
C ARG A 80 -13.71 10.98 -0.98
N LEU A 81 -12.78 10.80 -1.91
CA LEU A 81 -13.09 10.24 -3.22
C LEU A 81 -13.59 8.80 -3.11
N GLY A 82 -13.10 8.09 -2.10
CA GLY A 82 -13.50 6.71 -1.91
C GLY A 82 -12.49 5.76 -2.50
N LYS A 83 -11.22 6.02 -2.26
CA LYS A 83 -10.15 5.16 -2.74
C LYS A 83 -9.61 4.29 -1.62
N ASP A 84 -9.79 4.78 -0.39
CA ASP A 84 -9.39 4.04 0.81
C ASP A 84 -10.28 2.83 1.02
N LYS A 85 -11.49 2.89 0.48
CA LYS A 85 -12.47 1.82 0.65
C LYS A 85 -12.00 0.53 -0.01
N ASP A 86 -11.16 0.68 -1.04
CA ASP A 86 -10.74 -0.46 -1.86
C ASP A 86 -10.18 -1.57 -0.99
N GLY A 87 -9.29 -1.23 -0.07
CA GLY A 87 -8.86 -2.20 0.91
C GLY A 87 -7.40 -2.03 1.33
N CYS A 88 -6.74 -3.17 1.47
CA CYS A 88 -5.36 -3.25 1.92
C CYS A 88 -4.44 -2.39 1.04
N PRO A 89 -3.79 -1.36 1.62
CA PRO A 89 -2.92 -0.45 0.88
C PRO A 89 -1.51 -0.99 0.66
N ARG A 90 -1.37 -2.31 0.74
CA ARG A 90 -0.09 -2.95 0.55
C ARG A 90 0.28 -3.03 -0.93
N ILE A 91 1.43 -2.47 -1.28
CA ILE A 91 1.95 -2.62 -2.62
C ILE A 91 2.62 -3.98 -2.78
N LEU A 92 2.28 -4.67 -3.86
CA LEU A 92 2.81 -6.00 -4.13
C LEU A 92 2.56 -6.36 -5.59
N ASN A 93 2.83 -5.39 -6.47
CA ASN A 93 2.58 -5.48 -7.90
C ASN A 93 2.88 -6.87 -8.48
N LEU A 94 1.84 -7.67 -8.56
CA LEU A 94 1.87 -9.00 -9.17
C LEU A 94 0.65 -9.79 -8.72
N GLY A 95 -0.17 -10.23 -9.66
CA GLY A 95 -1.40 -10.92 -9.32
C GLY A 95 -1.14 -12.20 -8.53
N SER A 96 -0.24 -13.02 -9.04
CA SER A 96 0.17 -14.24 -8.36
C SER A 96 1.53 -14.70 -8.88
N ASN A 97 2.47 -14.92 -7.96
CA ASN A 97 3.79 -15.37 -8.33
C ASN A 97 3.77 -16.86 -8.64
N ARG A 98 3.87 -17.20 -9.91
CA ARG A 98 3.86 -18.59 -10.33
C ARG A 98 5.22 -19.24 -10.08
N LEU A 99 5.30 -20.55 -10.27
CA LEU A 99 6.54 -21.29 -10.05
C LEU A 99 6.97 -21.24 -8.59
N ASP A 100 5.99 -21.29 -7.70
CA ASP A 100 6.25 -21.26 -6.27
C ASP A 100 6.38 -22.67 -5.72
N ARG A 101 7.19 -22.84 -4.70
CA ARG A 101 7.38 -24.15 -4.08
C ARG A 101 6.23 -24.48 -3.14
N HIS A 102 5.03 -24.62 -3.70
CA HIS A 102 3.87 -24.97 -2.93
C HIS A 102 2.93 -25.83 -3.76
N PHE A 103 2.52 -25.30 -4.91
CA PHE A 103 1.53 -25.94 -5.77
C PHE A 103 0.15 -25.91 -5.13
N GLU A 104 -0.85 -25.61 -5.94
CA GLU A 104 -2.22 -25.54 -5.46
C GLU A 104 -3.17 -25.89 -6.61
N LYS A 105 -2.73 -26.86 -7.40
CA LYS A 105 -3.53 -27.37 -8.51
C LYS A 105 -4.15 -28.71 -8.10
N LYS A 106 -4.24 -29.65 -9.04
CA LYS A 106 -4.67 -31.00 -8.70
C LYS A 106 -3.44 -31.87 -8.43
N LYS A 107 -2.43 -31.24 -7.85
CA LYS A 107 -1.17 -31.89 -7.52
C LYS A 107 -0.30 -30.93 -6.72
N LYS A 108 0.10 -31.36 -5.54
CA LYS A 108 0.89 -30.52 -4.64
C LYS A 108 1.46 -31.37 -3.51
N VAL A 109 1.90 -32.56 -3.87
CA VAL A 109 2.50 -33.48 -2.92
C VAL A 109 3.47 -34.40 -3.65
ZN ZN B . -2.79 -7.26 1.96
ZN ZN C . 8.69 2.67 2.06
ZN ZN D . -4.10 10.23 -0.96
N GLY A 1 16.41 -8.96 -4.74
CA GLY A 1 15.20 -8.21 -5.12
C GLY A 1 15.32 -6.75 -4.76
N GLY A 2 14.31 -6.23 -4.07
CA GLY A 2 14.32 -4.83 -3.67
C GLY A 2 14.01 -3.90 -4.83
N SER A 3 14.88 -2.92 -5.03
CA SER A 3 14.74 -1.91 -6.09
C SER A 3 13.35 -1.27 -6.06
N SER A 4 12.91 -0.89 -4.86
CA SER A 4 11.61 -0.28 -4.68
C SER A 4 11.60 1.12 -5.31
N ARG A 5 10.53 1.45 -6.02
CA ARG A 5 10.43 2.71 -6.72
C ARG A 5 9.05 2.87 -7.33
N HIS A 6 8.69 4.13 -7.63
CA HIS A 6 7.38 4.47 -8.17
C HIS A 6 6.31 4.34 -7.08
N GLN A 7 5.23 5.11 -7.21
CA GLN A 7 4.18 5.10 -6.21
C GLN A 7 2.88 5.62 -6.80
N PHE A 8 2.65 5.31 -8.07
CA PHE A 8 1.42 5.69 -8.76
C PHE A 8 0.23 5.09 -8.03
N ASP A 9 0.31 3.78 -7.87
CA ASP A 9 -0.70 2.95 -7.21
C ASP A 9 -0.36 1.53 -7.54
N LEU A 10 0.75 1.09 -6.98
CA LEU A 10 1.36 -0.18 -7.38
C LEU A 10 0.52 -1.36 -6.91
N ILE A 11 -0.67 -1.40 -7.50
CA ILE A 11 -1.72 -2.37 -7.28
C ILE A 11 -1.66 -3.00 -5.91
N MET A 12 -2.16 -2.25 -4.95
CA MET A 12 -2.22 -2.69 -3.58
C MET A 12 -3.25 -3.82 -3.43
N CYS A 13 -2.91 -4.76 -2.55
CA CYS A 13 -3.65 -5.99 -2.35
C CYS A 13 -5.13 -5.75 -2.03
N LEU A 14 -5.40 -4.75 -1.18
CA LEU A 14 -6.76 -4.29 -0.90
C LEU A 14 -7.75 -5.41 -0.57
N LYS A 15 -7.35 -6.34 0.28
CA LYS A 15 -8.30 -7.34 0.78
C LYS A 15 -9.01 -6.83 2.02
N GLN A 16 -9.51 -7.74 2.85
CA GLN A 16 -10.13 -7.36 4.10
C GLN A 16 -9.09 -7.01 5.16
N PRO A 17 -9.05 -5.73 5.58
CA PRO A 17 -8.08 -5.24 6.55
C PRO A 17 -8.32 -5.76 7.96
N GLY A 18 -7.25 -6.04 8.67
CA GLY A 18 -7.37 -6.43 10.06
C GLY A 18 -7.36 -5.22 10.97
N VAL A 19 -6.68 -5.34 12.09
CA VAL A 19 -6.53 -4.23 13.02
C VAL A 19 -5.15 -3.58 12.86
N GLN A 20 -4.18 -4.37 12.39
CA GLN A 20 -2.81 -3.90 12.22
C GLN A 20 -2.72 -2.73 11.25
N THR A 21 -2.07 -1.67 11.69
CA THR A 21 -1.86 -0.50 10.87
C THR A 21 -0.76 -0.76 9.84
N GLY A 22 -0.97 -0.27 8.62
CA GLY A 22 0.05 -0.38 7.59
C GLY A 22 1.27 0.46 7.93
N LEU A 23 2.38 -0.20 8.18
CA LEU A 23 3.58 0.46 8.66
C LEU A 23 4.32 1.20 7.55
N LEU A 24 4.99 2.29 7.93
CA LEU A 24 5.86 3.01 7.04
C LEU A 24 7.25 3.08 7.63
N CYS A 25 8.25 2.90 6.79
CA CYS A 25 9.61 3.16 7.19
C CYS A 25 9.78 4.68 7.17
N GLU A 26 10.52 5.21 8.13
CA GLU A 26 10.64 6.66 8.31
C GLU A 26 10.92 7.39 6.98
N LYS A 27 11.57 6.69 6.06
CA LYS A 27 11.90 7.24 4.74
C LYS A 27 10.67 7.56 3.89
N CYS A 28 9.65 6.70 3.94
CA CYS A 28 8.46 6.90 3.13
C CYS A 28 7.41 7.67 3.92
N ASP A 29 7.62 7.73 5.23
CA ASP A 29 6.63 8.29 6.13
C ASP A 29 6.19 9.68 5.68
N GLY A 30 4.91 9.79 5.41
CA GLY A 30 4.35 11.05 4.96
C GLY A 30 3.60 10.91 3.66
N LYS A 31 4.09 10.01 2.81
CA LYS A 31 3.45 9.76 1.53
C LYS A 31 2.15 8.99 1.71
N CYS A 32 1.08 9.45 1.09
CA CYS A 32 -0.14 8.68 1.03
C CYS A 32 0.08 7.51 0.08
N PRO A 33 -0.01 6.27 0.59
CA PRO A 33 0.31 5.06 -0.18
C PRO A 33 -0.53 4.92 -1.45
N ILE A 34 -1.76 5.41 -1.37
CA ILE A 34 -2.71 5.27 -2.47
C ILE A 34 -2.35 6.17 -3.66
N CYS A 35 -1.96 7.42 -3.39
CA CYS A 35 -1.85 8.39 -4.48
C CYS A 35 -0.48 9.06 -4.58
N ASP A 36 0.40 8.82 -3.60
CA ASP A 36 1.74 9.44 -3.60
C ASP A 36 1.63 10.97 -3.52
N SER A 37 1.27 11.46 -2.34
CA SER A 37 1.10 12.89 -2.12
C SER A 37 1.04 13.18 -0.62
N TYR A 38 1.67 14.26 -0.19
CA TYR A 38 1.70 14.63 1.23
C TYR A 38 0.50 15.52 1.58
N VAL A 39 -0.62 15.28 0.92
CA VAL A 39 -1.85 16.02 1.19
C VAL A 39 -2.48 15.50 2.49
N ARG A 40 -3.24 16.36 3.16
CA ARG A 40 -3.80 16.08 4.48
C ARG A 40 -4.40 14.68 4.59
N PRO A 41 -3.95 13.91 5.60
CA PRO A 41 -4.45 12.56 5.88
C PRO A 41 -5.81 12.59 6.56
N LYS A 42 -6.24 11.44 7.09
CA LYS A 42 -7.49 11.37 7.84
C LYS A 42 -7.65 10.01 8.53
N ARG A 43 -7.44 8.94 7.78
CA ARG A 43 -7.64 7.59 8.32
C ARG A 43 -6.34 6.79 8.33
N LYS A 44 -6.12 6.04 9.41
CA LYS A 44 -4.99 5.14 9.50
C LYS A 44 -5.19 3.94 8.57
N VAL A 45 -4.15 3.61 7.81
CA VAL A 45 -4.21 2.49 6.90
C VAL A 45 -4.18 1.17 7.67
N ARG A 46 -4.91 0.17 7.18
CA ARG A 46 -4.91 -1.13 7.82
C ARG A 46 -4.62 -2.22 6.80
N VAL A 47 -3.63 -3.04 7.09
CA VAL A 47 -3.27 -4.14 6.20
C VAL A 47 -4.19 -5.33 6.43
N CYS A 48 -4.48 -6.06 5.36
CA CYS A 48 -5.34 -7.22 5.45
C CYS A 48 -4.63 -8.34 6.19
N GLU A 49 -5.40 -9.12 6.93
CA GLU A 49 -4.85 -10.23 7.71
C GLU A 49 -4.05 -11.18 6.83
N ASN A 50 -4.52 -11.40 5.61
CA ASN A 50 -3.84 -12.28 4.66
C ASN A 50 -2.37 -11.92 4.52
N CYS A 51 -2.08 -10.64 4.52
CA CYS A 51 -0.70 -10.18 4.42
C CYS A 51 0.00 -10.21 5.77
N SER A 52 -0.72 -9.90 6.85
CA SER A 52 -0.12 -9.78 8.16
C SER A 52 0.26 -11.14 8.72
N PHE A 53 -0.67 -12.08 8.69
CA PHE A 53 -0.39 -13.42 9.17
C PHE A 53 0.50 -14.17 8.18
N GLY A 54 0.56 -13.65 6.96
CA GLY A 54 1.39 -14.23 5.93
C GLY A 54 2.84 -13.80 6.04
N LYS A 55 3.31 -13.05 5.05
CA LYS A 55 4.68 -12.59 5.02
C LYS A 55 4.77 -11.23 4.33
N GLN A 56 5.79 -10.47 4.70
CA GLN A 56 6.05 -9.16 4.10
C GLN A 56 4.93 -8.17 4.43
N ALA A 57 4.69 -8.02 5.71
CA ALA A 57 3.66 -7.15 6.21
C ALA A 57 4.20 -6.20 7.27
N LYS A 58 5.23 -6.66 7.96
CA LYS A 58 5.91 -5.82 8.95
C LYS A 58 6.77 -4.80 8.25
N ASN A 59 6.99 -5.02 6.96
CA ASN A 59 7.75 -4.09 6.14
C ASN A 59 6.87 -2.91 5.79
N CYS A 60 7.51 -1.76 5.63
CA CYS A 60 6.85 -0.54 5.21
C CYS A 60 6.08 -0.77 3.92
N ILE A 61 4.79 -0.47 3.97
CA ILE A 61 3.87 -0.77 2.87
C ILE A 61 4.23 -0.02 1.59
N ILE A 62 4.83 1.16 1.73
CA ILE A 62 5.12 2.01 0.59
C ILE A 62 6.29 1.48 -0.26
N CYS A 63 7.39 1.05 0.39
CA CYS A 63 8.51 0.51 -0.36
C CYS A 63 8.51 -1.02 -0.33
N ASN A 64 7.67 -1.58 0.54
CA ASN A 64 7.53 -3.04 0.74
C ASN A 64 8.89 -3.70 0.81
N LEU A 65 9.78 -3.09 1.56
CA LEU A 65 11.16 -3.54 1.58
C LEU A 65 11.81 -3.18 2.93
N ASN A 66 11.87 -1.90 3.22
CA ASN A 66 12.37 -1.45 4.53
C ASN A 66 11.33 -1.75 5.59
N VAL A 67 11.77 -2.18 6.76
CA VAL A 67 10.84 -2.59 7.81
C VAL A 67 10.04 -1.39 8.33
N GLY A 68 8.78 -1.66 8.66
CA GLY A 68 7.89 -0.61 9.09
C GLY A 68 8.21 -0.08 10.47
N VAL A 69 7.74 1.12 10.76
CA VAL A 69 8.01 1.78 12.02
C VAL A 69 6.95 2.83 12.31
N ASN A 70 6.70 3.65 11.31
CA ASN A 70 5.63 4.65 11.37
C ASN A 70 4.35 4.06 10.78
N ASP A 71 3.31 4.86 10.69
CA ASP A 71 2.03 4.39 10.13
C ASP A 71 1.58 5.27 8.98
N ALA A 72 0.98 4.66 7.96
CA ALA A 72 0.47 5.41 6.83
C ALA A 72 -0.96 5.87 7.09
N PHE A 73 -1.34 6.94 6.42
CA PHE A 73 -2.69 7.46 6.52
C PHE A 73 -3.27 7.69 5.14
N TYR A 74 -4.50 7.26 4.94
CA TYR A 74 -5.23 7.58 3.72
C TYR A 74 -5.55 9.05 3.70
N CYS A 75 -5.10 9.75 2.68
CA CYS A 75 -5.35 11.18 2.57
C CYS A 75 -6.82 11.42 2.30
N TRP A 76 -7.34 12.54 2.76
CA TRP A 76 -8.75 12.88 2.61
C TRP A 76 -9.15 12.84 1.14
N GLU A 77 -8.21 13.16 0.26
CA GLU A 77 -8.45 13.11 -1.19
C GLU A 77 -8.82 11.70 -1.62
N CYS A 78 -8.08 10.71 -1.12
CA CYS A 78 -8.36 9.31 -1.41
C CYS A 78 -9.66 8.86 -0.75
N CYS A 79 -9.93 9.37 0.45
CA CYS A 79 -11.17 9.05 1.15
C CYS A 79 -12.35 9.61 0.37
N ARG A 80 -12.19 10.81 -0.16
CA ARG A 80 -13.22 11.47 -0.96
C ARG A 80 -13.51 10.66 -2.22
N LEU A 81 -12.45 10.12 -2.82
CA LEU A 81 -12.59 9.27 -3.99
C LEU A 81 -13.20 7.92 -3.61
N GLY A 82 -12.86 7.44 -2.42
CA GLY A 82 -13.36 6.17 -1.95
C GLY A 82 -12.46 5.02 -2.35
N LYS A 83 -11.16 5.24 -2.31
CA LYS A 83 -10.19 4.19 -2.61
C LYS A 83 -9.75 3.49 -1.33
N ASP A 84 -9.76 4.24 -0.23
CA ASP A 84 -9.34 3.72 1.07
C ASP A 84 -10.24 2.61 1.57
N LYS A 85 -11.51 2.66 1.17
CA LYS A 85 -12.52 1.73 1.67
C LYS A 85 -12.21 0.29 1.29
N ASP A 86 -11.39 0.10 0.26
CA ASP A 86 -11.03 -1.24 -0.20
C ASP A 86 -10.20 -1.96 0.86
N GLY A 87 -9.21 -1.26 1.40
CA GLY A 87 -8.50 -1.80 2.54
C GLY A 87 -6.98 -1.85 2.37
N CYS A 88 -6.46 -3.06 2.45
CA CYS A 88 -5.02 -3.34 2.49
C CYS A 88 -4.21 -2.50 1.51
N PRO A 89 -3.48 -1.49 2.03
CA PRO A 89 -2.65 -0.60 1.21
C PRO A 89 -1.26 -1.18 0.96
N ARG A 90 -1.14 -2.50 1.07
CA ARG A 90 0.12 -3.16 0.79
C ARG A 90 0.36 -3.18 -0.71
N ILE A 91 1.50 -2.65 -1.14
CA ILE A 91 1.84 -2.54 -2.54
C ILE A 91 2.44 -3.84 -3.09
N LEU A 92 1.95 -4.28 -4.28
CA LEU A 92 2.43 -5.51 -4.90
C LEU A 92 1.92 -5.67 -6.33
N ASN A 93 1.84 -4.57 -7.10
CA ASN A 93 1.42 -4.65 -8.51
C ASN A 93 2.22 -5.69 -9.27
N LEU A 94 1.54 -6.38 -10.17
CA LEU A 94 2.10 -7.52 -10.88
C LEU A 94 3.45 -7.18 -11.50
N GLY A 95 4.46 -7.91 -11.05
CA GLY A 95 5.79 -7.77 -11.61
C GLY A 95 6.34 -9.12 -11.95
N SER A 96 5.61 -9.84 -12.80
CA SER A 96 5.88 -11.24 -13.11
C SER A 96 5.60 -12.12 -11.88
N ASN A 97 4.42 -11.92 -11.30
CA ASN A 97 4.02 -12.67 -10.11
C ASN A 97 2.62 -13.24 -10.28
N ARG A 98 2.20 -13.41 -11.53
CA ARG A 98 0.88 -13.95 -11.84
C ARG A 98 0.80 -15.41 -11.41
N LEU A 99 1.93 -16.10 -11.52
CA LEU A 99 2.05 -17.48 -11.11
C LEU A 99 3.48 -17.78 -10.70
N ASP A 100 3.95 -17.03 -9.70
CA ASP A 100 5.32 -17.13 -9.26
C ASP A 100 5.65 -18.53 -8.77
N ARG A 101 6.71 -19.11 -9.31
CA ARG A 101 7.15 -20.45 -8.96
C ARG A 101 8.64 -20.56 -9.27
N HIS A 102 9.41 -19.66 -8.68
CA HIS A 102 10.84 -19.58 -8.95
C HIS A 102 11.58 -20.78 -8.38
N PHE A 103 12.51 -21.29 -9.17
CA PHE A 103 13.38 -22.38 -8.76
C PHE A 103 14.75 -22.20 -9.39
N GLU A 104 15.21 -20.96 -9.35
CA GLU A 104 16.51 -20.58 -9.88
C GLU A 104 17.62 -21.23 -9.06
N LYS A 105 17.40 -21.34 -7.76
CA LYS A 105 18.32 -22.02 -6.88
C LYS A 105 18.22 -23.54 -7.08
N LYS A 106 19.21 -24.27 -6.61
CA LYS A 106 19.26 -25.71 -6.78
C LYS A 106 18.31 -26.43 -5.82
N LYS A 107 17.04 -26.04 -5.83
CA LYS A 107 16.03 -26.67 -4.99
C LYS A 107 14.63 -26.23 -5.43
N LYS A 108 13.68 -27.14 -5.31
CA LYS A 108 12.32 -26.89 -5.76
C LYS A 108 11.33 -27.53 -4.80
N VAL A 109 11.62 -28.76 -4.46
CA VAL A 109 10.81 -29.54 -3.54
C VAL A 109 11.48 -30.88 -3.25
ZN ZN B . -3.20 -7.73 1.92
ZN ZN C . 9.43 2.69 3.07
ZN ZN D . -4.14 9.82 -1.21
N GLY A 1 17.25 -2.78 -13.12
CA GLY A 1 16.74 -1.39 -13.09
C GLY A 1 16.28 -1.00 -11.71
N GLY A 2 16.62 0.21 -11.30
CA GLY A 2 16.25 0.68 -9.98
C GLY A 2 16.44 2.17 -9.85
N SER A 3 15.45 2.82 -9.22
CA SER A 3 15.46 4.28 -9.05
C SER A 3 15.51 4.97 -10.41
N SER A 4 14.77 4.43 -11.36
CA SER A 4 14.71 4.97 -12.70
C SER A 4 13.54 5.94 -12.85
N ARG A 5 12.50 5.71 -12.03
CA ARG A 5 11.28 6.52 -12.05
C ARG A 5 10.45 6.25 -13.31
N HIS A 6 9.14 6.20 -13.13
CA HIS A 6 8.20 6.04 -14.23
C HIS A 6 6.77 6.06 -13.70
N GLN A 7 6.57 5.37 -12.58
CA GLN A 7 5.26 5.29 -11.93
C GLN A 7 5.45 4.88 -10.48
N PHE A 8 4.35 4.95 -9.72
CA PHE A 8 4.34 4.45 -8.35
C PHE A 8 4.44 2.92 -8.37
N ASP A 9 4.10 2.34 -9.53
CA ASP A 9 4.13 0.89 -9.72
C ASP A 9 3.00 0.22 -8.96
N LEU A 10 1.80 0.39 -9.52
CA LEU A 10 0.56 0.01 -8.88
C LEU A 10 0.30 -1.49 -8.88
N ILE A 11 0.08 -2.03 -7.69
CA ILE A 11 -0.30 -3.43 -7.51
C ILE A 11 -0.72 -3.68 -6.09
N MET A 12 -1.53 -2.82 -5.55
CA MET A 12 -1.89 -2.93 -4.15
C MET A 12 -2.65 -4.22 -3.89
N CYS A 13 -2.20 -4.91 -2.86
CA CYS A 13 -2.80 -6.15 -2.38
C CYS A 13 -4.33 -6.08 -2.39
N LEU A 14 -4.86 -4.97 -1.87
CA LEU A 14 -6.28 -4.64 -1.92
C LEU A 14 -7.21 -5.81 -1.63
N LYS A 15 -6.98 -6.49 -0.52
CA LYS A 15 -7.93 -7.48 -0.05
C LYS A 15 -8.86 -6.85 0.97
N GLN A 16 -9.27 -7.63 1.96
CA GLN A 16 -10.08 -7.13 3.05
C GLN A 16 -9.22 -6.65 4.21
N PRO A 17 -9.22 -5.33 4.49
CA PRO A 17 -8.39 -4.74 5.53
C PRO A 17 -8.64 -5.36 6.91
N GLY A 18 -7.56 -5.76 7.57
CA GLY A 18 -7.67 -6.40 8.86
C GLY A 18 -7.51 -5.41 10.01
N VAL A 19 -6.67 -5.76 10.97
CA VAL A 19 -6.49 -4.93 12.15
C VAL A 19 -5.10 -4.30 12.21
N GLN A 20 -4.08 -5.04 11.77
CA GLN A 20 -2.70 -4.53 11.83
C GLN A 20 -2.52 -3.30 10.98
N THR A 21 -2.02 -2.24 11.61
CA THR A 21 -1.82 -0.97 10.95
C THR A 21 -0.61 -1.02 10.01
N GLY A 22 -0.80 -0.56 8.78
CA GLY A 22 0.27 -0.55 7.81
C GLY A 22 1.37 0.43 8.18
N LEU A 23 2.60 -0.03 8.17
CA LEU A 23 3.74 0.77 8.57
C LEU A 23 4.52 1.30 7.37
N LEU A 24 5.04 2.51 7.52
CA LEU A 24 5.87 3.13 6.50
C LEU A 24 7.29 3.29 7.01
N CYS A 25 8.25 3.13 6.12
CA CYS A 25 9.64 3.42 6.44
C CYS A 25 9.84 4.92 6.38
N GLU A 26 10.82 5.43 7.11
CA GLU A 26 11.05 6.87 7.19
C GLU A 26 11.29 7.48 5.81
N LYS A 27 11.78 6.67 4.88
CA LYS A 27 12.02 7.10 3.51
C LYS A 27 10.71 7.36 2.76
N CYS A 28 9.62 6.73 3.19
CA CYS A 28 8.30 6.99 2.61
C CYS A 28 7.39 7.60 3.67
N ASP A 29 8.01 8.24 4.66
CA ASP A 29 7.24 8.78 5.78
C ASP A 29 6.45 10.01 5.37
N GLY A 30 5.18 10.00 5.73
CA GLY A 30 4.30 11.11 5.43
C GLY A 30 3.76 11.09 4.03
N LYS A 31 3.77 9.91 3.42
CA LYS A 31 3.20 9.73 2.09
C LYS A 31 1.96 8.86 2.18
N CYS A 32 0.88 9.30 1.56
CA CYS A 32 -0.32 8.49 1.47
C CYS A 32 -0.08 7.35 0.48
N PRO A 33 -0.18 6.10 0.95
CA PRO A 33 0.16 4.91 0.16
C PRO A 33 -0.65 4.81 -1.14
N ILE A 34 -1.92 5.18 -1.08
CA ILE A 34 -2.80 5.04 -2.23
C ILE A 34 -2.37 5.93 -3.40
N CYS A 35 -2.26 7.23 -3.14
CA CYS A 35 -2.09 8.19 -4.23
C CYS A 35 -0.64 8.65 -4.40
N ASP A 36 0.18 8.47 -3.36
CA ASP A 36 1.57 8.97 -3.37
C ASP A 36 1.58 10.49 -3.36
N SER A 37 1.52 11.05 -2.16
CA SER A 37 1.48 12.50 -1.97
C SER A 37 1.53 12.85 -0.49
N TYR A 38 2.18 13.96 -0.17
CA TYR A 38 2.26 14.44 1.21
C TYR A 38 1.02 15.26 1.57
N VAL A 39 -0.11 14.89 1.00
CA VAL A 39 -1.35 15.61 1.24
C VAL A 39 -1.95 15.20 2.59
N ARG A 40 -2.81 16.06 3.14
CA ARG A 40 -3.40 15.87 4.45
C ARG A 40 -4.03 14.48 4.61
N PRO A 41 -3.62 13.75 5.67
CA PRO A 41 -4.15 12.42 5.99
C PRO A 41 -5.60 12.46 6.48
N LYS A 42 -6.08 11.35 7.05
CA LYS A 42 -7.44 11.30 7.55
C LYS A 42 -7.66 10.07 8.44
N ARG A 43 -7.21 8.91 7.98
CA ARG A 43 -7.46 7.67 8.70
C ARG A 43 -6.27 6.72 8.60
N LYS A 44 -5.95 6.06 9.70
CA LYS A 44 -4.83 5.12 9.75
C LYS A 44 -5.04 3.98 8.78
N VAL A 45 -3.97 3.64 8.08
CA VAL A 45 -3.97 2.54 7.13
C VAL A 45 -3.90 1.20 7.87
N ARG A 46 -4.76 0.27 7.49
CA ARG A 46 -4.70 -1.08 8.03
C ARG A 46 -4.52 -2.08 6.89
N VAL A 47 -3.53 -2.94 7.04
CA VAL A 47 -3.27 -3.98 6.06
C VAL A 47 -4.30 -5.08 6.18
N CYS A 48 -4.58 -5.75 5.07
CA CYS A 48 -5.58 -6.81 5.05
C CYS A 48 -5.17 -7.92 6.02
N GLU A 49 -6.17 -8.64 6.51
CA GLU A 49 -5.94 -9.72 7.47
C GLU A 49 -4.93 -10.72 6.92
N ASN A 50 -5.00 -10.98 5.61
CA ASN A 50 -4.08 -11.92 4.96
C ASN A 50 -2.63 -11.51 5.16
N CYS A 51 -2.35 -10.21 5.07
CA CYS A 51 -1.01 -9.69 5.29
C CYS A 51 -0.60 -9.76 6.77
N SER A 52 -1.56 -9.72 7.66
CA SER A 52 -1.24 -9.66 9.08
C SER A 52 -0.81 -11.03 9.59
N PHE A 53 -1.48 -12.08 9.14
CA PHE A 53 -1.12 -13.43 9.55
C PHE A 53 -0.09 -14.05 8.60
N GLY A 54 -0.14 -13.67 7.34
CA GLY A 54 0.77 -14.24 6.35
C GLY A 54 2.02 -13.40 6.15
N LYS A 55 2.44 -12.70 7.21
CA LYS A 55 3.65 -11.88 7.19
C LYS A 55 3.54 -10.77 6.15
N GLN A 56 4.61 -9.97 6.02
CA GLN A 56 4.64 -8.88 5.06
C GLN A 56 3.59 -7.84 5.38
N ALA A 57 3.68 -7.31 6.58
CA ALA A 57 2.72 -6.33 7.05
C ALA A 57 3.42 -5.21 7.83
N LYS A 58 4.53 -5.56 8.49
CA LYS A 58 5.33 -4.58 9.20
C LYS A 58 6.19 -3.79 8.24
N ASN A 59 6.70 -4.47 7.22
CA ASN A 59 7.58 -3.81 6.26
C ASN A 59 6.84 -2.71 5.55
N CYS A 60 7.55 -1.63 5.30
CA CYS A 60 6.97 -0.42 4.72
C CYS A 60 6.10 -0.76 3.53
N ILE A 61 4.80 -0.58 3.70
CA ILE A 61 3.82 -0.97 2.71
C ILE A 61 4.03 -0.27 1.36
N ILE A 62 4.65 0.91 1.40
CA ILE A 62 4.88 1.70 0.19
C ILE A 62 6.04 1.16 -0.66
N CYS A 63 7.16 0.79 -0.04
CA CYS A 63 8.31 0.33 -0.82
C CYS A 63 8.66 -1.13 -0.53
N ASN A 64 7.82 -1.78 0.30
CA ASN A 64 7.96 -3.20 0.66
C ASN A 64 9.41 -3.66 0.86
N LEU A 65 10.20 -2.85 1.55
CA LEU A 65 11.62 -3.14 1.66
C LEU A 65 12.22 -2.66 2.98
N ASN A 66 12.12 -1.37 3.25
CA ASN A 66 12.88 -0.75 4.34
C ASN A 66 12.19 -0.84 5.69
N VAL A 67 11.23 -1.73 5.76
CA VAL A 67 10.53 -2.04 7.00
C VAL A 67 9.84 -0.82 7.61
N GLY A 68 8.63 -1.01 8.10
CA GLY A 68 7.84 0.11 8.55
C GLY A 68 8.18 0.56 9.96
N VAL A 69 7.76 1.77 10.29
CA VAL A 69 8.02 2.35 11.59
C VAL A 69 6.91 3.32 11.96
N ASN A 70 6.51 4.14 11.01
CA ASN A 70 5.40 5.07 11.22
C ASN A 70 4.17 4.59 10.47
N ASP A 71 3.04 4.57 11.16
CA ASP A 71 1.78 4.12 10.57
C ASP A 71 1.41 4.99 9.37
N ALA A 72 1.02 4.33 8.29
CA ALA A 72 0.53 5.03 7.11
C ALA A 72 -0.87 5.56 7.35
N PHE A 73 -1.20 6.66 6.69
CA PHE A 73 -2.53 7.22 6.80
C PHE A 73 -3.13 7.47 5.42
N TYR A 74 -4.36 7.03 5.23
CA TYR A 74 -5.10 7.37 4.03
C TYR A 74 -5.40 8.85 4.04
N CYS A 75 -5.05 9.55 2.97
CA CYS A 75 -5.30 10.99 2.91
C CYS A 75 -6.78 11.25 2.71
N TRP A 76 -7.20 12.46 3.06
CA TRP A 76 -8.59 12.87 2.97
C TRP A 76 -9.15 12.60 1.58
N GLU A 77 -8.39 12.97 0.57
CA GLU A 77 -8.82 12.82 -0.81
C GLU A 77 -9.11 11.35 -1.15
N CYS A 78 -8.23 10.44 -0.73
CA CYS A 78 -8.45 9.01 -0.93
C CYS A 78 -9.66 8.54 -0.14
N CYS A 79 -9.78 8.99 1.10
CA CYS A 79 -10.91 8.62 1.96
C CYS A 79 -12.21 9.18 1.38
N ARG A 80 -12.11 10.35 0.77
CA ARG A 80 -13.26 11.04 0.19
C ARG A 80 -13.94 10.18 -0.87
N LEU A 81 -13.14 9.65 -1.78
CA LEU A 81 -13.66 8.80 -2.85
C LEU A 81 -13.98 7.40 -2.30
N GLY A 82 -13.04 6.85 -1.55
CA GLY A 82 -13.26 5.55 -0.92
C GLY A 82 -12.10 4.60 -1.10
N LYS A 83 -10.90 5.16 -1.09
CA LYS A 83 -9.67 4.38 -1.23
C LYS A 83 -9.34 3.65 0.07
N ASP A 84 -9.86 4.19 1.16
CA ASP A 84 -9.65 3.61 2.49
C ASP A 84 -10.36 2.27 2.62
N LYS A 85 -11.58 2.19 2.09
CA LYS A 85 -12.35 0.96 2.12
C LYS A 85 -12.00 0.08 0.93
N ASP A 86 -11.33 0.69 -0.05
CA ASP A 86 -10.99 0.00 -1.29
C ASP A 86 -10.17 -1.26 -1.01
N GLY A 87 -9.12 -1.14 -0.22
CA GLY A 87 -8.43 -2.33 0.24
C GLY A 87 -7.06 -2.09 0.84
N CYS A 88 -6.30 -3.18 0.87
CA CYS A 88 -4.96 -3.24 1.45
C CYS A 88 -3.92 -2.52 0.58
N PRO A 89 -3.36 -1.40 1.06
CA PRO A 89 -2.38 -0.60 0.33
C PRO A 89 -0.96 -1.15 0.41
N ARG A 90 -0.83 -2.46 0.26
CA ARG A 90 0.47 -3.11 0.22
C ARG A 90 1.00 -3.13 -1.22
N ILE A 91 2.24 -2.72 -1.41
CA ILE A 91 2.85 -2.74 -2.73
C ILE A 91 3.61 -4.06 -2.95
N LEU A 92 3.16 -4.85 -3.92
CA LEU A 92 3.78 -6.16 -4.16
C LEU A 92 3.93 -6.53 -5.65
N ASN A 93 4.51 -5.63 -6.47
CA ASN A 93 4.87 -6.02 -7.84
C ASN A 93 6.31 -6.52 -7.93
N LEU A 94 7.12 -5.91 -8.79
CA LEU A 94 8.47 -6.34 -9.03
C LEU A 94 9.29 -5.19 -9.63
N GLY A 95 8.75 -3.99 -9.54
CA GLY A 95 9.40 -2.84 -10.14
C GLY A 95 9.20 -2.79 -11.65
N SER A 96 8.91 -1.60 -12.16
CA SER A 96 8.69 -1.36 -13.58
C SER A 96 7.63 -2.29 -14.17
N ASN A 97 6.37 -2.06 -13.79
CA ASN A 97 5.26 -2.81 -14.38
C ASN A 97 5.18 -2.52 -15.85
N ARG A 98 5.05 -3.56 -16.64
CA ARG A 98 4.95 -3.42 -18.09
C ARG A 98 4.14 -4.59 -18.67
N LEU A 99 4.64 -5.15 -19.78
CA LEU A 99 3.96 -6.25 -20.47
C LEU A 99 2.64 -5.78 -21.06
N ASP A 100 2.59 -4.50 -21.40
CA ASP A 100 1.46 -3.94 -22.12
C ASP A 100 1.79 -3.90 -23.59
N ARG A 101 3.09 -3.83 -23.88
CA ARG A 101 3.59 -3.92 -25.24
C ARG A 101 4.78 -4.88 -25.26
N HIS A 102 4.65 -5.94 -26.04
CA HIS A 102 5.67 -6.98 -26.09
C HIS A 102 5.38 -7.93 -27.25
N PHE A 103 4.12 -8.36 -27.33
CA PHE A 103 3.67 -9.31 -28.35
C PHE A 103 4.41 -10.64 -28.21
N GLU A 104 4.12 -11.36 -27.13
CA GLU A 104 4.73 -12.67 -26.93
C GLU A 104 3.85 -13.77 -27.52
N LYS A 105 2.98 -13.39 -28.45
CA LYS A 105 2.09 -14.33 -29.13
C LYS A 105 1.23 -15.08 -28.11
N LYS A 106 0.69 -14.35 -27.15
CA LYS A 106 -0.18 -14.94 -26.15
C LYS A 106 -1.60 -15.04 -26.69
N LYS A 107 -2.09 -13.91 -27.21
CA LYS A 107 -3.43 -13.83 -27.79
C LYS A 107 -3.44 -12.79 -28.90
N LYS A 108 -2.59 -13.02 -29.90
CA LYS A 108 -2.37 -12.04 -30.97
C LYS A 108 -1.80 -10.77 -30.37
N VAL A 109 -1.01 -10.94 -29.33
CA VAL A 109 -0.44 -9.84 -28.58
C VAL A 109 0.50 -10.42 -27.53
ZN ZN B . -2.75 -7.43 2.13
ZN ZN C . 9.37 2.88 2.33
ZN ZN D . -4.20 9.66 -0.87
N GLY A 1 0.81 -9.28 -14.21
CA GLY A 1 1.84 -8.29 -13.80
C GLY A 1 2.98 -8.25 -14.78
N GLY A 2 3.62 -7.09 -14.90
CA GLY A 2 4.71 -6.93 -15.84
C GLY A 2 4.22 -6.77 -17.25
N SER A 3 3.24 -5.89 -17.42
CA SER A 3 2.64 -5.64 -18.72
C SER A 3 2.10 -4.21 -18.77
N SER A 4 2.94 -3.27 -18.35
CA SER A 4 2.57 -1.87 -18.31
C SER A 4 2.71 -1.22 -19.68
N ARG A 5 2.08 -1.81 -20.69
CA ARG A 5 2.13 -1.27 -22.04
C ARG A 5 1.48 0.12 -22.04
N HIS A 6 0.31 0.20 -21.41
CA HIS A 6 -0.30 1.49 -21.12
C HIS A 6 0.29 2.02 -19.82
N GLN A 7 -0.06 1.35 -18.72
CA GLN A 7 0.47 1.67 -17.41
C GLN A 7 -0.16 0.74 -16.37
N PHE A 8 0.69 0.00 -15.67
CA PHE A 8 0.24 -0.84 -14.58
C PHE A 8 1.32 -0.89 -13.50
N ASP A 9 2.12 0.16 -13.46
CA ASP A 9 3.08 0.34 -12.39
C ASP A 9 2.44 1.18 -11.30
N LEU A 10 1.22 0.79 -10.94
CA LEU A 10 0.39 1.55 -10.05
C LEU A 10 -0.65 0.65 -9.41
N ILE A 11 -0.20 -0.55 -9.06
CA ILE A 11 -1.04 -1.51 -8.41
C ILE A 11 -1.19 -1.16 -6.94
N MET A 12 -2.33 -1.47 -6.39
CA MET A 12 -2.56 -1.28 -4.98
C MET A 12 -3.44 -2.44 -4.49
N CYS A 13 -3.03 -3.06 -3.38
CA CYS A 13 -3.60 -4.34 -2.94
C CYS A 13 -5.14 -4.29 -2.85
N LEU A 14 -5.66 -3.32 -2.11
CA LEU A 14 -7.10 -3.13 -1.90
C LEU A 14 -7.85 -4.43 -1.59
N LYS A 15 -7.23 -5.30 -0.81
CA LYS A 15 -7.91 -6.49 -0.30
C LYS A 15 -8.72 -6.13 0.94
N GLN A 16 -9.54 -7.07 1.39
CA GLN A 16 -10.28 -6.89 2.63
C GLN A 16 -9.31 -6.89 3.80
N PRO A 17 -9.26 -5.78 4.56
CA PRO A 17 -8.30 -5.63 5.67
C PRO A 17 -8.51 -6.66 6.76
N GLY A 18 -7.41 -7.08 7.38
CA GLY A 18 -7.50 -7.95 8.53
C GLY A 18 -7.82 -7.18 9.79
N VAL A 19 -6.87 -6.34 10.21
CA VAL A 19 -7.04 -5.47 11.37
C VAL A 19 -5.76 -4.69 11.65
N GLN A 20 -4.62 -5.32 11.37
CA GLN A 20 -3.33 -4.74 11.68
C GLN A 20 -3.07 -3.46 10.89
N THR A 21 -2.61 -2.44 11.59
CA THR A 21 -2.34 -1.13 10.99
C THR A 21 -1.06 -1.18 10.16
N GLY A 22 -1.10 -0.55 8.98
CA GLY A 22 0.05 -0.56 8.09
C GLY A 22 1.15 0.39 8.55
N LEU A 23 2.39 -0.10 8.54
CA LEU A 23 3.54 0.70 8.95
C LEU A 23 4.30 1.26 7.75
N LEU A 24 4.80 2.48 7.91
CA LEU A 24 5.60 3.14 6.89
C LEU A 24 7.04 3.29 7.35
N CYS A 25 7.96 3.04 6.43
CA CYS A 25 9.36 3.35 6.67
C CYS A 25 9.55 4.83 6.38
N GLU A 26 10.49 5.48 7.07
CA GLU A 26 10.66 6.93 6.95
C GLU A 26 10.88 7.38 5.51
N LYS A 27 11.42 6.50 4.67
CA LYS A 27 11.63 6.80 3.25
C LYS A 27 10.30 6.98 2.52
N CYS A 28 9.26 6.29 2.98
CA CYS A 28 7.94 6.44 2.38
C CYS A 28 7.03 7.27 3.30
N ASP A 29 7.49 7.46 4.53
CA ASP A 29 6.70 8.14 5.56
C ASP A 29 6.34 9.55 5.13
N GLY A 30 5.06 9.79 4.96
CA GLY A 30 4.59 11.05 4.45
C GLY A 30 3.76 10.85 3.21
N LYS A 31 4.12 9.84 2.43
CA LYS A 31 3.39 9.47 1.24
C LYS A 31 2.12 8.70 1.61
N CYS A 32 1.03 9.03 0.95
CA CYS A 32 -0.19 8.25 1.07
C CYS A 32 -0.08 7.01 0.19
N PRO A 33 -0.22 5.82 0.78
CA PRO A 33 -0.02 4.54 0.07
C PRO A 33 -0.92 4.39 -1.17
N ILE A 34 -2.16 4.80 -1.05
CA ILE A 34 -3.13 4.61 -2.12
C ILE A 34 -2.76 5.36 -3.41
N CYS A 35 -2.43 6.65 -3.26
CA CYS A 35 -2.28 7.52 -4.42
C CYS A 35 -0.83 7.95 -4.64
N ASP A 36 0.00 7.80 -3.61
CA ASP A 36 1.40 8.26 -3.64
C ASP A 36 1.46 9.77 -3.82
N SER A 37 1.16 10.47 -2.74
CA SER A 37 1.11 11.92 -2.74
C SER A 37 1.24 12.43 -1.31
N TYR A 38 1.88 13.58 -1.14
CA TYR A 38 2.09 14.16 0.19
C TYR A 38 0.90 15.03 0.60
N VAL A 39 -0.28 14.66 0.13
CA VAL A 39 -1.51 15.34 0.52
C VAL A 39 -1.93 14.90 1.92
N ARG A 40 -2.61 15.80 2.62
CA ARG A 40 -2.93 15.63 4.04
C ARG A 40 -3.53 14.27 4.36
N PRO A 41 -2.91 13.54 5.30
CA PRO A 41 -3.40 12.25 5.78
C PRO A 41 -4.54 12.41 6.80
N LYS A 42 -5.45 11.45 6.84
CA LYS A 42 -6.60 11.54 7.75
C LYS A 42 -6.83 10.25 8.54
N ARG A 43 -7.11 9.16 7.84
CA ARG A 43 -7.48 7.91 8.50
C ARG A 43 -6.33 6.91 8.53
N LYS A 44 -6.21 6.18 9.64
CA LYS A 44 -5.17 5.17 9.79
C LYS A 44 -5.43 3.98 8.87
N VAL A 45 -4.36 3.49 8.24
CA VAL A 45 -4.47 2.40 7.28
C VAL A 45 -4.58 1.04 7.98
N ARG A 46 -5.34 0.15 7.35
CA ARG A 46 -5.44 -1.22 7.84
C ARG A 46 -5.25 -2.19 6.69
N VAL A 47 -4.23 -3.03 6.81
CA VAL A 47 -3.82 -3.92 5.74
C VAL A 47 -4.59 -5.23 5.77
N CYS A 48 -4.67 -5.88 4.61
CA CYS A 48 -5.39 -7.13 4.48
C CYS A 48 -4.64 -8.25 5.17
N GLU A 49 -5.35 -9.32 5.47
CA GLU A 49 -4.79 -10.47 6.15
C GLU A 49 -3.55 -10.99 5.42
N ASN A 50 -3.58 -11.00 4.09
CA ASN A 50 -2.46 -11.46 3.30
C ASN A 50 -1.19 -10.64 3.55
N CYS A 51 -1.34 -9.35 3.78
CA CYS A 51 -0.19 -8.49 4.03
C CYS A 51 0.01 -8.25 5.52
N SER A 52 -0.30 -9.24 6.35
CA SER A 52 -0.20 -9.05 7.79
C SER A 52 -0.05 -10.36 8.56
N PHE A 53 -0.57 -11.46 8.00
CA PHE A 53 -0.66 -12.72 8.73
C PHE A 53 0.67 -13.14 9.35
N GLY A 54 1.77 -12.97 8.64
CA GLY A 54 3.06 -13.36 9.19
C GLY A 54 4.21 -13.23 8.21
N LYS A 55 5.40 -13.11 8.79
CA LYS A 55 6.69 -13.04 8.05
C LYS A 55 6.66 -12.12 6.84
N GLN A 56 5.89 -11.03 6.92
CA GLN A 56 5.84 -10.04 5.85
C GLN A 56 4.85 -8.93 6.18
N ALA A 57 4.93 -8.43 7.41
CA ALA A 57 3.98 -7.42 7.89
C ALA A 57 4.71 -6.23 8.53
N LYS A 58 5.87 -6.49 9.11
CA LYS A 58 6.64 -5.45 9.78
C LYS A 58 7.24 -4.48 8.78
N ASN A 59 7.52 -5.00 7.60
CA ASN A 59 8.08 -4.18 6.53
C ASN A 59 7.06 -3.15 6.08
N CYS A 60 7.57 -1.98 5.75
CA CYS A 60 6.76 -0.84 5.35
C CYS A 60 5.85 -1.20 4.17
N ILE A 61 4.57 -0.87 4.32
CA ILE A 61 3.53 -1.29 3.40
C ILE A 61 3.72 -0.76 1.98
N ILE A 62 4.39 0.37 1.84
CA ILE A 62 4.58 0.98 0.52
C ILE A 62 5.71 0.30 -0.26
N CYS A 63 6.83 0.01 0.40
CA CYS A 63 7.97 -0.54 -0.31
C CYS A 63 8.24 -2.01 0.03
N ASN A 64 7.56 -2.53 1.07
CA ASN A 64 7.63 -3.95 1.45
C ASN A 64 9.07 -4.40 1.64
N LEU A 65 9.92 -3.47 2.03
CA LEU A 65 11.34 -3.75 2.02
C LEU A 65 11.98 -3.23 3.30
N ASN A 66 11.95 -1.92 3.48
CA ASN A 66 12.42 -1.30 4.72
C ASN A 66 11.35 -1.42 5.78
N VAL A 67 11.77 -1.70 7.01
CA VAL A 67 10.83 -1.91 8.11
C VAL A 67 10.04 -0.64 8.40
N GLY A 68 8.73 -0.79 8.59
CA GLY A 68 7.88 0.34 8.87
C GLY A 68 8.01 0.82 10.31
N VAL A 69 7.97 2.12 10.50
CA VAL A 69 8.12 2.71 11.82
C VAL A 69 6.85 3.43 12.26
N ASN A 70 6.23 4.18 11.37
CA ASN A 70 5.03 4.95 11.71
C ASN A 70 3.82 4.44 10.94
N ASP A 71 2.67 4.40 11.60
CA ASP A 71 1.43 3.97 10.95
C ASP A 71 1.09 4.92 9.80
N ALA A 72 0.68 4.34 8.67
CA ALA A 72 0.31 5.15 7.51
C ALA A 72 -1.09 5.71 7.66
N PHE A 73 -1.38 6.75 6.89
CA PHE A 73 -2.70 7.35 6.90
C PHE A 73 -3.20 7.56 5.47
N TYR A 74 -4.45 7.20 5.24
CA TYR A 74 -5.10 7.51 3.98
C TYR A 74 -5.32 9.01 3.89
N CYS A 75 -4.88 9.62 2.80
CA CYS A 75 -4.98 11.05 2.64
C CYS A 75 -6.44 11.48 2.48
N TRP A 76 -6.67 12.77 2.67
CA TRP A 76 -8.00 13.36 2.55
C TRP A 76 -8.65 12.98 1.22
N GLU A 77 -7.89 13.10 0.15
CA GLU A 77 -8.40 12.81 -1.19
C GLU A 77 -8.87 11.35 -1.31
N CYS A 78 -8.04 10.41 -0.86
CA CYS A 78 -8.41 8.99 -0.89
C CYS A 78 -9.59 8.70 0.02
N CYS A 79 -9.62 9.36 1.17
CA CYS A 79 -10.71 9.19 2.12
C CYS A 79 -12.03 9.66 1.49
N ARG A 80 -11.97 10.80 0.82
CA ARG A 80 -13.13 11.34 0.13
C ARG A 80 -13.55 10.44 -1.03
N LEU A 81 -12.57 9.96 -1.78
CA LEU A 81 -12.80 9.05 -2.90
C LEU A 81 -13.41 7.74 -2.43
N GLY A 82 -12.99 7.30 -1.26
CA GLY A 82 -13.45 6.04 -0.73
C GLY A 82 -12.56 4.89 -1.16
N LYS A 83 -11.28 5.19 -1.35
CA LYS A 83 -10.31 4.16 -1.65
C LYS A 83 -9.78 3.56 -0.37
N ASP A 84 -9.92 4.32 0.72
CA ASP A 84 -9.53 3.86 2.04
C ASP A 84 -10.44 2.72 2.50
N LYS A 85 -11.73 2.87 2.24
CA LYS A 85 -12.71 1.88 2.65
C LYS A 85 -12.65 0.66 1.75
N ASP A 86 -12.01 0.81 0.59
CA ASP A 86 -11.91 -0.29 -0.36
C ASP A 86 -11.08 -1.41 0.25
N GLY A 87 -9.90 -1.08 0.77
CA GLY A 87 -9.19 -2.06 1.55
C GLY A 87 -7.72 -1.76 1.80
N CYS A 88 -6.95 -2.82 1.70
CA CYS A 88 -5.54 -2.85 2.08
C CYS A 88 -4.68 -1.90 1.26
N PRO A 89 -4.04 -0.94 1.93
CA PRO A 89 -3.16 0.05 1.30
C PRO A 89 -1.73 -0.46 1.09
N ARG A 90 -1.61 -1.62 0.48
CA ARG A 90 -0.31 -2.22 0.21
C ARG A 90 0.12 -1.97 -1.23
N ILE A 91 1.31 -1.43 -1.39
CA ILE A 91 1.89 -1.30 -2.72
C ILE A 91 2.72 -2.53 -3.03
N LEU A 92 2.06 -3.52 -3.59
CA LEU A 92 2.69 -4.80 -3.92
C LEU A 92 3.72 -4.58 -5.02
N ASN A 93 3.48 -3.55 -5.84
CA ASN A 93 4.41 -3.10 -6.89
C ASN A 93 5.85 -3.14 -6.40
N LEU A 94 6.76 -3.50 -7.29
CA LEU A 94 8.17 -3.56 -6.95
C LEU A 94 8.72 -2.19 -6.60
N GLY A 95 9.42 -2.11 -5.48
CA GLY A 95 10.10 -0.89 -5.10
C GLY A 95 11.42 -0.73 -5.81
N SER A 96 11.36 -0.77 -7.14
CA SER A 96 12.55 -0.71 -7.98
C SER A 96 13.24 0.65 -7.83
N ASN A 97 12.44 1.69 -7.60
CA ASN A 97 12.95 3.04 -7.39
C ASN A 97 13.65 3.54 -8.65
N ARG A 98 12.97 3.41 -9.79
CA ARG A 98 13.52 3.86 -11.07
C ARG A 98 12.53 4.78 -11.79
N LEU A 99 11.71 5.46 -11.00
CA LEU A 99 10.79 6.45 -11.54
C LEU A 99 11.22 7.84 -11.08
N ASP A 100 11.53 8.70 -12.05
CA ASP A 100 12.10 10.02 -11.78
C ASP A 100 13.52 9.91 -11.23
N ARG A 101 14.39 10.80 -11.66
CA ARG A 101 15.78 10.79 -11.24
C ARG A 101 15.94 11.37 -9.84
N HIS A 102 15.26 10.77 -8.87
CA HIS A 102 15.33 11.22 -7.50
C HIS A 102 16.72 11.00 -6.94
N PHE A 103 17.29 12.03 -6.33
CA PHE A 103 18.60 11.94 -5.71
C PHE A 103 18.47 11.74 -4.21
N GLU A 104 17.33 12.17 -3.67
CA GLU A 104 17.06 12.10 -2.24
C GLU A 104 16.71 10.67 -1.83
N LYS A 105 17.70 9.80 -1.88
CA LYS A 105 17.56 8.39 -1.55
C LYS A 105 18.93 7.80 -1.29
N LYS A 106 18.99 6.54 -0.87
CA LYS A 106 20.26 5.91 -0.53
C LYS A 106 21.23 6.00 -1.71
N LYS A 107 22.35 6.68 -1.47
CA LYS A 107 23.33 7.00 -2.50
C LYS A 107 22.75 7.99 -3.50
N LYS A 108 23.43 9.11 -3.68
CA LYS A 108 22.97 10.15 -4.61
C LYS A 108 23.23 9.73 -6.06
N VAL A 109 22.78 8.54 -6.39
CA VAL A 109 22.90 8.00 -7.73
C VAL A 109 21.52 7.90 -8.35
ZN ZN B . -2.86 -6.64 1.19
ZN ZN C . 8.93 2.26 2.68
ZN ZN D . -4.17 9.32 -1.10
N GLY A 1 8.12 2.86 -18.10
CA GLY A 1 8.56 3.58 -19.32
C GLY A 1 7.48 3.63 -20.38
N GLY A 2 6.84 2.49 -20.62
CA GLY A 2 5.78 2.43 -21.59
C GLY A 2 5.04 1.11 -21.52
N SER A 3 3.72 1.16 -21.46
CA SER A 3 2.89 -0.02 -21.36
C SER A 3 1.46 0.31 -21.80
N SER A 4 0.48 -0.07 -20.99
CA SER A 4 -0.91 0.28 -21.28
C SER A 4 -1.13 1.77 -21.08
N ARG A 5 -0.54 2.29 -20.01
CA ARG A 5 -0.61 3.72 -19.69
C ARG A 5 -2.06 4.17 -19.51
N HIS A 6 -2.85 3.34 -18.85
CA HIS A 6 -4.24 3.64 -18.59
C HIS A 6 -4.39 4.28 -17.21
N GLN A 7 -3.62 3.77 -16.25
CA GLN A 7 -3.68 4.24 -14.89
C GLN A 7 -2.30 4.42 -14.30
N PHE A 8 -2.25 5.01 -13.12
CA PHE A 8 -0.99 5.39 -12.46
C PHE A 8 -0.12 4.19 -12.17
N ASP A 9 -0.76 3.02 -12.10
CA ASP A 9 -0.12 1.78 -11.66
C ASP A 9 -0.08 1.73 -10.15
N LEU A 10 -1.18 1.31 -9.58
CA LEU A 10 -1.34 1.21 -8.15
C LEU A 10 -1.75 -0.22 -7.82
N ILE A 11 -0.89 -1.14 -8.19
CA ILE A 11 -1.20 -2.57 -8.13
C ILE A 11 -1.08 -3.06 -6.70
N MET A 12 -1.92 -2.50 -5.87
CA MET A 12 -1.95 -2.83 -4.46
C MET A 12 -2.90 -3.98 -4.20
N CYS A 13 -2.57 -4.75 -3.18
CA CYS A 13 -3.26 -5.98 -2.83
C CYS A 13 -4.80 -5.83 -2.84
N LEU A 14 -5.27 -4.76 -2.20
CA LEU A 14 -6.67 -4.39 -2.19
C LEU A 14 -7.63 -5.55 -1.89
N LYS A 15 -7.26 -6.41 -0.95
CA LYS A 15 -8.18 -7.39 -0.42
C LYS A 15 -9.09 -6.76 0.61
N GLN A 16 -9.73 -7.61 1.39
CA GLN A 16 -10.53 -7.15 2.51
C GLN A 16 -9.63 -6.97 3.74
N PRO A 17 -9.40 -5.71 4.16
CA PRO A 17 -8.48 -5.41 5.26
C PRO A 17 -9.02 -5.86 6.62
N GLY A 18 -8.12 -6.32 7.48
CA GLY A 18 -8.49 -6.74 8.81
C GLY A 18 -8.57 -5.57 9.77
N VAL A 19 -7.54 -5.40 10.58
CA VAL A 19 -7.52 -4.34 11.58
C VAL A 19 -6.10 -3.79 11.78
N GLN A 20 -5.10 -4.65 11.61
CA GLN A 20 -3.70 -4.25 11.82
C GLN A 20 -3.32 -3.09 10.91
N THR A 21 -2.68 -2.09 11.51
CA THR A 21 -2.32 -0.87 10.80
C THR A 21 -1.00 -1.02 10.02
N GLY A 22 -0.98 -0.50 8.80
CA GLY A 22 0.21 -0.59 7.96
C GLY A 22 1.29 0.41 8.35
N LEU A 23 2.52 -0.08 8.44
CA LEU A 23 3.65 0.76 8.85
C LEU A 23 4.43 1.31 7.65
N LEU A 24 5.05 2.47 7.84
CA LEU A 24 5.87 3.11 6.82
C LEU A 24 7.28 3.28 7.33
N CYS A 25 8.25 3.07 6.46
CA CYS A 25 9.63 3.38 6.76
C CYS A 25 9.83 4.88 6.62
N GLU A 26 10.81 5.43 7.32
CA GLU A 26 11.06 6.86 7.31
C GLU A 26 11.20 7.41 5.90
N LYS A 27 11.74 6.59 5.00
CA LYS A 27 11.98 7.01 3.62
C LYS A 27 10.68 7.32 2.87
N CYS A 28 9.66 6.49 3.04
CA CYS A 28 8.39 6.68 2.35
C CYS A 28 7.47 7.55 3.19
N ASP A 29 7.79 7.68 4.48
CA ASP A 29 6.96 8.42 5.41
C ASP A 29 6.68 9.81 4.89
N GLY A 30 5.44 10.01 4.49
CA GLY A 30 5.03 11.25 3.88
C GLY A 30 4.02 11.00 2.78
N LYS A 31 4.18 9.89 2.08
CA LYS A 31 3.30 9.55 0.99
C LYS A 31 2.09 8.76 1.47
N CYS A 32 0.90 9.22 1.10
CA CYS A 32 -0.30 8.43 1.27
C CYS A 32 -0.25 7.25 0.30
N PRO A 33 -0.26 6.02 0.82
CA PRO A 33 -0.05 4.81 0.00
C PRO A 33 -0.94 4.71 -1.23
N ILE A 34 -2.21 5.10 -1.08
CA ILE A 34 -3.19 4.94 -2.13
C ILE A 34 -2.85 5.77 -3.38
N CYS A 35 -2.38 7.00 -3.17
CA CYS A 35 -2.22 7.92 -4.29
C CYS A 35 -0.78 8.38 -4.47
N ASP A 36 0.03 8.21 -3.42
CA ASP A 36 1.42 8.68 -3.40
C ASP A 36 1.44 10.21 -3.44
N SER A 37 1.15 10.82 -2.30
CA SER A 37 1.04 12.26 -2.20
C SER A 37 1.13 12.68 -0.74
N TYR A 38 1.71 13.85 -0.49
CA TYR A 38 1.89 14.36 0.87
C TYR A 38 0.70 15.22 1.31
N VAL A 39 -0.44 14.98 0.66
CA VAL A 39 -1.68 15.66 1.02
C VAL A 39 -2.18 15.17 2.38
N ARG A 40 -2.85 16.06 3.11
CA ARG A 40 -3.25 15.83 4.51
C ARG A 40 -3.74 14.40 4.76
N PRO A 41 -2.99 13.62 5.56
CA PRO A 41 -3.38 12.27 5.97
C PRO A 41 -4.41 12.30 7.11
N LYS A 42 -5.30 11.30 7.14
CA LYS A 42 -6.40 11.32 8.11
C LYS A 42 -6.67 9.94 8.73
N ARG A 43 -6.87 8.92 7.90
CA ARG A 43 -7.28 7.60 8.40
C ARG A 43 -6.10 6.63 8.46
N LYS A 44 -6.03 5.85 9.55
CA LYS A 44 -5.03 4.80 9.67
C LYS A 44 -5.24 3.72 8.63
N VAL A 45 -4.15 3.35 7.97
CA VAL A 45 -4.17 2.34 6.94
C VAL A 45 -4.31 0.95 7.53
N ARG A 46 -5.31 0.20 7.08
CA ARG A 46 -5.54 -1.17 7.55
C ARG A 46 -4.93 -2.18 6.57
N VAL A 47 -4.26 -3.19 7.11
CA VAL A 47 -3.74 -4.28 6.31
C VAL A 47 -4.79 -5.39 6.25
N CYS A 48 -4.80 -6.13 5.16
CA CYS A 48 -5.59 -7.34 5.12
C CYS A 48 -4.81 -8.43 5.82
N GLU A 49 -5.49 -9.33 6.51
CA GLU A 49 -4.82 -10.34 7.32
C GLU A 49 -3.87 -11.20 6.47
N ASN A 50 -4.14 -11.27 5.18
CA ASN A 50 -3.25 -11.99 4.26
C ASN A 50 -1.88 -11.31 4.15
N CYS A 51 -1.82 -10.02 4.50
CA CYS A 51 -0.57 -9.28 4.51
C CYS A 51 -0.14 -8.95 5.93
N SER A 52 -0.34 -9.88 6.85
CA SER A 52 0.00 -9.64 8.24
C SER A 52 0.45 -10.93 8.93
N PHE A 53 -0.33 -12.00 8.80
CA PHE A 53 -0.04 -13.24 9.52
C PHE A 53 1.04 -14.08 8.84
N GLY A 54 2.08 -13.45 8.33
CA GLY A 54 3.16 -14.18 7.72
C GLY A 54 4.19 -13.27 7.10
N LYS A 55 3.74 -12.35 6.26
CA LYS A 55 4.62 -11.41 5.60
C LYS A 55 4.08 -10.00 5.70
N GLN A 56 4.95 -9.03 5.41
CA GLN A 56 4.60 -7.61 5.54
C GLN A 56 4.28 -7.26 6.99
N ALA A 57 3.24 -6.44 7.20
CA ALA A 57 2.80 -6.01 8.53
C ALA A 57 3.81 -5.09 9.21
N LYS A 58 5.02 -5.61 9.43
CA LYS A 58 6.07 -4.84 10.08
C LYS A 58 6.78 -3.95 9.07
N ASN A 59 7.13 -4.51 7.92
CA ASN A 59 7.86 -3.76 6.92
C ASN A 59 6.98 -2.68 6.32
N CYS A 60 7.62 -1.61 5.92
CA CYS A 60 6.95 -0.48 5.31
C CYS A 60 6.12 -0.92 4.13
N ILE A 61 4.84 -0.59 4.19
CA ILE A 61 3.87 -1.07 3.22
C ILE A 61 4.08 -0.48 1.82
N ILE A 62 4.73 0.68 1.76
CA ILE A 62 4.94 1.37 0.50
C ILE A 62 6.09 0.75 -0.31
N CYS A 63 7.26 0.54 0.32
CA CYS A 63 8.37 -0.07 -0.41
C CYS A 63 8.43 -1.56 -0.17
N ASN A 64 7.60 -2.05 0.77
CA ASN A 64 7.49 -3.48 1.10
C ASN A 64 8.86 -4.14 1.21
N LEU A 65 9.76 -3.48 1.91
CA LEU A 65 11.11 -3.97 2.03
C LEU A 65 11.75 -3.45 3.31
N ASN A 66 11.85 -2.14 3.41
CA ASN A 66 12.41 -1.50 4.60
C ASN A 66 11.47 -1.63 5.78
N VAL A 67 12.03 -1.85 6.96
CA VAL A 67 11.24 -2.01 8.17
C VAL A 67 10.44 -0.74 8.45
N GLY A 68 9.15 -0.91 8.75
CA GLY A 68 8.28 0.22 8.98
C GLY A 68 8.44 0.81 10.37
N VAL A 69 7.72 1.88 10.62
CA VAL A 69 7.77 2.55 11.91
C VAL A 69 6.55 3.44 12.11
N ASN A 70 6.31 4.31 11.14
CA ASN A 70 5.19 5.23 11.22
C ASN A 70 3.99 4.70 10.45
N ASP A 71 2.87 4.57 11.14
CA ASP A 71 1.64 4.06 10.54
C ASP A 71 1.22 4.95 9.38
N ALA A 72 0.87 4.32 8.28
CA ALA A 72 0.40 5.04 7.10
C ALA A 72 -1.01 5.57 7.32
N PHE A 73 -1.26 6.76 6.80
CA PHE A 73 -2.58 7.35 6.90
C PHE A 73 -3.09 7.72 5.52
N TYR A 74 -4.32 7.30 5.23
CA TYR A 74 -4.97 7.68 3.97
C TYR A 74 -5.22 9.18 3.98
N CYS A 75 -4.83 9.84 2.91
CA CYS A 75 -5.01 11.28 2.80
C CYS A 75 -6.48 11.64 2.65
N TRP A 76 -6.80 12.89 2.92
CA TRP A 76 -8.17 13.41 2.82
C TRP A 76 -8.78 13.12 1.45
N GLU A 77 -7.97 13.26 0.39
CA GLU A 77 -8.44 13.04 -0.96
C GLU A 77 -8.93 11.60 -1.14
N CYS A 78 -8.11 10.65 -0.70
CA CYS A 78 -8.48 9.22 -0.73
C CYS A 78 -9.63 8.95 0.24
N CYS A 79 -9.64 9.69 1.34
CA CYS A 79 -10.67 9.56 2.37
C CYS A 79 -12.04 9.92 1.78
N ARG A 80 -12.08 11.01 1.01
CA ARG A 80 -13.29 11.47 0.36
C ARG A 80 -13.84 10.41 -0.60
N LEU A 81 -12.96 9.86 -1.41
CA LEU A 81 -13.33 8.81 -2.36
C LEU A 81 -13.69 7.53 -1.63
N GLY A 82 -13.03 7.31 -0.50
CA GLY A 82 -13.21 6.07 0.24
C GLY A 82 -12.36 4.96 -0.31
N LYS A 83 -11.13 5.31 -0.71
CA LYS A 83 -10.20 4.33 -1.23
C LYS A 83 -9.56 3.55 -0.10
N ASP A 84 -9.79 3.99 1.12
CA ASP A 84 -9.35 3.26 2.30
C ASP A 84 -10.20 2.00 2.45
N LYS A 85 -11.47 2.13 2.11
CA LYS A 85 -12.41 1.02 2.15
C LYS A 85 -12.27 0.16 0.90
N ASP A 86 -11.49 0.67 -0.05
CA ASP A 86 -11.32 0.02 -1.33
C ASP A 86 -10.52 -1.27 -1.18
N GLY A 87 -9.46 -1.22 -0.38
CA GLY A 87 -8.71 -2.43 -0.12
C GLY A 87 -7.42 -2.20 0.64
N CYS A 88 -6.73 -3.31 0.92
CA CYS A 88 -5.46 -3.32 1.62
C CYS A 88 -4.32 -2.79 0.73
N PRO A 89 -3.79 -1.60 1.08
CA PRO A 89 -2.82 -0.88 0.24
C PRO A 89 -1.38 -1.40 0.32
N ARG A 90 -1.20 -2.71 0.33
CA ARG A 90 0.15 -3.28 0.27
C ARG A 90 0.62 -3.26 -1.18
N ILE A 91 1.85 -2.82 -1.40
CA ILE A 91 2.37 -2.67 -2.76
C ILE A 91 2.95 -3.98 -3.31
N LEU A 92 2.45 -4.36 -4.48
CA LEU A 92 2.96 -5.51 -5.22
C LEU A 92 2.78 -5.26 -6.70
N ASN A 93 3.16 -4.05 -7.10
CA ASN A 93 2.94 -3.57 -8.46
C ASN A 93 3.57 -4.48 -9.50
N LEU A 94 2.72 -4.93 -10.43
CA LEU A 94 3.13 -5.77 -11.54
C LEU A 94 1.89 -6.23 -12.29
N GLY A 95 0.93 -6.73 -11.53
CA GLY A 95 -0.31 -7.21 -12.09
C GLY A 95 -0.73 -8.50 -11.43
N SER A 96 -0.03 -9.57 -11.83
CA SER A 96 -0.18 -10.87 -11.19
C SER A 96 0.63 -11.90 -11.96
N ASN A 97 0.20 -12.17 -13.20
CA ASN A 97 0.86 -13.13 -14.10
C ASN A 97 0.69 -14.56 -13.63
N ARG A 98 0.61 -14.76 -12.32
CA ARG A 98 0.54 -16.08 -11.73
C ARG A 98 -0.12 -16.03 -10.36
N LEU A 99 -0.60 -17.18 -9.89
CA LEU A 99 -1.24 -17.33 -8.57
C LEU A 99 -2.65 -16.76 -8.53
N ASP A 100 -2.81 -15.50 -8.88
CA ASP A 100 -4.12 -14.84 -8.80
C ASP A 100 -4.97 -15.16 -10.03
N ARG A 101 -4.98 -16.43 -10.42
CA ARG A 101 -5.80 -16.89 -11.52
C ARG A 101 -6.47 -18.19 -11.11
N HIS A 102 -6.80 -18.26 -9.84
CA HIS A 102 -7.41 -19.44 -9.25
C HIS A 102 -8.33 -19.03 -8.12
N PHE A 103 -9.53 -19.59 -8.08
CA PHE A 103 -10.46 -19.28 -7.01
C PHE A 103 -9.98 -19.89 -5.69
N GLU A 104 -9.49 -21.14 -5.76
CA GLU A 104 -8.88 -21.83 -4.62
C GLU A 104 -9.66 -21.62 -3.34
N LYS A 105 -10.92 -22.07 -3.36
CA LYS A 105 -11.86 -21.88 -2.26
C LYS A 105 -12.21 -20.39 -2.13
N LYS A 106 -12.13 -19.85 -0.91
CA LYS A 106 -12.44 -18.44 -0.62
C LYS A 106 -13.93 -18.16 -0.79
N LYS A 107 -14.42 -18.29 -2.01
CA LYS A 107 -15.83 -18.08 -2.33
C LYS A 107 -16.22 -18.99 -3.49
N LYS A 108 -15.71 -20.21 -3.46
CA LYS A 108 -15.94 -21.16 -4.54
C LYS A 108 -17.40 -21.58 -4.61
N VAL A 109 -17.99 -21.44 -5.79
CA VAL A 109 -19.37 -21.85 -6.03
C VAL A 109 -19.42 -22.69 -7.29
ZN ZN B . -3.28 -7.46 1.64
ZN ZN C . 9.34 2.52 2.68
ZN ZN D . -4.22 9.62 -0.92
#